data_3S8O
# 
_entry.id   3S8O 
# 
_audit_conform.dict_name       mmcif_pdbx.dic 
_audit_conform.dict_version    5.398 
_audit_conform.dict_location   http://mmcif.pdb.org/dictionaries/ascii/mmcif_pdbx.dic 
# 
loop_
_database_2.database_id 
_database_2.database_code 
_database_2.pdbx_database_accession 
_database_2.pdbx_DOI 
PDB   3S8O         pdb_00003s8o 10.2210/pdb3s8o/pdb 
RCSB  RCSB065900   ?            ?                   
WWPDB D_1000065900 ?            ?                   
# 
loop_
_pdbx_audit_revision_history.ordinal 
_pdbx_audit_revision_history.data_content_type 
_pdbx_audit_revision_history.major_revision 
_pdbx_audit_revision_history.minor_revision 
_pdbx_audit_revision_history.revision_date 
1 'Structure model' 1 0 2011-11-02 
2 'Structure model' 1 1 2011-12-07 
3 'Structure model' 1 2 2023-09-13 
4 'Structure model' 1 3 2023-12-06 
5 'Structure model' 1 4 2024-11-06 
# 
_pdbx_audit_revision_details.ordinal             1 
_pdbx_audit_revision_details.revision_ordinal    1 
_pdbx_audit_revision_details.data_content_type   'Structure model' 
_pdbx_audit_revision_details.provider            repository 
_pdbx_audit_revision_details.type                'Initial release' 
_pdbx_audit_revision_details.description         ? 
_pdbx_audit_revision_details.details             ? 
# 
loop_
_pdbx_audit_revision_group.ordinal 
_pdbx_audit_revision_group.revision_ordinal 
_pdbx_audit_revision_group.data_content_type 
_pdbx_audit_revision_group.group 
1 2 'Structure model' 'Database references'    
2 3 'Structure model' 'Data collection'        
3 3 'Structure model' 'Database references'    
4 3 'Structure model' 'Derived calculations'   
5 3 'Structure model' 'Refinement description' 
6 4 'Structure model' 'Data collection'        
7 5 'Structure model' 'Structure summary'      
# 
loop_
_pdbx_audit_revision_category.ordinal 
_pdbx_audit_revision_category.revision_ordinal 
_pdbx_audit_revision_category.data_content_type 
_pdbx_audit_revision_category.category 
1  3 'Structure model' chem_comp_atom                
2  3 'Structure model' chem_comp_bond                
3  3 'Structure model' database_2                    
4  3 'Structure model' pdbx_initial_refinement_model 
5  3 'Structure model' pdbx_struct_conn_angle        
6  3 'Structure model' struct_conn                   
7  3 'Structure model' struct_ref_seq_dif            
8  4 'Structure model' chem_comp_atom                
9  4 'Structure model' chem_comp_bond                
10 5 'Structure model' pdbx_entry_details            
11 5 'Structure model' pdbx_modification_feature     
# 
loop_
_pdbx_audit_revision_item.ordinal 
_pdbx_audit_revision_item.revision_ordinal 
_pdbx_audit_revision_item.data_content_type 
_pdbx_audit_revision_item.item 
1  3 'Structure model' '_database_2.pdbx_DOI'                      
2  3 'Structure model' '_database_2.pdbx_database_accession'       
3  3 'Structure model' '_pdbx_struct_conn_angle.ptnr1_auth_seq_id' 
4  3 'Structure model' '_pdbx_struct_conn_angle.ptnr3_auth_seq_id' 
5  3 'Structure model' '_pdbx_struct_conn_angle.value'             
6  3 'Structure model' '_struct_conn.pdbx_dist_value'              
7  3 'Structure model' '_struct_conn.pdbx_leaving_atom_flag'       
8  3 'Structure model' '_struct_conn.ptnr2_auth_seq_id'            
9  3 'Structure model' '_struct_ref_seq_dif.details'               
10 4 'Structure model' '_chem_comp_atom.atom_id'                   
11 4 'Structure model' '_chem_comp_bond.atom_id_2'                 
# 
_pdbx_database_status.status_code                     REL 
_pdbx_database_status.entry_id                        3S8O 
_pdbx_database_status.recvd_initial_deposition_date   2011-05-29 
_pdbx_database_status.deposit_site                    RCSB 
_pdbx_database_status.process_site                    RCSB 
_pdbx_database_status.status_code_sf                  REL 
_pdbx_database_status.status_code_mr                  ? 
_pdbx_database_status.SG_entry                        ? 
_pdbx_database_status.status_code_cs                  ? 
_pdbx_database_status.pdb_format_compatible           Y 
_pdbx_database_status.status_code_nmr_data            ? 
_pdbx_database_status.methods_development_category    ? 
# 
loop_
_pdbx_database_related.db_name 
_pdbx_database_related.db_id 
_pdbx_database_related.details 
_pdbx_database_related.content_type 
PDB 3OV1 . unspecified 
PDB 3OVE . unspecified 
PDB 3S8L . unspecified 
PDB 3S8N . unspecified 
# 
loop_
_audit_author.name 
_audit_author.pdbx_ordinal 
'Clements, J.H.' 1 
'Stephen, F.M.'  2 
# 
_citation.id                        primary 
_citation.title                     
'Protein-ligand interactions: thermodynamic effects associated with increasing nonpolar surface area.' 
_citation.journal_abbrev            J.Am.Chem.Soc. 
_citation.journal_volume            133 
_citation.page_first                18518 
_citation.page_last                 18521 
_citation.year                      2011 
_citation.journal_id_ASTM           JACSAT 
_citation.country                   US 
_citation.journal_id_ISSN           0002-7863 
_citation.journal_id_CSD            0004 
_citation.book_publisher            ? 
_citation.pdbx_database_id_PubMed   22007755 
_citation.pdbx_database_id_DOI      10.1021/ja2068752 
# 
loop_
_citation_author.citation_id 
_citation_author.name 
_citation_author.ordinal 
_citation_author.identifier_ORCID 
primary 'Myslinski, J.M.' 1 ? 
primary 'Delorbe, J.E.'   2 ? 
primary 'Clements, J.H.'  3 ? 
primary 'Martin, S.F.'    4 ? 
# 
loop_
_entity.id 
_entity.type 
_entity.src_method 
_entity.pdbx_description 
_entity.formula_weight 
_entity.pdbx_number_of_molecules 
_entity.pdbx_ec 
_entity.pdbx_mutation 
_entity.pdbx_fragment 
_entity.details 
1 polymer     man 'Growth factor receptor-bound protein 2' 13758.543 1  ? ? 'unp residues 53-163' ? 
2 polymer     syn pYAc6cN                                  524.485   1  ? ? ?                     ? 
3 non-polymer syn 'SODIUM ION'                             22.990    1  ? ? ?                     ? 
4 non-polymer syn 'CHLORIDE ION'                           35.453    1  ? ? ?                     ? 
5 water       nat water                                    18.015    92 ? ? ?                     ? 
# 
_entity_name_com.entity_id   1 
_entity_name_com.name        'Adapter protein GRB2, Protein Ash, SH2/SH3 adapter GRB2' 
# 
loop_
_entity_poly.entity_id 
_entity_poly.type 
_entity_poly.nstd_linkage 
_entity_poly.nstd_monomer 
_entity_poly.pdbx_seq_one_letter_code 
_entity_poly.pdbx_seq_one_letter_code_can 
_entity_poly.pdbx_strand_id 
_entity_poly.pdbx_target_identifier 
1 'polypeptide(L)' no no  
;IEMKPHPWFFGKIPRAKAEEMLSKQRHDGAFLIRESESAPGDFSLSVKFGNDVQHFKVLRDGAGKYFLWVVKFNSLNELV
DYHRSTSVSRNQQIFLRDIEQVPQQPTYVQAHHHHHH
;
;IEMKPHPWFFGKIPRAKAEEMLSKQRHDGAFLIRESESAPGDFSLSVKFGNDVQHFKVLRDGAGKYFLWVVKFNSLNELV
DYHRSTSVSRNQQIFLRDIEQVPQQPTYVQAHHHHHH
;
A ? 
2 'polypeptide(L)' no yes '(ACE)(PTR)(02K)N(NH2)' XYANX B ? 
# 
loop_
_pdbx_entity_nonpoly.entity_id 
_pdbx_entity_nonpoly.name 
_pdbx_entity_nonpoly.comp_id 
3 'SODIUM ION'   NA  
4 'CHLORIDE ION' CL  
5 water          HOH 
# 
loop_
_entity_poly_seq.entity_id 
_entity_poly_seq.num 
_entity_poly_seq.mon_id 
_entity_poly_seq.hetero 
1 1   ILE n 
1 2   GLU n 
1 3   MET n 
1 4   LYS n 
1 5   PRO n 
1 6   HIS n 
1 7   PRO n 
1 8   TRP n 
1 9   PHE n 
1 10  PHE n 
1 11  GLY n 
1 12  LYS n 
1 13  ILE n 
1 14  PRO n 
1 15  ARG n 
1 16  ALA n 
1 17  LYS n 
1 18  ALA n 
1 19  GLU n 
1 20  GLU n 
1 21  MET n 
1 22  LEU n 
1 23  SER n 
1 24  LYS n 
1 25  GLN n 
1 26  ARG n 
1 27  HIS n 
1 28  ASP n 
1 29  GLY n 
1 30  ALA n 
1 31  PHE n 
1 32  LEU n 
1 33  ILE n 
1 34  ARG n 
1 35  GLU n 
1 36  SER n 
1 37  GLU n 
1 38  SER n 
1 39  ALA n 
1 40  PRO n 
1 41  GLY n 
1 42  ASP n 
1 43  PHE n 
1 44  SER n 
1 45  LEU n 
1 46  SER n 
1 47  VAL n 
1 48  LYS n 
1 49  PHE n 
1 50  GLY n 
1 51  ASN n 
1 52  ASP n 
1 53  VAL n 
1 54  GLN n 
1 55  HIS n 
1 56  PHE n 
1 57  LYS n 
1 58  VAL n 
1 59  LEU n 
1 60  ARG n 
1 61  ASP n 
1 62  GLY n 
1 63  ALA n 
1 64  GLY n 
1 65  LYS n 
1 66  TYR n 
1 67  PHE n 
1 68  LEU n 
1 69  TRP n 
1 70  VAL n 
1 71  VAL n 
1 72  LYS n 
1 73  PHE n 
1 74  ASN n 
1 75  SER n 
1 76  LEU n 
1 77  ASN n 
1 78  GLU n 
1 79  LEU n 
1 80  VAL n 
1 81  ASP n 
1 82  TYR n 
1 83  HIS n 
1 84  ARG n 
1 85  SER n 
1 86  THR n 
1 87  SER n 
1 88  VAL n 
1 89  SER n 
1 90  ARG n 
1 91  ASN n 
1 92  GLN n 
1 93  GLN n 
1 94  ILE n 
1 95  PHE n 
1 96  LEU n 
1 97  ARG n 
1 98  ASP n 
1 99  ILE n 
1 100 GLU n 
1 101 GLN n 
1 102 VAL n 
1 103 PRO n 
1 104 GLN n 
1 105 GLN n 
1 106 PRO n 
1 107 THR n 
1 108 TYR n 
1 109 VAL n 
1 110 GLN n 
1 111 ALA n 
1 112 HIS n 
1 113 HIS n 
1 114 HIS n 
1 115 HIS n 
1 116 HIS n 
1 117 HIS n 
2 1   ACE n 
2 2   PTR n 
2 3   02K n 
2 4   ASN n 
2 5   NH2 n 
# 
_entity_src_gen.entity_id                          1 
_entity_src_gen.pdbx_src_id                        1 
_entity_src_gen.pdbx_alt_source_flag               sample 
_entity_src_gen.pdbx_seq_type                      ? 
_entity_src_gen.pdbx_beg_seq_num                   ? 
_entity_src_gen.pdbx_end_seq_num                   ? 
_entity_src_gen.gene_src_common_name               human 
_entity_src_gen.gene_src_genus                     ? 
_entity_src_gen.pdbx_gene_src_gene                 'GRB2, ASH' 
_entity_src_gen.gene_src_species                   ? 
_entity_src_gen.gene_src_strain                    ? 
_entity_src_gen.gene_src_tissue                    ? 
_entity_src_gen.gene_src_tissue_fraction           ? 
_entity_src_gen.gene_src_details                   ? 
_entity_src_gen.pdbx_gene_src_fragment             ? 
_entity_src_gen.pdbx_gene_src_scientific_name      'Homo sapiens' 
_entity_src_gen.pdbx_gene_src_ncbi_taxonomy_id     9606 
_entity_src_gen.pdbx_gene_src_variant              ? 
_entity_src_gen.pdbx_gene_src_cell_line            ? 
_entity_src_gen.pdbx_gene_src_atcc                 ? 
_entity_src_gen.pdbx_gene_src_organ                ? 
_entity_src_gen.pdbx_gene_src_organelle            ? 
_entity_src_gen.pdbx_gene_src_cell                 ? 
_entity_src_gen.pdbx_gene_src_cellular_location    ? 
_entity_src_gen.host_org_common_name               ? 
_entity_src_gen.pdbx_host_org_scientific_name      'Escherichia coli' 
_entity_src_gen.pdbx_host_org_ncbi_taxonomy_id     562 
_entity_src_gen.host_org_genus                     ? 
_entity_src_gen.pdbx_host_org_gene                 ? 
_entity_src_gen.pdbx_host_org_organ                ? 
_entity_src_gen.host_org_species                   ? 
_entity_src_gen.pdbx_host_org_tissue               ? 
_entity_src_gen.pdbx_host_org_tissue_fraction      ? 
_entity_src_gen.pdbx_host_org_strain               SG13009 
_entity_src_gen.pdbx_host_org_variant              ? 
_entity_src_gen.pdbx_host_org_cell_line            ? 
_entity_src_gen.pdbx_host_org_atcc                 ? 
_entity_src_gen.pdbx_host_org_culture_collection   ? 
_entity_src_gen.pdbx_host_org_cell                 ? 
_entity_src_gen.pdbx_host_org_organelle            ? 
_entity_src_gen.pdbx_host_org_cellular_location    ? 
_entity_src_gen.pdbx_host_org_vector_type          plasmid 
_entity_src_gen.pdbx_host_org_vector               ? 
_entity_src_gen.host_org_details                   ? 
_entity_src_gen.expression_system_id               ? 
_entity_src_gen.plasmid_name                       pQE-60 
_entity_src_gen.plasmid_details                    ? 
_entity_src_gen.pdbx_description                   ? 
# 
loop_
_chem_comp.id 
_chem_comp.type 
_chem_comp.mon_nstd_flag 
_chem_comp.name 
_chem_comp.pdbx_synonyms 
_chem_comp.formula 
_chem_comp.formula_weight 
02K 'peptide linking'   n '1-aminocyclohexanecarboxylic acid' ?                 'C7 H13 N O2'    143.184 
ACE non-polymer         . 'ACETYL GROUP'                      ?                 'C2 H4 O'        44.053  
ALA 'L-peptide linking' y ALANINE                             ?                 'C3 H7 N O2'     89.093  
ARG 'L-peptide linking' y ARGININE                            ?                 'C6 H15 N4 O2 1' 175.209 
ASN 'L-peptide linking' y ASPARAGINE                          ?                 'C4 H8 N2 O3'    132.118 
ASP 'L-peptide linking' y 'ASPARTIC ACID'                     ?                 'C4 H7 N O4'     133.103 
CL  non-polymer         . 'CHLORIDE ION'                      ?                 'Cl -1'          35.453  
GLN 'L-peptide linking' y GLUTAMINE                           ?                 'C5 H10 N2 O3'   146.144 
GLU 'L-peptide linking' y 'GLUTAMIC ACID'                     ?                 'C5 H9 N O4'     147.129 
GLY 'peptide linking'   y GLYCINE                             ?                 'C2 H5 N O2'     75.067  
HIS 'L-peptide linking' y HISTIDINE                           ?                 'C6 H10 N3 O2 1' 156.162 
HOH non-polymer         . WATER                               ?                 'H2 O'           18.015  
ILE 'L-peptide linking' y ISOLEUCINE                          ?                 'C6 H13 N O2'    131.173 
LEU 'L-peptide linking' y LEUCINE                             ?                 'C6 H13 N O2'    131.173 
LYS 'L-peptide linking' y LYSINE                              ?                 'C6 H15 N2 O2 1' 147.195 
MET 'L-peptide linking' y METHIONINE                          ?                 'C5 H11 N O2 S'  149.211 
NA  non-polymer         . 'SODIUM ION'                        ?                 'Na 1'           22.990  
NH2 non-polymer         . 'AMINO GROUP'                       ?                 'H2 N'           16.023  
PHE 'L-peptide linking' y PHENYLALANINE                       ?                 'C9 H11 N O2'    165.189 
PRO 'L-peptide linking' y PROLINE                             ?                 'C5 H9 N O2'     115.130 
PTR 'L-peptide linking' n O-PHOSPHOTYROSINE                   PHOSPHONOTYROSINE 'C9 H12 N O6 P'  261.168 
SER 'L-peptide linking' y SERINE                              ?                 'C3 H7 N O3'     105.093 
THR 'L-peptide linking' y THREONINE                           ?                 'C4 H9 N O3'     119.119 
TRP 'L-peptide linking' y TRYPTOPHAN                          ?                 'C11 H12 N2 O2'  204.225 
TYR 'L-peptide linking' y TYROSINE                            ?                 'C9 H11 N O3'    181.189 
VAL 'L-peptide linking' y VALINE                              ?                 'C5 H11 N O2'    117.146 
# 
loop_
_pdbx_poly_seq_scheme.asym_id 
_pdbx_poly_seq_scheme.entity_id 
_pdbx_poly_seq_scheme.seq_id 
_pdbx_poly_seq_scheme.mon_id 
_pdbx_poly_seq_scheme.ndb_seq_num 
_pdbx_poly_seq_scheme.pdb_seq_num 
_pdbx_poly_seq_scheme.auth_seq_num 
_pdbx_poly_seq_scheme.pdb_mon_id 
_pdbx_poly_seq_scheme.auth_mon_id 
_pdbx_poly_seq_scheme.pdb_strand_id 
_pdbx_poly_seq_scheme.pdb_ins_code 
_pdbx_poly_seq_scheme.hetero 
A 1 1   ILE 1   53  ?   ?   ?   A . n 
A 1 2   GLU 2   54  54  GLU GLU A . n 
A 1 3   MET 3   55  55  MET MET A . n 
A 1 4   LYS 4   56  56  LYS LYS A . n 
A 1 5   PRO 5   57  57  PRO PRO A . n 
A 1 6   HIS 6   58  58  HIS HIS A . n 
A 1 7   PRO 7   59  59  PRO PRO A . n 
A 1 8   TRP 8   60  60  TRP TRP A . n 
A 1 9   PHE 9   61  61  PHE PHE A . n 
A 1 10  PHE 10  62  62  PHE PHE A . n 
A 1 11  GLY 11  63  63  GLY GLY A . n 
A 1 12  LYS 12  64  64  LYS LYS A . n 
A 1 13  ILE 13  65  65  ILE ILE A . n 
A 1 14  PRO 14  66  66  PRO PRO A . n 
A 1 15  ARG 15  67  67  ARG ARG A . n 
A 1 16  ALA 16  68  68  ALA ALA A . n 
A 1 17  LYS 17  69  69  LYS LYS A . n 
A 1 18  ALA 18  70  70  ALA ALA A . n 
A 1 19  GLU 19  71  71  GLU GLU A . n 
A 1 20  GLU 20  72  72  GLU GLU A . n 
A 1 21  MET 21  73  73  MET MET A . n 
A 1 22  LEU 22  74  74  LEU LEU A . n 
A 1 23  SER 23  75  75  SER SER A . n 
A 1 24  LYS 24  76  76  LYS LYS A . n 
A 1 25  GLN 25  77  77  GLN GLN A . n 
A 1 26  ARG 26  78  78  ARG ARG A . n 
A 1 27  HIS 27  79  79  HIS HIS A . n 
A 1 28  ASP 28  80  80  ASP ASP A . n 
A 1 29  GLY 29  81  81  GLY GLY A . n 
A 1 30  ALA 30  82  82  ALA ALA A . n 
A 1 31  PHE 31  83  83  PHE PHE A . n 
A 1 32  LEU 32  84  84  LEU LEU A . n 
A 1 33  ILE 33  85  85  ILE ILE A . n 
A 1 34  ARG 34  86  86  ARG ARG A . n 
A 1 35  GLU 35  87  87  GLU GLU A . n 
A 1 36  SER 36  88  88  SER SER A . n 
A 1 37  GLU 37  89  89  GLU GLU A . n 
A 1 38  SER 38  90  90  SER SER A . n 
A 1 39  ALA 39  91  91  ALA ALA A . n 
A 1 40  PRO 40  92  92  PRO PRO A . n 
A 1 41  GLY 41  93  93  GLY GLY A . n 
A 1 42  ASP 42  94  94  ASP ASP A . n 
A 1 43  PHE 43  95  95  PHE PHE A . n 
A 1 44  SER 44  96  96  SER SER A . n 
A 1 45  LEU 45  97  97  LEU LEU A . n 
A 1 46  SER 46  98  98  SER SER A . n 
A 1 47  VAL 47  99  99  VAL VAL A . n 
A 1 48  LYS 48  100 100 LYS LYS A . n 
A 1 49  PHE 49  101 101 PHE PHE A . n 
A 1 50  GLY 50  102 102 GLY GLY A . n 
A 1 51  ASN 51  103 103 ASN ASN A . n 
A 1 52  ASP 52  104 104 ASP ASP A . n 
A 1 53  VAL 53  105 105 VAL VAL A . n 
A 1 54  GLN 54  106 106 GLN GLN A . n 
A 1 55  HIS 55  107 107 HIS HIS A . n 
A 1 56  PHE 56  108 108 PHE PHE A . n 
A 1 57  LYS 57  109 109 LYS LYS A . n 
A 1 58  VAL 58  110 110 VAL VAL A . n 
A 1 59  LEU 59  111 111 LEU LEU A . n 
A 1 60  ARG 60  112 112 ARG ARG A . n 
A 1 61  ASP 61  113 113 ASP ASP A . n 
A 1 62  GLY 62  114 114 GLY GLY A . n 
A 1 63  ALA 63  115 115 ALA ALA A . n 
A 1 64  GLY 64  116 116 GLY GLY A . n 
A 1 65  LYS 65  117 117 LYS LYS A . n 
A 1 66  TYR 66  118 118 TYR TYR A . n 
A 1 67  PHE 67  119 119 PHE PHE A . n 
A 1 68  LEU 68  120 120 LEU LEU A . n 
A 1 69  TRP 69  121 121 TRP TRP A . n 
A 1 70  VAL 70  122 122 VAL VAL A . n 
A 1 71  VAL 71  123 123 VAL VAL A . n 
A 1 72  LYS 72  124 124 LYS LYS A . n 
A 1 73  PHE 73  125 125 PHE PHE A . n 
A 1 74  ASN 74  126 126 ASN ASN A . n 
A 1 75  SER 75  127 127 SER SER A . n 
A 1 76  LEU 76  128 128 LEU LEU A . n 
A 1 77  ASN 77  129 129 ASN ASN A . n 
A 1 78  GLU 78  130 130 GLU GLU A . n 
A 1 79  LEU 79  131 131 LEU LEU A . n 
A 1 80  VAL 80  132 132 VAL VAL A . n 
A 1 81  ASP 81  133 133 ASP ASP A . n 
A 1 82  TYR 82  134 134 TYR TYR A . n 
A 1 83  HIS 83  135 135 HIS HIS A . n 
A 1 84  ARG 84  136 136 ARG ARG A . n 
A 1 85  SER 85  137 137 SER SER A . n 
A 1 86  THR 86  138 138 THR THR A . n 
A 1 87  SER 87  139 139 SER SER A . n 
A 1 88  VAL 88  140 140 VAL VAL A . n 
A 1 89  SER 89  141 141 SER SER A . n 
A 1 90  ARG 90  142 142 ARG ARG A . n 
A 1 91  ASN 91  143 143 ASN ASN A . n 
A 1 92  GLN 92  144 144 GLN GLN A . n 
A 1 93  GLN 93  145 145 GLN GLN A . n 
A 1 94  ILE 94  146 146 ILE ILE A . n 
A 1 95  PHE 95  147 147 PHE PHE A . n 
A 1 96  LEU 96  148 148 LEU LEU A . n 
A 1 97  ARG 97  149 149 ARG ARG A . n 
A 1 98  ASP 98  150 150 ASP ASP A . n 
A 1 99  ILE 99  151 151 ILE ILE A . n 
A 1 100 GLU 100 152 152 GLU GLU A . n 
A 1 101 GLN 101 153 153 GLN GLN A . n 
A 1 102 VAL 102 154 154 VAL VAL A . n 
A 1 103 PRO 103 155 ?   ?   ?   A . n 
A 1 104 GLN 104 156 ?   ?   ?   A . n 
A 1 105 GLN 105 157 ?   ?   ?   A . n 
A 1 106 PRO 106 158 ?   ?   ?   A . n 
A 1 107 THR 107 159 ?   ?   ?   A . n 
A 1 108 TYR 108 160 ?   ?   ?   A . n 
A 1 109 VAL 109 161 ?   ?   ?   A . n 
A 1 110 GLN 110 162 ?   ?   ?   A . n 
A 1 111 ALA 111 163 ?   ?   ?   A . n 
A 1 112 HIS 112 164 ?   ?   ?   A . n 
A 1 113 HIS 113 165 ?   ?   ?   A . n 
A 1 114 HIS 114 166 ?   ?   ?   A . n 
A 1 115 HIS 115 167 ?   ?   ?   A . n 
A 1 116 HIS 116 168 ?   ?   ?   A . n 
A 1 117 HIS 117 169 ?   ?   ?   A . n 
B 2 1   ACE 1   1   1   ACE ACE B . n 
B 2 2   PTR 2   2   2   PTR PTR B . n 
B 2 3   02K 3   3   3   02K 02K B . n 
B 2 4   ASN 4   4   4   ASN ASN B . n 
B 2 5   NH2 5   5   5   NH2 NH2 B . n 
# 
loop_
_pdbx_nonpoly_scheme.asym_id 
_pdbx_nonpoly_scheme.entity_id 
_pdbx_nonpoly_scheme.mon_id 
_pdbx_nonpoly_scheme.ndb_seq_num 
_pdbx_nonpoly_scheme.pdb_seq_num 
_pdbx_nonpoly_scheme.auth_seq_num 
_pdbx_nonpoly_scheme.pdb_mon_id 
_pdbx_nonpoly_scheme.auth_mon_id 
_pdbx_nonpoly_scheme.pdb_strand_id 
_pdbx_nonpoly_scheme.pdb_ins_code 
C 3 NA  1  1   1  NA  NA  A . 
D 4 CL  1  170 1  CL  CL  A . 
E 5 HOH 1  2   2  HOH HOH A . 
E 5 HOH 2  3   3  HOH HOH A . 
E 5 HOH 3  4   4  HOH HOH A . 
E 5 HOH 4  7   7  HOH HOH A . 
E 5 HOH 5  8   8  HOH HOH A . 
E 5 HOH 6  9   9  HOH HOH A . 
E 5 HOH 7  10  10 HOH HOH A . 
E 5 HOH 8  11  11 HOH HOH A . 
E 5 HOH 9  12  12 HOH HOH A . 
E 5 HOH 10 13  13 HOH HOH A . 
E 5 HOH 11 14  14 HOH HOH A . 
E 5 HOH 12 15  15 HOH HOH A . 
E 5 HOH 13 16  16 HOH HOH A . 
E 5 HOH 14 17  17 HOH HOH A . 
E 5 HOH 15 18  18 HOH HOH A . 
E 5 HOH 16 19  19 HOH HOH A . 
E 5 HOH 17 20  20 HOH HOH A . 
E 5 HOH 18 21  21 HOH HOH A . 
E 5 HOH 19 22  22 HOH HOH A . 
E 5 HOH 20 23  23 HOH HOH A . 
E 5 HOH 21 24  24 HOH HOH A . 
E 5 HOH 22 25  25 HOH HOH A . 
E 5 HOH 23 26  26 HOH HOH A . 
E 5 HOH 24 27  27 HOH HOH A . 
E 5 HOH 25 28  28 HOH HOH A . 
E 5 HOH 26 29  29 HOH HOH A . 
E 5 HOH 27 30  30 HOH HOH A . 
E 5 HOH 28 31  31 HOH HOH A . 
E 5 HOH 29 32  32 HOH HOH A . 
E 5 HOH 30 33  33 HOH HOH A . 
E 5 HOH 31 34  34 HOH HOH A . 
E 5 HOH 32 35  35 HOH HOH A . 
E 5 HOH 33 36  36 HOH HOH A . 
E 5 HOH 34 37  37 HOH HOH A . 
E 5 HOH 35 38  38 HOH HOH A . 
E 5 HOH 36 39  39 HOH HOH A . 
E 5 HOH 37 40  40 HOH HOH A . 
E 5 HOH 38 41  41 HOH HOH A . 
E 5 HOH 39 42  42 HOH HOH A . 
E 5 HOH 40 43  43 HOH HOH A . 
E 5 HOH 41 44  44 HOH HOH A . 
E 5 HOH 42 45  45 HOH HOH A . 
E 5 HOH 43 46  46 HOH HOH A . 
E 5 HOH 44 47  47 HOH HOH A . 
E 5 HOH 45 48  48 HOH HOH A . 
E 5 HOH 46 49  49 HOH HOH A . 
E 5 HOH 47 50  50 HOH HOH A . 
E 5 HOH 48 51  51 HOH HOH A . 
E 5 HOH 49 52  52 HOH HOH A . 
E 5 HOH 50 171 53 HOH HOH A . 
E 5 HOH 51 172 54 HOH HOH A . 
E 5 HOH 52 173 55 HOH HOH A . 
E 5 HOH 53 174 56 HOH HOH A . 
E 5 HOH 54 175 57 HOH HOH A . 
E 5 HOH 55 176 58 HOH HOH A . 
E 5 HOH 56 177 59 HOH HOH A . 
E 5 HOH 57 178 60 HOH HOH A . 
E 5 HOH 58 179 61 HOH HOH A . 
E 5 HOH 59 180 62 HOH HOH A . 
E 5 HOH 60 181 63 HOH HOH A . 
E 5 HOH 61 182 64 HOH HOH A . 
E 5 HOH 62 183 65 HOH HOH A . 
E 5 HOH 63 184 66 HOH HOH A . 
E 5 HOH 64 185 67 HOH HOH A . 
E 5 HOH 65 186 68 HOH HOH A . 
E 5 HOH 66 187 69 HOH HOH A . 
E 5 HOH 67 188 70 HOH HOH A . 
E 5 HOH 68 189 71 HOH HOH A . 
E 5 HOH 69 190 72 HOH HOH A . 
E 5 HOH 70 191 73 HOH HOH A . 
E 5 HOH 71 192 74 HOH HOH A . 
E 5 HOH 72 193 75 HOH HOH A . 
E 5 HOH 73 194 76 HOH HOH A . 
E 5 HOH 74 195 77 HOH HOH A . 
E 5 HOH 75 196 78 HOH HOH A . 
E 5 HOH 76 197 79 HOH HOH A . 
E 5 HOH 77 198 81 HOH HOH A . 
E 5 HOH 78 199 82 HOH HOH A . 
E 5 HOH 79 200 84 HOH HOH A . 
E 5 HOH 80 201 85 HOH HOH A . 
E 5 HOH 81 202 86 HOH HOH A . 
E 5 HOH 82 203 87 HOH HOH A . 
E 5 HOH 83 204 88 HOH HOH A . 
E 5 HOH 84 205 89 HOH HOH A . 
E 5 HOH 85 206 90 HOH HOH A . 
E 5 HOH 86 207 91 HOH HOH A . 
E 5 HOH 87 208 92 HOH HOH A . 
F 5 HOH 1  6   6  HOH HOH B . 
F 5 HOH 2  7   1  HOH HOH B . 
F 5 HOH 3  8   5  HOH HOH B . 
F 5 HOH 4  80  80 HOH HOH B . 
F 5 HOH 5  83  83 HOH HOH B . 
# 
loop_
_pdbx_unobs_or_zero_occ_atoms.id 
_pdbx_unobs_or_zero_occ_atoms.PDB_model_num 
_pdbx_unobs_or_zero_occ_atoms.polymer_flag 
_pdbx_unobs_or_zero_occ_atoms.occupancy_flag 
_pdbx_unobs_or_zero_occ_atoms.auth_asym_id 
_pdbx_unobs_or_zero_occ_atoms.auth_comp_id 
_pdbx_unobs_or_zero_occ_atoms.auth_seq_id 
_pdbx_unobs_or_zero_occ_atoms.PDB_ins_code 
_pdbx_unobs_or_zero_occ_atoms.auth_atom_id 
_pdbx_unobs_or_zero_occ_atoms.label_alt_id 
_pdbx_unobs_or_zero_occ_atoms.label_asym_id 
_pdbx_unobs_or_zero_occ_atoms.label_comp_id 
_pdbx_unobs_or_zero_occ_atoms.label_seq_id 
_pdbx_unobs_or_zero_occ_atoms.label_atom_id 
1 1 Y 1 A GLU 54 ? N   ? A GLU 2 N   
2 1 Y 1 A GLU 54 ? CG  ? A GLU 2 CG  
3 1 Y 1 A GLU 54 ? CD  ? A GLU 2 CD  
4 1 Y 1 A GLU 54 ? OE1 ? A GLU 2 OE1 
5 1 Y 1 A GLU 54 ? OE2 ? A GLU 2 OE2 
# 
loop_
_software.name 
_software.classification 
_software.version 
_software.citation_id 
_software.pdbx_ordinal 
CrystalClear 'data collection' .        ? 1 
PHASER       phasing           .        ? 2 
REFMAC       refinement        5.5.0109 ? 3 
HKL-2000     'data reduction'  .        ? 4 
HKL-2000     'data scaling'    .        ? 5 
# 
_cell.entry_id           3S8O 
_cell.length_a           42.154 
_cell.length_b           42.154 
_cell.length_c           109.513 
_cell.angle_alpha        90.00 
_cell.angle_beta         90.00 
_cell.angle_gamma        90.00 
_cell.Z_PDB              8 
_cell.pdbx_unique_axis   ? 
_cell.length_a_esd       ? 
_cell.length_b_esd       ? 
_cell.length_c_esd       ? 
_cell.angle_alpha_esd    ? 
_cell.angle_beta_esd     ? 
_cell.angle_gamma_esd    ? 
# 
_symmetry.entry_id                         3S8O 
_symmetry.space_group_name_H-M             'P 43 21 2' 
_symmetry.pdbx_full_space_group_name_H-M   ? 
_symmetry.cell_setting                     ? 
_symmetry.Int_Tables_number                96 
_symmetry.space_group_name_Hall            ? 
# 
_exptl.entry_id          3S8O 
_exptl.method            'X-RAY DIFFRACTION' 
_exptl.crystals_number   1 
# 
_exptl_crystal.id                    1 
_exptl_crystal.density_meas          ? 
_exptl_crystal.density_Matthews      1.70 
_exptl_crystal.density_percent_sol   27.78 
_exptl_crystal.description           ? 
_exptl_crystal.F_000                 ? 
_exptl_crystal.preparation           ? 
# 
_exptl_crystal_grow.crystal_id      1 
_exptl_crystal_grow.method          'VAPOR DIFFUSION, HANGING DROP' 
_exptl_crystal_grow.temp            298 
_exptl_crystal_grow.temp_details    ? 
_exptl_crystal_grow.pH              7.5 
_exptl_crystal_grow.pdbx_details    '0.1 M HEPES, 5.0 M sodium chloride, pH 7.5, VAPOR DIFFUSION, HANGING DROP, temperature 298K' 
_exptl_crystal_grow.pdbx_pH_range   ? 
# 
_diffrn.id                     1 
_diffrn.ambient_temp           100 
_diffrn.ambient_temp_details   ? 
_diffrn.crystal_id             1 
# 
_diffrn_detector.diffrn_id              1 
_diffrn_detector.detector               'IMAGE PLATE' 
_diffrn_detector.type                   'RIGAKU RAXIS IV++' 
_diffrn_detector.pdbx_collection_date   2011-03-23 
_diffrn_detector.details                ? 
# 
_diffrn_radiation.diffrn_id                        1 
_diffrn_radiation.wavelength_id                    1 
_diffrn_radiation.pdbx_monochromatic_or_laue_m_l   M 
_diffrn_radiation.monochromator                    'Blue max-flux confocal' 
_diffrn_radiation.pdbx_diffrn_protocol             'SINGLE WAVELENGTH' 
_diffrn_radiation.pdbx_scattering_type             x-ray 
# 
_diffrn_radiation_wavelength.id           1 
_diffrn_radiation_wavelength.wavelength   1.5418 
_diffrn_radiation_wavelength.wt           1.0 
# 
_diffrn_source.diffrn_id                   1 
_diffrn_source.source                      'ROTATING ANODE' 
_diffrn_source.type                        'RIGAKU RU200' 
_diffrn_source.pdbx_synchrotron_site       ? 
_diffrn_source.pdbx_synchrotron_beamline   ? 
_diffrn_source.pdbx_wavelength             ? 
_diffrn_source.pdbx_wavelength_list        1.5418 
# 
_reflns.entry_id                     3S8O 
_reflns.observed_criterion_sigma_I   ? 
_reflns.observed_criterion_sigma_F   ? 
_reflns.d_resolution_low             50.00 
_reflns.d_resolution_high            1.64 
_reflns.number_obs                   8975 
_reflns.number_all                   8975 
_reflns.percent_possible_obs         99.9 
_reflns.pdbx_Rmerge_I_obs            ? 
_reflns.pdbx_Rsym_value              0.080 
_reflns.pdbx_netI_over_sigmaI        30.6 
_reflns.B_iso_Wilson_estimate        ? 
_reflns.pdbx_redundancy              14.4 
_reflns.R_free_details               ? 
_reflns.limit_h_max                  ? 
_reflns.limit_h_min                  ? 
_reflns.limit_k_max                  ? 
_reflns.limit_k_min                  ? 
_reflns.limit_l_max                  ? 
_reflns.limit_l_min                  ? 
_reflns.observed_criterion_F_max     ? 
_reflns.observed_criterion_F_min     ? 
_reflns.pdbx_chi_squared             ? 
_reflns.pdbx_scaling_rejects         ? 
_reflns.pdbx_ordinal                 1 
_reflns.pdbx_diffrn_id               1 
# 
_reflns_shell.d_res_high             1.64 
_reflns_shell.d_res_low              1.70 
_reflns_shell.percent_possible_all   ? 
_reflns_shell.Rmerge_I_obs           ? 
_reflns_shell.pdbx_Rsym_value        0.390 
_reflns_shell.meanI_over_sigI_obs    8.2 
_reflns_shell.pdbx_redundancy        12.8 
_reflns_shell.percent_possible_obs   ? 
_reflns_shell.number_unique_all      ? 
_reflns_shell.number_measured_all    ? 
_reflns_shell.number_measured_obs    ? 
_reflns_shell.number_unique_obs      ? 
_reflns_shell.pdbx_chi_squared       ? 
_reflns_shell.pdbx_ordinal           1 
_reflns_shell.pdbx_diffrn_id         1 
# 
_refine.entry_id                                 3S8O 
_refine.ls_number_reflns_obs                     8975 
_refine.ls_number_reflns_all                     ? 
_refine.pdbx_ls_sigma_I                          ? 
_refine.pdbx_ls_sigma_F                          . 
_refine.pdbx_data_cutoff_high_absF               ? 
_refine.pdbx_data_cutoff_low_absF                ? 
_refine.pdbx_data_cutoff_high_rms_absF           ? 
_refine.ls_d_res_low                             39.34 
_refine.ls_d_res_high                            1.85 
_refine.ls_percent_reflns_obs                    99.49 
_refine.ls_R_factor_obs                          0.15264 
_refine.ls_R_factor_all                          ? 
_refine.ls_R_factor_R_work                       0.15027 
_refine.ls_R_factor_R_free                       0.20117 
_refine.ls_R_factor_R_free_error                 ? 
_refine.ls_R_factor_R_free_error_details         ? 
_refine.ls_percent_reflns_R_free                 4.9 
_refine.ls_number_reflns_R_free                  444 
_refine.ls_number_parameters                     ? 
_refine.ls_number_restraints                     ? 
_refine.occupancy_min                            ? 
_refine.occupancy_max                            ? 
_refine.correlation_coeff_Fo_to_Fc               0.966 
_refine.correlation_coeff_Fo_to_Fc_free          0.933 
_refine.B_iso_mean                               18.717 
_refine.aniso_B[1][1]                            -0.68 
_refine.aniso_B[2][2]                            -0.68 
_refine.aniso_B[3][3]                            1.36 
_refine.aniso_B[1][2]                            0.00 
_refine.aniso_B[1][3]                            0.00 
_refine.aniso_B[2][3]                            0.00 
_refine.solvent_model_details                    MASK 
_refine.solvent_model_param_ksol                 ? 
_refine.solvent_model_param_bsol                 ? 
_refine.pdbx_solvent_vdw_probe_radii             1.40 
_refine.pdbx_solvent_ion_probe_radii             0.80 
_refine.pdbx_solvent_shrinkage_radii             0.80 
_refine.pdbx_ls_cross_valid_method               THROUGHOUT 
_refine.details                                  'HYDROGENS HAVE BEEN ADDED IN THE RIDING POSITIONS' 
_refine.pdbx_starting_model                      'pdb entry 3OV1' 
_refine.pdbx_method_to_determine_struct          'MOLECULAR REPLACEMENT' 
_refine.pdbx_isotropic_thermal_model             ? 
_refine.pdbx_stereochemistry_target_values       'MAXIMUM LIKELIHOOD' 
_refine.pdbx_stereochem_target_val_spec_case     ? 
_refine.pdbx_R_Free_selection_details            RANDOM 
_refine.pdbx_overall_ESU_R_Free                  0.131 
_refine.overall_SU_ML                            0.000 
_refine.pdbx_overall_phase_error                 ? 
_refine.overall_SU_B                             0.004 
_refine.overall_SU_R_Cruickshank_DPI             ? 
_refine.ls_redundancy_reflns_obs                 ? 
_refine.B_iso_min                                ? 
_refine.B_iso_max                                ? 
_refine.overall_SU_R_free                        ? 
_refine.ls_wR_factor_R_free                      ? 
_refine.ls_wR_factor_R_work                      ? 
_refine.overall_FOM_free_R_set                   ? 
_refine.overall_FOM_work_R_set                   ? 
_refine.pdbx_diffrn_id                           1 
_refine.pdbx_refine_id                           'X-RAY DIFFRACTION' 
_refine.pdbx_overall_ESU_R                       ? 
_refine.pdbx_TLS_residual_ADP_flag               ? 
_refine.pdbx_overall_SU_R_free_Cruickshank_DPI   ? 
_refine.pdbx_overall_SU_R_Blow_DPI               ? 
_refine.pdbx_overall_SU_R_free_Blow_DPI          ? 
# 
_refine_hist.pdbx_refine_id                   'X-RAY DIFFRACTION' 
_refine_hist.cycle_id                         LAST 
_refine_hist.pdbx_number_atoms_protein        866 
_refine_hist.pdbx_number_atoms_nucleic_acid   0 
_refine_hist.pdbx_number_atoms_ligand         2 
_refine_hist.number_atoms_solvent             92 
_refine_hist.number_atoms_total               960 
_refine_hist.d_res_high                       1.85 
_refine_hist.d_res_low                        39.34 
# 
loop_
_refine_ls_restr.type 
_refine_ls_restr.dev_ideal 
_refine_ls_restr.dev_ideal_target 
_refine_ls_restr.weight 
_refine_ls_restr.number 
_refine_ls_restr.pdbx_restraint_function 
_refine_ls_restr.pdbx_refine_id 
r_bond_refined_d    0.025 ? ? ? ? 'X-RAY DIFFRACTION' 
r_angle_refined_deg 1.98  ? ? ? ? 'X-RAY DIFFRACTION' 
# 
_refine_ls_shell.pdbx_total_number_of_bins_used   20 
_refine_ls_shell.d_res_high                       1.850 
_refine_ls_shell.d_res_low                        1.898 
_refine_ls_shell.number_reflns_R_work             597 
_refine_ls_shell.R_factor_R_work                  0.172 
_refine_ls_shell.percent_reflns_obs               98.75 
_refine_ls_shell.R_factor_R_free                  0.363 
_refine_ls_shell.R_factor_R_free_error            ? 
_refine_ls_shell.percent_reflns_R_free            ? 
_refine_ls_shell.number_reflns_R_free             34 
_refine_ls_shell.number_reflns_all                ? 
_refine_ls_shell.R_factor_all                     ? 
_refine_ls_shell.number_reflns_obs                ? 
_refine_ls_shell.redundancy_reflns_obs            ? 
_refine_ls_shell.pdbx_refine_id                   'X-RAY DIFFRACTION' 
# 
_struct.entry_id                  3S8O 
_struct.title                     'Crystal Structure of the Grb2 SH2 Domain in Complex with a pYXN-Derived Tripeptide' 
_struct.pdbx_model_details        ? 
_struct.pdbx_CASP_flag            ? 
_struct.pdbx_model_type_details   ? 
# 
_struct_keywords.entry_id        3S8O 
_struct_keywords.pdbx_keywords   'SIGNALING PROTEIN/ANTAGONIST' 
_struct_keywords.text            'Grb2 SH2 domain, phosphotyrosine-containing tripeptide, SIGNALING PROTEIN-ANTAGONIST complex' 
# 
loop_
_struct_asym.id 
_struct_asym.pdbx_blank_PDB_chainid_flag 
_struct_asym.pdbx_modified 
_struct_asym.entity_id 
_struct_asym.details 
A N N 1 ? 
B N N 2 ? 
C N N 3 ? 
D N N 4 ? 
E N N 5 ? 
F N N 5 ? 
# 
loop_
_struct_ref.id 
_struct_ref.db_name 
_struct_ref.db_code 
_struct_ref.pdbx_db_accession 
_struct_ref.entity_id 
_struct_ref.pdbx_seq_one_letter_code 
_struct_ref.pdbx_align_begin 
_struct_ref.pdbx_db_isoform 
1 UNP GRB2_HUMAN P62993 1 
;IEMKPHPWFFGKIPRAKAEEMLSKQRHDGAFLIRESESAPGDFSLSVKFGNDVQHFKVLRDGAGKYFLWVVKFNSLNELV
DYHRSTSVSRNQQIFLRDIEQVPQQPTYVQA
;
53 ? 
2 PDB 3S8O       3S8O   2 ? ?  ? 
# 
loop_
_struct_ref_seq.align_id 
_struct_ref_seq.ref_id 
_struct_ref_seq.pdbx_PDB_id_code 
_struct_ref_seq.pdbx_strand_id 
_struct_ref_seq.seq_align_beg 
_struct_ref_seq.pdbx_seq_align_beg_ins_code 
_struct_ref_seq.seq_align_end 
_struct_ref_seq.pdbx_seq_align_end_ins_code 
_struct_ref_seq.pdbx_db_accession 
_struct_ref_seq.db_align_beg 
_struct_ref_seq.pdbx_db_align_beg_ins_code 
_struct_ref_seq.db_align_end 
_struct_ref_seq.pdbx_db_align_end_ins_code 
_struct_ref_seq.pdbx_auth_seq_align_beg 
_struct_ref_seq.pdbx_auth_seq_align_end 
1 1 3S8O A 1 ? 111 ? P62993 53 ? 163 ? 53 163 
2 2 3S8O B 1 ? 5   ? 3S8O   1  ? 5   ? 1  5   
# 
loop_
_struct_ref_seq_dif.align_id 
_struct_ref_seq_dif.pdbx_pdb_id_code 
_struct_ref_seq_dif.mon_id 
_struct_ref_seq_dif.pdbx_pdb_strand_id 
_struct_ref_seq_dif.seq_num 
_struct_ref_seq_dif.pdbx_pdb_ins_code 
_struct_ref_seq_dif.pdbx_seq_db_name 
_struct_ref_seq_dif.pdbx_seq_db_accession_code 
_struct_ref_seq_dif.db_mon_id 
_struct_ref_seq_dif.pdbx_seq_db_seq_num 
_struct_ref_seq_dif.details 
_struct_ref_seq_dif.pdbx_auth_seq_num 
_struct_ref_seq_dif.pdbx_ordinal 
1 3S8O HIS A 112 ? UNP P62993 ? ? 'expression tag' 164 1 
1 3S8O HIS A 113 ? UNP P62993 ? ? 'expression tag' 165 2 
1 3S8O HIS A 114 ? UNP P62993 ? ? 'expression tag' 166 3 
1 3S8O HIS A 115 ? UNP P62993 ? ? 'expression tag' 167 4 
1 3S8O HIS A 116 ? UNP P62993 ? ? 'expression tag' 168 5 
1 3S8O HIS A 117 ? UNP P62993 ? ? 'expression tag' 169 6 
# 
_pdbx_struct_assembly.id                   1 
_pdbx_struct_assembly.details              author_and_software_defined_assembly 
_pdbx_struct_assembly.method_details       PISA 
_pdbx_struct_assembly.oligomeric_details   dimeric 
_pdbx_struct_assembly.oligomeric_count     2 
# 
loop_
_pdbx_struct_assembly_prop.biol_id 
_pdbx_struct_assembly_prop.type 
_pdbx_struct_assembly_prop.value 
_pdbx_struct_assembly_prop.details 
1 'ABSA (A^2)' 1340  ? 
1 MORE         -25.0 ? 
1 'SSA (A^2)'  6220  ? 
# 
_pdbx_struct_assembly_gen.assembly_id       1 
_pdbx_struct_assembly_gen.oper_expression   1 
_pdbx_struct_assembly_gen.asym_id_list      A,B,C,D,E,F 
# 
_pdbx_struct_oper_list.id                   1 
_pdbx_struct_oper_list.type                 'identity operation' 
_pdbx_struct_oper_list.name                 1_555 
_pdbx_struct_oper_list.symmetry_operation   x,y,z 
_pdbx_struct_oper_list.matrix[1][1]         1.0000000000 
_pdbx_struct_oper_list.matrix[1][2]         0.0000000000 
_pdbx_struct_oper_list.matrix[1][3]         0.0000000000 
_pdbx_struct_oper_list.vector[1]            0.0000000000 
_pdbx_struct_oper_list.matrix[2][1]         0.0000000000 
_pdbx_struct_oper_list.matrix[2][2]         1.0000000000 
_pdbx_struct_oper_list.matrix[2][3]         0.0000000000 
_pdbx_struct_oper_list.vector[2]            0.0000000000 
_pdbx_struct_oper_list.matrix[3][1]         0.0000000000 
_pdbx_struct_oper_list.matrix[3][2]         0.0000000000 
_pdbx_struct_oper_list.matrix[3][3]         1.0000000000 
_pdbx_struct_oper_list.vector[3]            0.0000000000 
# 
_struct_biol.id        1 
_struct_biol.details   ? 
# 
loop_
_struct_conf.conf_type_id 
_struct_conf.id 
_struct_conf.pdbx_PDB_helix_id 
_struct_conf.beg_label_comp_id 
_struct_conf.beg_label_asym_id 
_struct_conf.beg_label_seq_id 
_struct_conf.pdbx_beg_PDB_ins_code 
_struct_conf.end_label_comp_id 
_struct_conf.end_label_asym_id 
_struct_conf.end_label_seq_id 
_struct_conf.pdbx_end_PDB_ins_code 
_struct_conf.beg_auth_comp_id 
_struct_conf.beg_auth_asym_id 
_struct_conf.beg_auth_seq_id 
_struct_conf.end_auth_comp_id 
_struct_conf.end_auth_asym_id 
_struct_conf.end_auth_seq_id 
_struct_conf.pdbx_PDB_helix_class 
_struct_conf.details 
_struct_conf.pdbx_PDB_helix_length 
HELX_P HELX_P1 1 PRO A 14 ? LYS A 24 ? PRO A 66  LYS A 76  1 ? 11 
HELX_P HELX_P2 2 SER A 75 ? HIS A 83 ? SER A 127 HIS A 135 1 ? 9  
# 
_struct_conf_type.id          HELX_P 
_struct_conf_type.criteria    ? 
_struct_conf_type.reference   ? 
# 
loop_
_struct_conn.id 
_struct_conn.conn_type_id 
_struct_conn.pdbx_leaving_atom_flag 
_struct_conn.pdbx_PDB_id 
_struct_conn.ptnr1_label_asym_id 
_struct_conn.ptnr1_label_comp_id 
_struct_conn.ptnr1_label_seq_id 
_struct_conn.ptnr1_label_atom_id 
_struct_conn.pdbx_ptnr1_label_alt_id 
_struct_conn.pdbx_ptnr1_PDB_ins_code 
_struct_conn.pdbx_ptnr1_standard_comp_id 
_struct_conn.ptnr1_symmetry 
_struct_conn.ptnr2_label_asym_id 
_struct_conn.ptnr2_label_comp_id 
_struct_conn.ptnr2_label_seq_id 
_struct_conn.ptnr2_label_atom_id 
_struct_conn.pdbx_ptnr2_label_alt_id 
_struct_conn.pdbx_ptnr2_PDB_ins_code 
_struct_conn.ptnr1_auth_asym_id 
_struct_conn.ptnr1_auth_comp_id 
_struct_conn.ptnr1_auth_seq_id 
_struct_conn.ptnr2_auth_asym_id 
_struct_conn.ptnr2_auth_comp_id 
_struct_conn.ptnr2_auth_seq_id 
_struct_conn.ptnr2_symmetry 
_struct_conn.pdbx_ptnr3_label_atom_id 
_struct_conn.pdbx_ptnr3_label_seq_id 
_struct_conn.pdbx_ptnr3_label_comp_id 
_struct_conn.pdbx_ptnr3_label_asym_id 
_struct_conn.pdbx_ptnr3_label_alt_id 
_struct_conn.pdbx_ptnr3_PDB_ins_code 
_struct_conn.details 
_struct_conn.pdbx_dist_value 
_struct_conn.pdbx_value_order 
_struct_conn.pdbx_role 
covale1 covale both ? B ACE 1 C  ? ? ? 1_555 B PTR 2 N ? ? B ACE 1 B PTR 2   1_555 ? ? ? ? ? ? ? 1.345 ? ? 
covale2 covale both ? B PTR 2 C  ? ? ? 1_555 B 02K 3 N ? ? B PTR 2 B 02K 3   1_555 ? ? ? ? ? ? ? 1.327 ? ? 
covale3 covale both ? B 02K 3 C  ? ? ? 1_555 B ASN 4 N ? ? B 02K 3 B ASN 4   1_555 ? ? ? ? ? ? ? 1.351 ? ? 
covale4 covale both ? B ASN 4 C  ? ? ? 1_555 B NH2 5 N ? ? B ASN 4 B NH2 5   1_555 ? ? ? ? ? ? ? 1.318 ? ? 
metalc1 metalc ?    ? C NA  . NA ? ? ? 1_555 E HOH . O ? ? A NA  1 A HOH 191 1_555 ? ? ? ? ? ? ? 2.252 ? ? 
metalc2 metalc ?    ? C NA  . NA ? ? ? 1_555 E HOH . O ? ? A NA  1 A HOH 192 1_555 ? ? ? ? ? ? ? 2.780 ? ? 
metalc3 metalc ?    ? C NA  . NA ? ? ? 1_555 E HOH . O ? ? A NA  1 A HOH 202 1_555 ? ? ? ? ? ? ? 2.430 ? ? 
metalc4 metalc ?    ? C NA  . NA ? ? ? 1_555 E HOH . O ? ? A NA  1 A HOH 207 1_555 ? ? ? ? ? ? ? 2.202 ? ? 
# 
loop_
_struct_conn_type.id 
_struct_conn_type.criteria 
_struct_conn_type.reference 
covale ? ? 
metalc ? ? 
# 
loop_
_pdbx_struct_conn_angle.id 
_pdbx_struct_conn_angle.ptnr1_label_atom_id 
_pdbx_struct_conn_angle.ptnr1_label_alt_id 
_pdbx_struct_conn_angle.ptnr1_label_asym_id 
_pdbx_struct_conn_angle.ptnr1_label_comp_id 
_pdbx_struct_conn_angle.ptnr1_label_seq_id 
_pdbx_struct_conn_angle.ptnr1_auth_atom_id 
_pdbx_struct_conn_angle.ptnr1_auth_asym_id 
_pdbx_struct_conn_angle.ptnr1_auth_comp_id 
_pdbx_struct_conn_angle.ptnr1_auth_seq_id 
_pdbx_struct_conn_angle.ptnr1_PDB_ins_code 
_pdbx_struct_conn_angle.ptnr1_symmetry 
_pdbx_struct_conn_angle.ptnr2_label_atom_id 
_pdbx_struct_conn_angle.ptnr2_label_alt_id 
_pdbx_struct_conn_angle.ptnr2_label_asym_id 
_pdbx_struct_conn_angle.ptnr2_label_comp_id 
_pdbx_struct_conn_angle.ptnr2_label_seq_id 
_pdbx_struct_conn_angle.ptnr2_auth_atom_id 
_pdbx_struct_conn_angle.ptnr2_auth_asym_id 
_pdbx_struct_conn_angle.ptnr2_auth_comp_id 
_pdbx_struct_conn_angle.ptnr2_auth_seq_id 
_pdbx_struct_conn_angle.ptnr2_PDB_ins_code 
_pdbx_struct_conn_angle.ptnr2_symmetry 
_pdbx_struct_conn_angle.ptnr3_label_atom_id 
_pdbx_struct_conn_angle.ptnr3_label_alt_id 
_pdbx_struct_conn_angle.ptnr3_label_asym_id 
_pdbx_struct_conn_angle.ptnr3_label_comp_id 
_pdbx_struct_conn_angle.ptnr3_label_seq_id 
_pdbx_struct_conn_angle.ptnr3_auth_atom_id 
_pdbx_struct_conn_angle.ptnr3_auth_asym_id 
_pdbx_struct_conn_angle.ptnr3_auth_comp_id 
_pdbx_struct_conn_angle.ptnr3_auth_seq_id 
_pdbx_struct_conn_angle.ptnr3_PDB_ins_code 
_pdbx_struct_conn_angle.ptnr3_symmetry 
_pdbx_struct_conn_angle.value 
_pdbx_struct_conn_angle.value_esd 
1 O ? E HOH . ? A HOH 191 ? 1_555 NA ? C NA . ? A NA 1 ? 1_555 O ? E HOH . ? A HOH 192 ? 1_555 113.4 ? 
2 O ? E HOH . ? A HOH 191 ? 1_555 NA ? C NA . ? A NA 1 ? 1_555 O ? E HOH . ? A HOH 202 ? 1_555 141.6 ? 
3 O ? E HOH . ? A HOH 192 ? 1_555 NA ? C NA . ? A NA 1 ? 1_555 O ? E HOH . ? A HOH 202 ? 1_555 102.4 ? 
4 O ? E HOH . ? A HOH 191 ? 1_555 NA ? C NA . ? A NA 1 ? 1_555 O ? E HOH . ? A HOH 207 ? 1_555 78.3  ? 
5 O ? E HOH . ? A HOH 192 ? 1_555 NA ? C NA . ? A NA 1 ? 1_555 O ? E HOH . ? A HOH 207 ? 1_555 133.4 ? 
6 O ? E HOH . ? A HOH 202 ? 1_555 NA ? C NA . ? A NA 1 ? 1_555 O ? E HOH . ? A HOH 207 ? 1_555 87.4  ? 
# 
loop_
_pdbx_modification_feature.ordinal 
_pdbx_modification_feature.label_comp_id 
_pdbx_modification_feature.label_asym_id 
_pdbx_modification_feature.label_seq_id 
_pdbx_modification_feature.label_alt_id 
_pdbx_modification_feature.modified_residue_label_comp_id 
_pdbx_modification_feature.modified_residue_label_asym_id 
_pdbx_modification_feature.modified_residue_label_seq_id 
_pdbx_modification_feature.modified_residue_label_alt_id 
_pdbx_modification_feature.auth_comp_id 
_pdbx_modification_feature.auth_asym_id 
_pdbx_modification_feature.auth_seq_id 
_pdbx_modification_feature.PDB_ins_code 
_pdbx_modification_feature.symmetry 
_pdbx_modification_feature.modified_residue_auth_comp_id 
_pdbx_modification_feature.modified_residue_auth_asym_id 
_pdbx_modification_feature.modified_residue_auth_seq_id 
_pdbx_modification_feature.modified_residue_PDB_ins_code 
_pdbx_modification_feature.modified_residue_symmetry 
_pdbx_modification_feature.comp_id_linking_atom 
_pdbx_modification_feature.modified_residue_id_linking_atom 
_pdbx_modification_feature.modified_residue_id 
_pdbx_modification_feature.ref_pcm_id 
_pdbx_modification_feature.ref_comp_id 
_pdbx_modification_feature.type 
_pdbx_modification_feature.category 
1 PTR B 2 ? .   . . . PTR B 2 ? 1_555 .   . . . .     . . TYR 1  PTR Phosphorylation 'Named protein modification' 
2 02K B 3 ? .   . . . 02K B 3 ? 1_555 .   . . . .     . . ALA 1  02K None            'Non-standard residue'       
3 ACE B 1 ? PTR B 2 ? ACE B 1 ? 1_555 PTR B 2 ? 1_555 . . PTR 42 ACE None            'Terminal acetylation'       
4 NH2 B 5 ? ASN B 4 ? NH2 B 5 ? 1_555 ASN B 4 ? 1_555 . . ASN 17 NH2 None            'Terminal amidation'         
# 
loop_
_struct_sheet.id 
_struct_sheet.type 
_struct_sheet.number_strands 
_struct_sheet.details 
A ? 4 ? 
B ? 3 ? 
# 
loop_
_struct_sheet_order.sheet_id 
_struct_sheet_order.range_id_1 
_struct_sheet_order.range_id_2 
_struct_sheet_order.offset 
_struct_sheet_order.sense 
A 1 2 ? anti-parallel 
A 2 3 ? anti-parallel 
A 3 4 ? parallel      
B 1 2 ? anti-parallel 
B 2 3 ? anti-parallel 
# 
loop_
_struct_sheet_range.sheet_id 
_struct_sheet_range.id 
_struct_sheet_range.beg_label_comp_id 
_struct_sheet_range.beg_label_asym_id 
_struct_sheet_range.beg_label_seq_id 
_struct_sheet_range.pdbx_beg_PDB_ins_code 
_struct_sheet_range.end_label_comp_id 
_struct_sheet_range.end_label_asym_id 
_struct_sheet_range.end_label_seq_id 
_struct_sheet_range.pdbx_end_PDB_ins_code 
_struct_sheet_range.beg_auth_comp_id 
_struct_sheet_range.beg_auth_asym_id 
_struct_sheet_range.beg_auth_seq_id 
_struct_sheet_range.end_auth_comp_id 
_struct_sheet_range.end_auth_asym_id 
_struct_sheet_range.end_auth_seq_id 
A 1 ASP A 52 ? LYS A 57 ? ASP A 104 LYS A 109 
A 2 PHE A 43 ? PHE A 49 ? PHE A 95  PHE A 101 
A 3 ALA A 30 ? GLU A 35 ? ALA A 82  GLU A 87  
A 4 ARG A 97 ? ASP A 98 ? ARG A 149 ASP A 150 
B 1 LEU A 59 ? ARG A 60 ? LEU A 111 ARG A 112 
B 2 TYR A 66 ? PHE A 67 ? TYR A 118 PHE A 119 
B 3 LYS A 72 ? PHE A 73 ? LYS A 124 PHE A 125 
# 
loop_
_pdbx_struct_sheet_hbond.sheet_id 
_pdbx_struct_sheet_hbond.range_id_1 
_pdbx_struct_sheet_hbond.range_id_2 
_pdbx_struct_sheet_hbond.range_1_label_atom_id 
_pdbx_struct_sheet_hbond.range_1_label_comp_id 
_pdbx_struct_sheet_hbond.range_1_label_asym_id 
_pdbx_struct_sheet_hbond.range_1_label_seq_id 
_pdbx_struct_sheet_hbond.range_1_PDB_ins_code 
_pdbx_struct_sheet_hbond.range_1_auth_atom_id 
_pdbx_struct_sheet_hbond.range_1_auth_comp_id 
_pdbx_struct_sheet_hbond.range_1_auth_asym_id 
_pdbx_struct_sheet_hbond.range_1_auth_seq_id 
_pdbx_struct_sheet_hbond.range_2_label_atom_id 
_pdbx_struct_sheet_hbond.range_2_label_comp_id 
_pdbx_struct_sheet_hbond.range_2_label_asym_id 
_pdbx_struct_sheet_hbond.range_2_label_seq_id 
_pdbx_struct_sheet_hbond.range_2_PDB_ins_code 
_pdbx_struct_sheet_hbond.range_2_auth_atom_id 
_pdbx_struct_sheet_hbond.range_2_auth_comp_id 
_pdbx_struct_sheet_hbond.range_2_auth_asym_id 
_pdbx_struct_sheet_hbond.range_2_auth_seq_id 
A 1 2 O GLN A 54 ? O GLN A 106 N VAL A 47 ? N VAL A 99  
A 2 3 O LYS A 48 ? O LYS A 100 N ALA A 30 ? N ALA A 82  
A 3 4 N PHE A 31 ? N PHE A 83  O ARG A 97 ? O ARG A 149 
B 1 2 N LEU A 59 ? N LEU A 111 O PHE A 67 ? O PHE A 119 
B 2 3 N TYR A 66 ? N TYR A 118 O PHE A 73 ? O PHE A 125 
# 
loop_
_struct_site.id 
_struct_site.pdbx_evidence_code 
_struct_site.pdbx_auth_asym_id 
_struct_site.pdbx_auth_comp_id 
_struct_site.pdbx_auth_seq_id 
_struct_site.pdbx_auth_ins_code 
_struct_site.pdbx_num_residues 
_struct_site.details 
AC1 Software A NA 1   ? 4  'BINDING SITE FOR RESIDUE NA A 1'     
AC2 Software A CL 170 ? 3  'BINDING SITE FOR RESIDUE CL A 170'   
AC3 Software ? ?  ?   ? 19 'BINDING SITE FOR CHAIN B OF PYAC6CN' 
# 
loop_
_struct_site_gen.id 
_struct_site_gen.site_id 
_struct_site_gen.pdbx_num_res 
_struct_site_gen.label_comp_id 
_struct_site_gen.label_asym_id 
_struct_site_gen.label_seq_id 
_struct_site_gen.pdbx_auth_ins_code 
_struct_site_gen.auth_comp_id 
_struct_site_gen.auth_asym_id 
_struct_site_gen.auth_seq_id 
_struct_site_gen.label_atom_id 
_struct_site_gen.label_alt_id 
_struct_site_gen.symmetry 
_struct_site_gen.details 
1  AC1 4  HOH E .   ? HOH A 191 . ? 1_555 ? 
2  AC1 4  HOH E .   ? HOH A 192 . ? 1_555 ? 
3  AC1 4  HOH E .   ? HOH A 202 . ? 1_555 ? 
4  AC1 4  HOH E .   ? HOH A 207 . ? 1_555 ? 
5  AC2 3  HOH E .   ? HOH A 49  . ? 6_445 ? 
6  AC2 3  SER A 87  ? SER A 139 . ? 1_555 ? 
7  AC2 3  GLN A 93  ? GLN A 145 . ? 1_555 ? 
8  AC3 19 HOH E .   ? HOH A 7   . ? 1_555 ? 
9  AC3 19 HOH E .   ? HOH A 45  . ? 1_555 ? 
10 AC3 19 ARG A 15  ? ARG A 67  . ? 1_555 ? 
11 AC3 19 ARG A 26  ? ARG A 78  . ? 7_655 ? 
12 AC3 19 ARG A 34  ? ARG A 86  . ? 1_555 ? 
13 AC3 19 SER A 36  ? SER A 88  . ? 1_555 ? 
14 AC3 19 SER A 38  ? SER A 90  . ? 1_555 ? 
15 AC3 19 SER A 44  ? SER A 96  . ? 1_555 ? 
16 AC3 19 HIS A 55  ? HIS A 107 . ? 1_555 ? 
17 AC3 19 PHE A 56  ? PHE A 108 . ? 1_555 ? 
18 AC3 19 LYS A 57  ? LYS A 109 . ? 1_555 ? 
19 AC3 19 LEU A 68  ? LEU A 120 . ? 1_555 ? 
20 AC3 19 TRP A 69  ? TRP A 121 . ? 1_555 ? 
21 AC3 19 VAL A 102 ? VAL A 154 . ? 7_655 ? 
22 AC3 19 HOH E .   ? HOH A 203 . ? 7_655 ? 
23 AC3 19 HOH F .   ? HOH B 6   . ? 1_555 ? 
24 AC3 19 HOH F .   ? HOH B 7   . ? 1_555 ? 
25 AC3 19 HOH F .   ? HOH B 8   . ? 1_555 ? 
26 AC3 19 HOH F .   ? HOH B 80  . ? 1_555 ? 
# 
_pdbx_entry_details.entry_id                   3S8O 
_pdbx_entry_details.compound_details           ? 
_pdbx_entry_details.source_details             ? 
_pdbx_entry_details.nonpolymer_details         ? 
_pdbx_entry_details.sequence_details           ? 
_pdbx_entry_details.has_ligand_of_interest     ? 
_pdbx_entry_details.has_protein_modification   Y 
# 
_pdbx_validate_rmsd_bond.id                        1 
_pdbx_validate_rmsd_bond.PDB_model_num             1 
_pdbx_validate_rmsd_bond.auth_atom_id_1            CD 
_pdbx_validate_rmsd_bond.auth_asym_id_1            A 
_pdbx_validate_rmsd_bond.auth_comp_id_1            GLU 
_pdbx_validate_rmsd_bond.auth_seq_id_1             152 
_pdbx_validate_rmsd_bond.PDB_ins_code_1            ? 
_pdbx_validate_rmsd_bond.label_alt_id_1            ? 
_pdbx_validate_rmsd_bond.auth_atom_id_2            OE2 
_pdbx_validate_rmsd_bond.auth_asym_id_2            A 
_pdbx_validate_rmsd_bond.auth_comp_id_2            GLU 
_pdbx_validate_rmsd_bond.auth_seq_id_2             152 
_pdbx_validate_rmsd_bond.PDB_ins_code_2            ? 
_pdbx_validate_rmsd_bond.label_alt_id_2            ? 
_pdbx_validate_rmsd_bond.bond_value                1.175 
_pdbx_validate_rmsd_bond.bond_target_value         1.252 
_pdbx_validate_rmsd_bond.bond_deviation            -0.077 
_pdbx_validate_rmsd_bond.bond_standard_deviation   0.011 
_pdbx_validate_rmsd_bond.linker_flag               N 
# 
loop_
_pdbx_validate_torsion.id 
_pdbx_validate_torsion.PDB_model_num 
_pdbx_validate_torsion.auth_comp_id 
_pdbx_validate_torsion.auth_asym_id 
_pdbx_validate_torsion.auth_seq_id 
_pdbx_validate_torsion.PDB_ins_code 
_pdbx_validate_torsion.label_alt_id 
_pdbx_validate_torsion.phi 
_pdbx_validate_torsion.psi 
1 1 TRP A 121 ? ? -127.46 -70.48 
2 1 VAL A 122 ? ? -133.48 -45.89 
3 1 GLN A 153 ? ? 99.71   116.69 
# 
loop_
_pdbx_struct_mod_residue.id 
_pdbx_struct_mod_residue.label_asym_id 
_pdbx_struct_mod_residue.label_comp_id 
_pdbx_struct_mod_residue.label_seq_id 
_pdbx_struct_mod_residue.auth_asym_id 
_pdbx_struct_mod_residue.auth_comp_id 
_pdbx_struct_mod_residue.auth_seq_id 
_pdbx_struct_mod_residue.PDB_ins_code 
_pdbx_struct_mod_residue.parent_comp_id 
_pdbx_struct_mod_residue.details 
1 B PTR 2 B PTR 2 ? TYR O-PHOSPHOTYROSINE                   
2 B 02K 3 B 02K 3 ? ALA '1-AMINOCYCLOHEXANECARBOXYLIC ACID' 
# 
loop_
_pdbx_unobs_or_zero_occ_residues.id 
_pdbx_unobs_or_zero_occ_residues.PDB_model_num 
_pdbx_unobs_or_zero_occ_residues.polymer_flag 
_pdbx_unobs_or_zero_occ_residues.occupancy_flag 
_pdbx_unobs_or_zero_occ_residues.auth_asym_id 
_pdbx_unobs_or_zero_occ_residues.auth_comp_id 
_pdbx_unobs_or_zero_occ_residues.auth_seq_id 
_pdbx_unobs_or_zero_occ_residues.PDB_ins_code 
_pdbx_unobs_or_zero_occ_residues.label_asym_id 
_pdbx_unobs_or_zero_occ_residues.label_comp_id 
_pdbx_unobs_or_zero_occ_residues.label_seq_id 
1  1 Y 1 A ILE 53  ? A ILE 1   
2  1 Y 1 A PRO 155 ? A PRO 103 
3  1 Y 1 A GLN 156 ? A GLN 104 
4  1 Y 1 A GLN 157 ? A GLN 105 
5  1 Y 1 A PRO 158 ? A PRO 106 
6  1 Y 1 A THR 159 ? A THR 107 
7  1 Y 1 A TYR 160 ? A TYR 108 
8  1 Y 1 A VAL 161 ? A VAL 109 
9  1 Y 1 A GLN 162 ? A GLN 110 
10 1 Y 1 A ALA 163 ? A ALA 111 
11 1 Y 1 A HIS 164 ? A HIS 112 
12 1 Y 1 A HIS 165 ? A HIS 113 
13 1 Y 1 A HIS 166 ? A HIS 114 
14 1 Y 1 A HIS 167 ? A HIS 115 
15 1 Y 1 A HIS 168 ? A HIS 116 
16 1 Y 1 A HIS 169 ? A HIS 117 
# 
loop_
_chem_comp_atom.comp_id 
_chem_comp_atom.atom_id 
_chem_comp_atom.type_symbol 
_chem_comp_atom.pdbx_aromatic_flag 
_chem_comp_atom.pdbx_stereo_config 
_chem_comp_atom.pdbx_ordinal 
02K O    O  N N 1   
02K CD   C  N N 2   
02K CG   C  N N 3   
02K CE   C  N N 4   
02K CB   C  N N 5   
02K CH   C  N N 6   
02K N    N  N N 7   
02K C    C  N N 8   
02K CA   C  N N 9   
02K HAP  H  N N 10  
02K HAPA H  N N 11  
02K HAQ  H  N N 12  
02K HAQA H  N N 13  
02K HAR  H  N N 14  
02K HARA H  N N 15  
02K HB1  H  N N 16  
02K HB2  H  N N 17  
02K HAT  H  N N 18  
02K HATA H  N N 19  
02K H    H  N N 20  
02K OXT  O  N N 21  
02K HXT  H  N N 22  
02K H2   H  N N 23  
ACE C    C  N N 24  
ACE O    O  N N 25  
ACE CH3  C  N N 26  
ACE H    H  N N 27  
ACE H1   H  N N 28  
ACE H2   H  N N 29  
ACE H3   H  N N 30  
ALA N    N  N N 31  
ALA CA   C  N S 32  
ALA C    C  N N 33  
ALA O    O  N N 34  
ALA CB   C  N N 35  
ALA OXT  O  N N 36  
ALA H    H  N N 37  
ALA H2   H  N N 38  
ALA HA   H  N N 39  
ALA HB1  H  N N 40  
ALA HB2  H  N N 41  
ALA HB3  H  N N 42  
ALA HXT  H  N N 43  
ARG N    N  N N 44  
ARG CA   C  N S 45  
ARG C    C  N N 46  
ARG O    O  N N 47  
ARG CB   C  N N 48  
ARG CG   C  N N 49  
ARG CD   C  N N 50  
ARG NE   N  N N 51  
ARG CZ   C  N N 52  
ARG NH1  N  N N 53  
ARG NH2  N  N N 54  
ARG OXT  O  N N 55  
ARG H    H  N N 56  
ARG H2   H  N N 57  
ARG HA   H  N N 58  
ARG HB2  H  N N 59  
ARG HB3  H  N N 60  
ARG HG2  H  N N 61  
ARG HG3  H  N N 62  
ARG HD2  H  N N 63  
ARG HD3  H  N N 64  
ARG HE   H  N N 65  
ARG HH11 H  N N 66  
ARG HH12 H  N N 67  
ARG HH21 H  N N 68  
ARG HH22 H  N N 69  
ARG HXT  H  N N 70  
ASN N    N  N N 71  
ASN CA   C  N S 72  
ASN C    C  N N 73  
ASN O    O  N N 74  
ASN CB   C  N N 75  
ASN CG   C  N N 76  
ASN OD1  O  N N 77  
ASN ND2  N  N N 78  
ASN OXT  O  N N 79  
ASN H    H  N N 80  
ASN H2   H  N N 81  
ASN HA   H  N N 82  
ASN HB2  H  N N 83  
ASN HB3  H  N N 84  
ASN HD21 H  N N 85  
ASN HD22 H  N N 86  
ASN HXT  H  N N 87  
ASP N    N  N N 88  
ASP CA   C  N S 89  
ASP C    C  N N 90  
ASP O    O  N N 91  
ASP CB   C  N N 92  
ASP CG   C  N N 93  
ASP OD1  O  N N 94  
ASP OD2  O  N N 95  
ASP OXT  O  N N 96  
ASP H    H  N N 97  
ASP H2   H  N N 98  
ASP HA   H  N N 99  
ASP HB2  H  N N 100 
ASP HB3  H  N N 101 
ASP HD2  H  N N 102 
ASP HXT  H  N N 103 
CL  CL   CL N N 104 
GLN N    N  N N 105 
GLN CA   C  N S 106 
GLN C    C  N N 107 
GLN O    O  N N 108 
GLN CB   C  N N 109 
GLN CG   C  N N 110 
GLN CD   C  N N 111 
GLN OE1  O  N N 112 
GLN NE2  N  N N 113 
GLN OXT  O  N N 114 
GLN H    H  N N 115 
GLN H2   H  N N 116 
GLN HA   H  N N 117 
GLN HB2  H  N N 118 
GLN HB3  H  N N 119 
GLN HG2  H  N N 120 
GLN HG3  H  N N 121 
GLN HE21 H  N N 122 
GLN HE22 H  N N 123 
GLN HXT  H  N N 124 
GLU N    N  N N 125 
GLU CA   C  N S 126 
GLU C    C  N N 127 
GLU O    O  N N 128 
GLU CB   C  N N 129 
GLU CG   C  N N 130 
GLU CD   C  N N 131 
GLU OE1  O  N N 132 
GLU OE2  O  N N 133 
GLU OXT  O  N N 134 
GLU H    H  N N 135 
GLU H2   H  N N 136 
GLU HA   H  N N 137 
GLU HB2  H  N N 138 
GLU HB3  H  N N 139 
GLU HG2  H  N N 140 
GLU HG3  H  N N 141 
GLU HE2  H  N N 142 
GLU HXT  H  N N 143 
GLY N    N  N N 144 
GLY CA   C  N N 145 
GLY C    C  N N 146 
GLY O    O  N N 147 
GLY OXT  O  N N 148 
GLY H    H  N N 149 
GLY H2   H  N N 150 
GLY HA2  H  N N 151 
GLY HA3  H  N N 152 
GLY HXT  H  N N 153 
HIS N    N  N N 154 
HIS CA   C  N S 155 
HIS C    C  N N 156 
HIS O    O  N N 157 
HIS CB   C  N N 158 
HIS CG   C  Y N 159 
HIS ND1  N  Y N 160 
HIS CD2  C  Y N 161 
HIS CE1  C  Y N 162 
HIS NE2  N  Y N 163 
HIS OXT  O  N N 164 
HIS H    H  N N 165 
HIS H2   H  N N 166 
HIS HA   H  N N 167 
HIS HB2  H  N N 168 
HIS HB3  H  N N 169 
HIS HD1  H  N N 170 
HIS HD2  H  N N 171 
HIS HE1  H  N N 172 
HIS HE2  H  N N 173 
HIS HXT  H  N N 174 
HOH O    O  N N 175 
HOH H1   H  N N 176 
HOH H2   H  N N 177 
ILE N    N  N N 178 
ILE CA   C  N S 179 
ILE C    C  N N 180 
ILE O    O  N N 181 
ILE CB   C  N S 182 
ILE CG1  C  N N 183 
ILE CG2  C  N N 184 
ILE CD1  C  N N 185 
ILE OXT  O  N N 186 
ILE H    H  N N 187 
ILE H2   H  N N 188 
ILE HA   H  N N 189 
ILE HB   H  N N 190 
ILE HG12 H  N N 191 
ILE HG13 H  N N 192 
ILE HG21 H  N N 193 
ILE HG22 H  N N 194 
ILE HG23 H  N N 195 
ILE HD11 H  N N 196 
ILE HD12 H  N N 197 
ILE HD13 H  N N 198 
ILE HXT  H  N N 199 
LEU N    N  N N 200 
LEU CA   C  N S 201 
LEU C    C  N N 202 
LEU O    O  N N 203 
LEU CB   C  N N 204 
LEU CG   C  N N 205 
LEU CD1  C  N N 206 
LEU CD2  C  N N 207 
LEU OXT  O  N N 208 
LEU H    H  N N 209 
LEU H2   H  N N 210 
LEU HA   H  N N 211 
LEU HB2  H  N N 212 
LEU HB3  H  N N 213 
LEU HG   H  N N 214 
LEU HD11 H  N N 215 
LEU HD12 H  N N 216 
LEU HD13 H  N N 217 
LEU HD21 H  N N 218 
LEU HD22 H  N N 219 
LEU HD23 H  N N 220 
LEU HXT  H  N N 221 
LYS N    N  N N 222 
LYS CA   C  N S 223 
LYS C    C  N N 224 
LYS O    O  N N 225 
LYS CB   C  N N 226 
LYS CG   C  N N 227 
LYS CD   C  N N 228 
LYS CE   C  N N 229 
LYS NZ   N  N N 230 
LYS OXT  O  N N 231 
LYS H    H  N N 232 
LYS H2   H  N N 233 
LYS HA   H  N N 234 
LYS HB2  H  N N 235 
LYS HB3  H  N N 236 
LYS HG2  H  N N 237 
LYS HG3  H  N N 238 
LYS HD2  H  N N 239 
LYS HD3  H  N N 240 
LYS HE2  H  N N 241 
LYS HE3  H  N N 242 
LYS HZ1  H  N N 243 
LYS HZ2  H  N N 244 
LYS HZ3  H  N N 245 
LYS HXT  H  N N 246 
MET N    N  N N 247 
MET CA   C  N S 248 
MET C    C  N N 249 
MET O    O  N N 250 
MET CB   C  N N 251 
MET CG   C  N N 252 
MET SD   S  N N 253 
MET CE   C  N N 254 
MET OXT  O  N N 255 
MET H    H  N N 256 
MET H2   H  N N 257 
MET HA   H  N N 258 
MET HB2  H  N N 259 
MET HB3  H  N N 260 
MET HG2  H  N N 261 
MET HG3  H  N N 262 
MET HE1  H  N N 263 
MET HE2  H  N N 264 
MET HE3  H  N N 265 
MET HXT  H  N N 266 
NA  NA   NA N N 267 
NH2 N    N  N N 268 
NH2 HN1  H  N N 269 
NH2 HN2  H  N N 270 
PHE N    N  N N 271 
PHE CA   C  N S 272 
PHE C    C  N N 273 
PHE O    O  N N 274 
PHE CB   C  N N 275 
PHE CG   C  Y N 276 
PHE CD1  C  Y N 277 
PHE CD2  C  Y N 278 
PHE CE1  C  Y N 279 
PHE CE2  C  Y N 280 
PHE CZ   C  Y N 281 
PHE OXT  O  N N 282 
PHE H    H  N N 283 
PHE H2   H  N N 284 
PHE HA   H  N N 285 
PHE HB2  H  N N 286 
PHE HB3  H  N N 287 
PHE HD1  H  N N 288 
PHE HD2  H  N N 289 
PHE HE1  H  N N 290 
PHE HE2  H  N N 291 
PHE HZ   H  N N 292 
PHE HXT  H  N N 293 
PRO N    N  N N 294 
PRO CA   C  N S 295 
PRO C    C  N N 296 
PRO O    O  N N 297 
PRO CB   C  N N 298 
PRO CG   C  N N 299 
PRO CD   C  N N 300 
PRO OXT  O  N N 301 
PRO H    H  N N 302 
PRO HA   H  N N 303 
PRO HB2  H  N N 304 
PRO HB3  H  N N 305 
PRO HG2  H  N N 306 
PRO HG3  H  N N 307 
PRO HD2  H  N N 308 
PRO HD3  H  N N 309 
PRO HXT  H  N N 310 
PTR N    N  N N 311 
PTR CA   C  N S 312 
PTR C    C  N N 313 
PTR O    O  N N 314 
PTR OXT  O  N N 315 
PTR CB   C  N N 316 
PTR CG   C  Y N 317 
PTR CD1  C  Y N 318 
PTR CD2  C  Y N 319 
PTR CE1  C  Y N 320 
PTR CE2  C  Y N 321 
PTR CZ   C  Y N 322 
PTR OH   O  N N 323 
PTR P    P  N N 324 
PTR O1P  O  N N 325 
PTR O2P  O  N N 326 
PTR O3P  O  N N 327 
PTR H    H  N N 328 
PTR H2   H  N N 329 
PTR HA   H  N N 330 
PTR HXT  H  N N 331 
PTR HB2  H  N N 332 
PTR HB3  H  N N 333 
PTR HD1  H  N N 334 
PTR HD2  H  N N 335 
PTR HE1  H  N N 336 
PTR HE2  H  N N 337 
PTR HO2P H  N N 338 
PTR HO3P H  N N 339 
SER N    N  N N 340 
SER CA   C  N S 341 
SER C    C  N N 342 
SER O    O  N N 343 
SER CB   C  N N 344 
SER OG   O  N N 345 
SER OXT  O  N N 346 
SER H    H  N N 347 
SER H2   H  N N 348 
SER HA   H  N N 349 
SER HB2  H  N N 350 
SER HB3  H  N N 351 
SER HG   H  N N 352 
SER HXT  H  N N 353 
THR N    N  N N 354 
THR CA   C  N S 355 
THR C    C  N N 356 
THR O    O  N N 357 
THR CB   C  N R 358 
THR OG1  O  N N 359 
THR CG2  C  N N 360 
THR OXT  O  N N 361 
THR H    H  N N 362 
THR H2   H  N N 363 
THR HA   H  N N 364 
THR HB   H  N N 365 
THR HG1  H  N N 366 
THR HG21 H  N N 367 
THR HG22 H  N N 368 
THR HG23 H  N N 369 
THR HXT  H  N N 370 
TRP N    N  N N 371 
TRP CA   C  N S 372 
TRP C    C  N N 373 
TRP O    O  N N 374 
TRP CB   C  N N 375 
TRP CG   C  Y N 376 
TRP CD1  C  Y N 377 
TRP CD2  C  Y N 378 
TRP NE1  N  Y N 379 
TRP CE2  C  Y N 380 
TRP CE3  C  Y N 381 
TRP CZ2  C  Y N 382 
TRP CZ3  C  Y N 383 
TRP CH2  C  Y N 384 
TRP OXT  O  N N 385 
TRP H    H  N N 386 
TRP H2   H  N N 387 
TRP HA   H  N N 388 
TRP HB2  H  N N 389 
TRP HB3  H  N N 390 
TRP HD1  H  N N 391 
TRP HE1  H  N N 392 
TRP HE3  H  N N 393 
TRP HZ2  H  N N 394 
TRP HZ3  H  N N 395 
TRP HH2  H  N N 396 
TRP HXT  H  N N 397 
TYR N    N  N N 398 
TYR CA   C  N S 399 
TYR C    C  N N 400 
TYR O    O  N N 401 
TYR CB   C  N N 402 
TYR CG   C  Y N 403 
TYR CD1  C  Y N 404 
TYR CD2  C  Y N 405 
TYR CE1  C  Y N 406 
TYR CE2  C  Y N 407 
TYR CZ   C  Y N 408 
TYR OH   O  N N 409 
TYR OXT  O  N N 410 
TYR H    H  N N 411 
TYR H2   H  N N 412 
TYR HA   H  N N 413 
TYR HB2  H  N N 414 
TYR HB3  H  N N 415 
TYR HD1  H  N N 416 
TYR HD2  H  N N 417 
TYR HE1  H  N N 418 
TYR HE2  H  N N 419 
TYR HH   H  N N 420 
TYR HXT  H  N N 421 
VAL N    N  N N 422 
VAL CA   C  N S 423 
VAL C    C  N N 424 
VAL O    O  N N 425 
VAL CB   C  N N 426 
VAL CG1  C  N N 427 
VAL CG2  C  N N 428 
VAL OXT  O  N N 429 
VAL H    H  N N 430 
VAL H2   H  N N 431 
VAL HA   H  N N 432 
VAL HB   H  N N 433 
VAL HG11 H  N N 434 
VAL HG12 H  N N 435 
VAL HG13 H  N N 436 
VAL HG21 H  N N 437 
VAL HG22 H  N N 438 
VAL HG23 H  N N 439 
VAL HXT  H  N N 440 
# 
loop_
_chem_comp_bond.comp_id 
_chem_comp_bond.atom_id_1 
_chem_comp_bond.atom_id_2 
_chem_comp_bond.value_order 
_chem_comp_bond.pdbx_aromatic_flag 
_chem_comp_bond.pdbx_stereo_config 
_chem_comp_bond.pdbx_ordinal 
02K C   O    doub N N 1   
02K CE  CD   sing N N 2   
02K CD  CG   sing N N 3   
02K CD  HAP  sing N N 4   
02K CD  HAPA sing N N 5   
02K CG  CB   sing N N 6   
02K CG  HAQ  sing N N 7   
02K CG  HAQA sing N N 8   
02K CE  CH   sing N N 9   
02K CE  HAR  sing N N 10  
02K CE  HARA sing N N 11  
02K CA  CB   sing N N 12  
02K CB  HB1  sing N N 13  
02K CB  HB2  sing N N 14  
02K CH  CA   sing N N 15  
02K CH  HAT  sing N N 16  
02K CH  HATA sing N N 17  
02K N   CA   sing N N 18  
02K N   H    sing N N 19  
02K CA  C    sing N N 20  
02K C   OXT  sing N N 21  
02K OXT HXT  sing N N 22  
02K N   H2   sing N N 23  
ACE C   O    doub N N 24  
ACE C   CH3  sing N N 25  
ACE C   H    sing N N 26  
ACE CH3 H1   sing N N 27  
ACE CH3 H2   sing N N 28  
ACE CH3 H3   sing N N 29  
ALA N   CA   sing N N 30  
ALA N   H    sing N N 31  
ALA N   H2   sing N N 32  
ALA CA  C    sing N N 33  
ALA CA  CB   sing N N 34  
ALA CA  HA   sing N N 35  
ALA C   O    doub N N 36  
ALA C   OXT  sing N N 37  
ALA CB  HB1  sing N N 38  
ALA CB  HB2  sing N N 39  
ALA CB  HB3  sing N N 40  
ALA OXT HXT  sing N N 41  
ARG N   CA   sing N N 42  
ARG N   H    sing N N 43  
ARG N   H2   sing N N 44  
ARG CA  C    sing N N 45  
ARG CA  CB   sing N N 46  
ARG CA  HA   sing N N 47  
ARG C   O    doub N N 48  
ARG C   OXT  sing N N 49  
ARG CB  CG   sing N N 50  
ARG CB  HB2  sing N N 51  
ARG CB  HB3  sing N N 52  
ARG CG  CD   sing N N 53  
ARG CG  HG2  sing N N 54  
ARG CG  HG3  sing N N 55  
ARG CD  NE   sing N N 56  
ARG CD  HD2  sing N N 57  
ARG CD  HD3  sing N N 58  
ARG NE  CZ   sing N N 59  
ARG NE  HE   sing N N 60  
ARG CZ  NH1  sing N N 61  
ARG CZ  NH2  doub N N 62  
ARG NH1 HH11 sing N N 63  
ARG NH1 HH12 sing N N 64  
ARG NH2 HH21 sing N N 65  
ARG NH2 HH22 sing N N 66  
ARG OXT HXT  sing N N 67  
ASN N   CA   sing N N 68  
ASN N   H    sing N N 69  
ASN N   H2   sing N N 70  
ASN CA  C    sing N N 71  
ASN CA  CB   sing N N 72  
ASN CA  HA   sing N N 73  
ASN C   O    doub N N 74  
ASN C   OXT  sing N N 75  
ASN CB  CG   sing N N 76  
ASN CB  HB2  sing N N 77  
ASN CB  HB3  sing N N 78  
ASN CG  OD1  doub N N 79  
ASN CG  ND2  sing N N 80  
ASN ND2 HD21 sing N N 81  
ASN ND2 HD22 sing N N 82  
ASN OXT HXT  sing N N 83  
ASP N   CA   sing N N 84  
ASP N   H    sing N N 85  
ASP N   H2   sing N N 86  
ASP CA  C    sing N N 87  
ASP CA  CB   sing N N 88  
ASP CA  HA   sing N N 89  
ASP C   O    doub N N 90  
ASP C   OXT  sing N N 91  
ASP CB  CG   sing N N 92  
ASP CB  HB2  sing N N 93  
ASP CB  HB3  sing N N 94  
ASP CG  OD1  doub N N 95  
ASP CG  OD2  sing N N 96  
ASP OD2 HD2  sing N N 97  
ASP OXT HXT  sing N N 98  
GLN N   CA   sing N N 99  
GLN N   H    sing N N 100 
GLN N   H2   sing N N 101 
GLN CA  C    sing N N 102 
GLN CA  CB   sing N N 103 
GLN CA  HA   sing N N 104 
GLN C   O    doub N N 105 
GLN C   OXT  sing N N 106 
GLN CB  CG   sing N N 107 
GLN CB  HB2  sing N N 108 
GLN CB  HB3  sing N N 109 
GLN CG  CD   sing N N 110 
GLN CG  HG2  sing N N 111 
GLN CG  HG3  sing N N 112 
GLN CD  OE1  doub N N 113 
GLN CD  NE2  sing N N 114 
GLN NE2 HE21 sing N N 115 
GLN NE2 HE22 sing N N 116 
GLN OXT HXT  sing N N 117 
GLU N   CA   sing N N 118 
GLU N   H    sing N N 119 
GLU N   H2   sing N N 120 
GLU CA  C    sing N N 121 
GLU CA  CB   sing N N 122 
GLU CA  HA   sing N N 123 
GLU C   O    doub N N 124 
GLU C   OXT  sing N N 125 
GLU CB  CG   sing N N 126 
GLU CB  HB2  sing N N 127 
GLU CB  HB3  sing N N 128 
GLU CG  CD   sing N N 129 
GLU CG  HG2  sing N N 130 
GLU CG  HG3  sing N N 131 
GLU CD  OE1  doub N N 132 
GLU CD  OE2  sing N N 133 
GLU OE2 HE2  sing N N 134 
GLU OXT HXT  sing N N 135 
GLY N   CA   sing N N 136 
GLY N   H    sing N N 137 
GLY N   H2   sing N N 138 
GLY CA  C    sing N N 139 
GLY CA  HA2  sing N N 140 
GLY CA  HA3  sing N N 141 
GLY C   O    doub N N 142 
GLY C   OXT  sing N N 143 
GLY OXT HXT  sing N N 144 
HIS N   CA   sing N N 145 
HIS N   H    sing N N 146 
HIS N   H2   sing N N 147 
HIS CA  C    sing N N 148 
HIS CA  CB   sing N N 149 
HIS CA  HA   sing N N 150 
HIS C   O    doub N N 151 
HIS C   OXT  sing N N 152 
HIS CB  CG   sing N N 153 
HIS CB  HB2  sing N N 154 
HIS CB  HB3  sing N N 155 
HIS CG  ND1  sing Y N 156 
HIS CG  CD2  doub Y N 157 
HIS ND1 CE1  doub Y N 158 
HIS ND1 HD1  sing N N 159 
HIS CD2 NE2  sing Y N 160 
HIS CD2 HD2  sing N N 161 
HIS CE1 NE2  sing Y N 162 
HIS CE1 HE1  sing N N 163 
HIS NE2 HE2  sing N N 164 
HIS OXT HXT  sing N N 165 
HOH O   H1   sing N N 166 
HOH O   H2   sing N N 167 
ILE N   CA   sing N N 168 
ILE N   H    sing N N 169 
ILE N   H2   sing N N 170 
ILE CA  C    sing N N 171 
ILE CA  CB   sing N N 172 
ILE CA  HA   sing N N 173 
ILE C   O    doub N N 174 
ILE C   OXT  sing N N 175 
ILE CB  CG1  sing N N 176 
ILE CB  CG2  sing N N 177 
ILE CB  HB   sing N N 178 
ILE CG1 CD1  sing N N 179 
ILE CG1 HG12 sing N N 180 
ILE CG1 HG13 sing N N 181 
ILE CG2 HG21 sing N N 182 
ILE CG2 HG22 sing N N 183 
ILE CG2 HG23 sing N N 184 
ILE CD1 HD11 sing N N 185 
ILE CD1 HD12 sing N N 186 
ILE CD1 HD13 sing N N 187 
ILE OXT HXT  sing N N 188 
LEU N   CA   sing N N 189 
LEU N   H    sing N N 190 
LEU N   H2   sing N N 191 
LEU CA  C    sing N N 192 
LEU CA  CB   sing N N 193 
LEU CA  HA   sing N N 194 
LEU C   O    doub N N 195 
LEU C   OXT  sing N N 196 
LEU CB  CG   sing N N 197 
LEU CB  HB2  sing N N 198 
LEU CB  HB3  sing N N 199 
LEU CG  CD1  sing N N 200 
LEU CG  CD2  sing N N 201 
LEU CG  HG   sing N N 202 
LEU CD1 HD11 sing N N 203 
LEU CD1 HD12 sing N N 204 
LEU CD1 HD13 sing N N 205 
LEU CD2 HD21 sing N N 206 
LEU CD2 HD22 sing N N 207 
LEU CD2 HD23 sing N N 208 
LEU OXT HXT  sing N N 209 
LYS N   CA   sing N N 210 
LYS N   H    sing N N 211 
LYS N   H2   sing N N 212 
LYS CA  C    sing N N 213 
LYS CA  CB   sing N N 214 
LYS CA  HA   sing N N 215 
LYS C   O    doub N N 216 
LYS C   OXT  sing N N 217 
LYS CB  CG   sing N N 218 
LYS CB  HB2  sing N N 219 
LYS CB  HB3  sing N N 220 
LYS CG  CD   sing N N 221 
LYS CG  HG2  sing N N 222 
LYS CG  HG3  sing N N 223 
LYS CD  CE   sing N N 224 
LYS CD  HD2  sing N N 225 
LYS CD  HD3  sing N N 226 
LYS CE  NZ   sing N N 227 
LYS CE  HE2  sing N N 228 
LYS CE  HE3  sing N N 229 
LYS NZ  HZ1  sing N N 230 
LYS NZ  HZ2  sing N N 231 
LYS NZ  HZ3  sing N N 232 
LYS OXT HXT  sing N N 233 
MET N   CA   sing N N 234 
MET N   H    sing N N 235 
MET N   H2   sing N N 236 
MET CA  C    sing N N 237 
MET CA  CB   sing N N 238 
MET CA  HA   sing N N 239 
MET C   O    doub N N 240 
MET C   OXT  sing N N 241 
MET CB  CG   sing N N 242 
MET CB  HB2  sing N N 243 
MET CB  HB3  sing N N 244 
MET CG  SD   sing N N 245 
MET CG  HG2  sing N N 246 
MET CG  HG3  sing N N 247 
MET SD  CE   sing N N 248 
MET CE  HE1  sing N N 249 
MET CE  HE2  sing N N 250 
MET CE  HE3  sing N N 251 
MET OXT HXT  sing N N 252 
NH2 N   HN1  sing N N 253 
NH2 N   HN2  sing N N 254 
PHE N   CA   sing N N 255 
PHE N   H    sing N N 256 
PHE N   H2   sing N N 257 
PHE CA  C    sing N N 258 
PHE CA  CB   sing N N 259 
PHE CA  HA   sing N N 260 
PHE C   O    doub N N 261 
PHE C   OXT  sing N N 262 
PHE CB  CG   sing N N 263 
PHE CB  HB2  sing N N 264 
PHE CB  HB3  sing N N 265 
PHE CG  CD1  doub Y N 266 
PHE CG  CD2  sing Y N 267 
PHE CD1 CE1  sing Y N 268 
PHE CD1 HD1  sing N N 269 
PHE CD2 CE2  doub Y N 270 
PHE CD2 HD2  sing N N 271 
PHE CE1 CZ   doub Y N 272 
PHE CE1 HE1  sing N N 273 
PHE CE2 CZ   sing Y N 274 
PHE CE2 HE2  sing N N 275 
PHE CZ  HZ   sing N N 276 
PHE OXT HXT  sing N N 277 
PRO N   CA   sing N N 278 
PRO N   CD   sing N N 279 
PRO N   H    sing N N 280 
PRO CA  C    sing N N 281 
PRO CA  CB   sing N N 282 
PRO CA  HA   sing N N 283 
PRO C   O    doub N N 284 
PRO C   OXT  sing N N 285 
PRO CB  CG   sing N N 286 
PRO CB  HB2  sing N N 287 
PRO CB  HB3  sing N N 288 
PRO CG  CD   sing N N 289 
PRO CG  HG2  sing N N 290 
PRO CG  HG3  sing N N 291 
PRO CD  HD2  sing N N 292 
PRO CD  HD3  sing N N 293 
PRO OXT HXT  sing N N 294 
PTR N   CA   sing N N 295 
PTR N   H    sing N N 296 
PTR N   H2   sing N N 297 
PTR CA  C    sing N N 298 
PTR CA  CB   sing N N 299 
PTR CA  HA   sing N N 300 
PTR C   O    doub N N 301 
PTR C   OXT  sing N N 302 
PTR OXT HXT  sing N N 303 
PTR CB  CG   sing N N 304 
PTR CB  HB2  sing N N 305 
PTR CB  HB3  sing N N 306 
PTR CG  CD1  doub Y N 307 
PTR CG  CD2  sing Y N 308 
PTR CD1 CE1  sing Y N 309 
PTR CD1 HD1  sing N N 310 
PTR CD2 CE2  doub Y N 311 
PTR CD2 HD2  sing N N 312 
PTR CE1 CZ   doub Y N 313 
PTR CE1 HE1  sing N N 314 
PTR CE2 CZ   sing Y N 315 
PTR CE2 HE2  sing N N 316 
PTR CZ  OH   sing N N 317 
PTR OH  P    sing N N 318 
PTR P   O1P  doub N N 319 
PTR P   O2P  sing N N 320 
PTR P   O3P  sing N N 321 
PTR O2P HO2P sing N N 322 
PTR O3P HO3P sing N N 323 
SER N   CA   sing N N 324 
SER N   H    sing N N 325 
SER N   H2   sing N N 326 
SER CA  C    sing N N 327 
SER CA  CB   sing N N 328 
SER CA  HA   sing N N 329 
SER C   O    doub N N 330 
SER C   OXT  sing N N 331 
SER CB  OG   sing N N 332 
SER CB  HB2  sing N N 333 
SER CB  HB3  sing N N 334 
SER OG  HG   sing N N 335 
SER OXT HXT  sing N N 336 
THR N   CA   sing N N 337 
THR N   H    sing N N 338 
THR N   H2   sing N N 339 
THR CA  C    sing N N 340 
THR CA  CB   sing N N 341 
THR CA  HA   sing N N 342 
THR C   O    doub N N 343 
THR C   OXT  sing N N 344 
THR CB  OG1  sing N N 345 
THR CB  CG2  sing N N 346 
THR CB  HB   sing N N 347 
THR OG1 HG1  sing N N 348 
THR CG2 HG21 sing N N 349 
THR CG2 HG22 sing N N 350 
THR CG2 HG23 sing N N 351 
THR OXT HXT  sing N N 352 
TRP N   CA   sing N N 353 
TRP N   H    sing N N 354 
TRP N   H2   sing N N 355 
TRP CA  C    sing N N 356 
TRP CA  CB   sing N N 357 
TRP CA  HA   sing N N 358 
TRP C   O    doub N N 359 
TRP C   OXT  sing N N 360 
TRP CB  CG   sing N N 361 
TRP CB  HB2  sing N N 362 
TRP CB  HB3  sing N N 363 
TRP CG  CD1  doub Y N 364 
TRP CG  CD2  sing Y N 365 
TRP CD1 NE1  sing Y N 366 
TRP CD1 HD1  sing N N 367 
TRP CD2 CE2  doub Y N 368 
TRP CD2 CE3  sing Y N 369 
TRP NE1 CE2  sing Y N 370 
TRP NE1 HE1  sing N N 371 
TRP CE2 CZ2  sing Y N 372 
TRP CE3 CZ3  doub Y N 373 
TRP CE3 HE3  sing N N 374 
TRP CZ2 CH2  doub Y N 375 
TRP CZ2 HZ2  sing N N 376 
TRP CZ3 CH2  sing Y N 377 
TRP CZ3 HZ3  sing N N 378 
TRP CH2 HH2  sing N N 379 
TRP OXT HXT  sing N N 380 
TYR N   CA   sing N N 381 
TYR N   H    sing N N 382 
TYR N   H2   sing N N 383 
TYR CA  C    sing N N 384 
TYR CA  CB   sing N N 385 
TYR CA  HA   sing N N 386 
TYR C   O    doub N N 387 
TYR C   OXT  sing N N 388 
TYR CB  CG   sing N N 389 
TYR CB  HB2  sing N N 390 
TYR CB  HB3  sing N N 391 
TYR CG  CD1  doub Y N 392 
TYR CG  CD2  sing Y N 393 
TYR CD1 CE1  sing Y N 394 
TYR CD1 HD1  sing N N 395 
TYR CD2 CE2  doub Y N 396 
TYR CD2 HD2  sing N N 397 
TYR CE1 CZ   doub Y N 398 
TYR CE1 HE1  sing N N 399 
TYR CE2 CZ   sing Y N 400 
TYR CE2 HE2  sing N N 401 
TYR CZ  OH   sing N N 402 
TYR OH  HH   sing N N 403 
TYR OXT HXT  sing N N 404 
VAL N   CA   sing N N 405 
VAL N   H    sing N N 406 
VAL N   H2   sing N N 407 
VAL CA  C    sing N N 408 
VAL CA  CB   sing N N 409 
VAL CA  HA   sing N N 410 
VAL C   O    doub N N 411 
VAL C   OXT  sing N N 412 
VAL CB  CG1  sing N N 413 
VAL CB  CG2  sing N N 414 
VAL CB  HB   sing N N 415 
VAL CG1 HG11 sing N N 416 
VAL CG1 HG12 sing N N 417 
VAL CG1 HG13 sing N N 418 
VAL CG2 HG21 sing N N 419 
VAL CG2 HG22 sing N N 420 
VAL CG2 HG23 sing N N 421 
VAL OXT HXT  sing N N 422 
# 
_pdbx_initial_refinement_model.id               1 
_pdbx_initial_refinement_model.entity_id_list   ? 
_pdbx_initial_refinement_model.type             'experimental model' 
_pdbx_initial_refinement_model.source_name      PDB 
_pdbx_initial_refinement_model.accession_code   3OV1 
_pdbx_initial_refinement_model.details          'pdb entry 3OV1' 
# 
_atom_sites.entry_id                    3S8O 
_atom_sites.fract_transf_matrix[1][1]   -0.00048855 
_atom_sites.fract_transf_matrix[1][2]   -0.02370816 
_atom_sites.fract_transf_matrix[1][3]   0.00068200 
_atom_sites.fract_transf_matrix[2][1]   0.01977784 
_atom_sites.fract_transf_matrix[2][2]   -0.00078373 
_atom_sites.fract_transf_matrix[2][3]   -0.01307683 
_atom_sites.fract_transf_matrix[3][1]   0.00503881 
_atom_sites.fract_transf_matrix[3][2]   0.00011519 
_atom_sites.fract_transf_matrix[3][3]   0.00761396 
_atom_sites.fract_transf_vector[1]      0.196255 
_atom_sites.fract_transf_vector[2]      -0.445939 
_atom_sites.fract_transf_vector[3]      0.028039 
# 
loop_
_atom_type.symbol 
C  
CL 
N  
NA 
O  
P  
S  
# 
loop_
_atom_site.group_PDB 
_atom_site.id 
_atom_site.type_symbol 
_atom_site.label_atom_id 
_atom_site.label_alt_id 
_atom_site.label_comp_id 
_atom_site.label_asym_id 
_atom_site.label_entity_id 
_atom_site.label_seq_id 
_atom_site.pdbx_PDB_ins_code 
_atom_site.Cartn_x 
_atom_site.Cartn_y 
_atom_site.Cartn_z 
_atom_site.occupancy 
_atom_site.B_iso_or_equiv 
_atom_site.pdbx_formal_charge 
_atom_site.auth_seq_id 
_atom_site.auth_comp_id 
_atom_site.auth_asym_id 
_atom_site.auth_atom_id 
_atom_site.pdbx_PDB_model_num 
ATOM   1    C  CA  . GLU A 1 2   ? -15.008 -2.826  18.759  1.00 50.72 ? 54  GLU A CA  1 
ATOM   2    C  C   . GLU A 1 2   ? -14.524 -3.086  17.298  1.00 50.23 ? 54  GLU A C   1 
ATOM   3    O  O   . GLU A 1 2   ? -13.901 -2.213  16.684  1.00 50.64 ? 54  GLU A O   1 
ATOM   4    C  CB  . GLU A 1 2   ? -13.816 -2.809  19.751  1.00 50.45 ? 54  GLU A CB  1 
ATOM   5    N  N   . MET A 1 3   ? -14.850 -4.274  16.756  1.00 49.46 ? 55  MET A N   1 
ATOM   6    C  CA  . MET A 1 3   ? -14.380 -4.785  15.433  1.00 47.60 ? 55  MET A CA  1 
ATOM   7    C  C   . MET A 1 3   ? -14.817 -4.055  14.134  1.00 44.32 ? 55  MET A C   1 
ATOM   8    O  O   . MET A 1 3   ? -16.002 -4.072  13.753  1.00 44.61 ? 55  MET A O   1 
ATOM   9    C  CB  . MET A 1 3   ? -14.700 -6.283  15.281  1.00 48.93 ? 55  MET A CB  1 
ATOM   10   C  CG  . MET A 1 3   ? -13.726 -7.221  15.935  1.00 54.07 ? 55  MET A CG  1 
ATOM   11   S  SD  . MET A 1 3   ? -12.065 -6.510  16.088  1.00 65.07 ? 55  MET A SD  1 
ATOM   12   C  CE  . MET A 1 3   ? -11.595 -6.109  14.388  1.00 62.66 ? 55  MET A CE  1 
ATOM   13   N  N   . LYS A 1 4   ? -13.835 -3.455  13.452  1.00 40.18 ? 56  LYS A N   1 
ATOM   14   C  CA  . LYS A 1 4   ? -14.071 -2.648  12.240  1.00 35.23 ? 56  LYS A CA  1 
ATOM   15   C  C   . LYS A 1 4   ? -13.290 -3.157  11.004  1.00 29.84 ? 56  LYS A C   1 
ATOM   16   O  O   . LYS A 1 4   ? -12.190 -3.682  11.145  1.00 29.36 ? 56  LYS A O   1 
ATOM   17   C  CB  . LYS A 1 4   ? -13.758 -1.191  12.528  1.00 35.90 ? 56  LYS A CB  1 
ATOM   18   C  CG  . LYS A 1 4   ? -14.793 -0.512  13.511  1.00 41.61 ? 56  LYS A CG  1 
ATOM   19   C  CD  . LYS A 1 4   ? -14.876 1.056   13.300  1.00 50.34 ? 56  LYS A CD  1 
ATOM   20   C  CE  . LYS A 1 4   ? -15.125 1.546   11.800  1.00 54.78 ? 56  LYS A CE  1 
ATOM   21   N  NZ  . LYS A 1 4   ? -16.499 1.278   11.160  1.00 57.54 ? 56  LYS A NZ  1 
ATOM   22   N  N   . PRO A 1 5   ? -13.872 -3.036  9.801   1.00 24.14 ? 57  PRO A N   1 
ATOM   23   C  CA  . PRO A 1 5   ? -13.126 -3.498  8.624   1.00 21.52 ? 57  PRO A CA  1 
ATOM   24   C  C   . PRO A 1 5   ? -11.984 -2.527  8.421   1.00 19.31 ? 57  PRO A C   1 
ATOM   25   O  O   . PRO A 1 5   ? -12.052 -1.405  8.929   1.00 18.81 ? 57  PRO A O   1 
ATOM   26   C  CB  . PRO A 1 5   ? -14.131 -3.398  7.479   1.00 20.62 ? 57  PRO A CB  1 
ATOM   27   C  CG  . PRO A 1 5   ? -15.259 -2.447  8.037   1.00 23.56 ? 57  PRO A CG  1 
ATOM   28   C  CD  . PRO A 1 5   ? -15.265 -2.652  9.498   1.00 24.75 ? 57  PRO A CD  1 
ATOM   29   N  N   . HIS A 1 6   ? -10.917 -2.928  7.751   1.00 17.01 ? 58  HIS A N   1 
ATOM   30   C  CA  . HIS A 1 6   ? -9.759  -1.986  7.592   1.00 17.08 ? 58  HIS A CA  1 
ATOM   31   C  C   . HIS A 1 6   ? -10.037 -0.911  6.550   1.00 18.95 ? 58  HIS A C   1 
ATOM   32   O  O   . HIS A 1 6   ? -10.599 -1.230  5.489   1.00 21.49 ? 58  HIS A O   1 
ATOM   33   C  CB  . HIS A 1 6   ? -8.527  -2.799  7.179   1.00 14.78 ? 58  HIS A CB  1 
ATOM   34   C  CG  . HIS A 1 6   ? -8.003  -3.618  8.284   1.00 18.10 ? 58  HIS A CG  1 
ATOM   35   N  ND1 . HIS A 1 6   ? -7.599  -3.046  9.465   1.00 19.17 ? 58  HIS A ND1 1 
ATOM   36   C  CD2 . HIS A 1 6   ? -7.818  -4.949  8.423   1.00 16.02 ? 58  HIS A CD2 1 
ATOM   37   C  CE1 . HIS A 1 6   ? -7.125  -3.984  10.260  1.00 19.45 ? 58  HIS A CE1 1 
ATOM   38   N  NE2 . HIS A 1 6   ? -7.275  -5.141  9.660   1.00 16.83 ? 58  HIS A NE2 1 
ATOM   39   N  N   . PRO A 1 7   ? -9.616  0.356   6.805   1.00 18.40 ? 59  PRO A N   1 
ATOM   40   C  CA  . PRO A 1 7   ? -9.978  1.405   5.846   1.00 18.80 ? 59  PRO A CA  1 
ATOM   41   C  C   . PRO A 1 7   ? -9.067  1.409   4.631   1.00 17.92 ? 59  PRO A C   1 
ATOM   42   O  O   . PRO A 1 7   ? -9.247  2.270   3.724   1.00 18.08 ? 59  PRO A O   1 
ATOM   43   C  CB  . PRO A 1 7   ? -9.750  2.696   6.642   1.00 19.29 ? 59  PRO A CB  1 
ATOM   44   C  CG  . PRO A 1 7   ? -8.555  2.341   7.561   1.00 21.56 ? 59  PRO A CG  1 
ATOM   45   C  CD  . PRO A 1 7   ? -8.922  0.889   8.000   1.00 19.39 ? 59  PRO A CD  1 
ATOM   46   N  N   . TRP A 1 8   ? -8.155  0.413   4.549   1.00 17.25 ? 60  TRP A N   1 
ATOM   47   C  CA  . TRP A 1 8   ? -7.105  0.458   3.499   1.00 14.19 ? 60  TRP A CA  1 
ATOM   48   C  C   . TRP A 1 8   ? -7.265  -0.617  2.444   1.00 13.86 ? 60  TRP A C   1 
ATOM   49   O  O   . TRP A 1 8   ? -6.492  -0.664  1.524   1.00 12.38 ? 60  TRP A O   1 
ATOM   50   C  CB  . TRP A 1 8   ? -5.716  0.381   4.115   1.00 14.52 ? 60  TRP A CB  1 
ATOM   51   C  CG  . TRP A 1 8   ? -5.488  -0.634  5.224   1.00 11.66 ? 60  TRP A CG  1 
ATOM   52   C  CD1 . TRP A 1 8   ? -5.464  -0.381  6.528   1.00 11.93 ? 60  TRP A CD1 1 
ATOM   53   C  CD2 . TRP A 1 8   ? -5.309  -2.055  5.087   1.00 12.26 ? 60  TRP A CD2 1 
ATOM   54   N  NE1 . TRP A 1 8   ? -5.250  -1.515  7.237   1.00 14.52 ? 60  TRP A NE1 1 
ATOM   55   C  CE2 . TRP A 1 8   ? -5.137  -2.573  6.383   1.00 10.75 ? 60  TRP A CE2 1 
ATOM   56   C  CE3 . TRP A 1 8   ? -5.228  -2.927  3.994   1.00 12.04 ? 60  TRP A CE3 1 
ATOM   57   C  CZ2 . TRP A 1 8   ? -4.859  -3.958  6.641   1.00 13.20 ? 60  TRP A CZ2 1 
ATOM   58   C  CZ3 . TRP A 1 8   ? -4.986  -4.327  4.247   1.00 13.94 ? 60  TRP A CZ3 1 
ATOM   59   C  CH2 . TRP A 1 8   ? -4.776  -4.812  5.546   1.00 12.27 ? 60  TRP A CH2 1 
ATOM   60   N  N   . PHE A 1 9   ? -8.252  -1.511  2.592   1.00 12.89 ? 61  PHE A N   1 
ATOM   61   C  CA  . PHE A 1 9   ? -8.400  -2.549  1.583   1.00 14.01 ? 61  PHE A CA  1 
ATOM   62   C  C   . PHE A 1 9   ? -9.406  -2.189  0.524   1.00 13.54 ? 61  PHE A C   1 
ATOM   63   O  O   . PHE A 1 9   ? -10.590 -2.082  0.826   1.00 15.24 ? 61  PHE A O   1 
ATOM   64   C  CB  . PHE A 1 9   ? -8.774  -3.943  2.228   1.00 13.98 ? 61  PHE A CB  1 
ATOM   65   C  CG  . PHE A 1 9   ? -8.700  -5.036  1.212   1.00 16.76 ? 61  PHE A CG  1 
ATOM   66   C  CD1 . PHE A 1 9   ? -7.438  -5.652  0.911   1.00 15.88 ? 61  PHE A CD1 1 
ATOM   67   C  CD2 . PHE A 1 9   ? -9.855  -5.432  0.491   1.00 15.10 ? 61  PHE A CD2 1 
ATOM   68   C  CE1 . PHE A 1 9   ? -7.328  -6.629  -0.046  1.00 17.86 ? 61  PHE A CE1 1 
ATOM   69   C  CE2 . PHE A 1 9   ? -9.737  -6.417  -0.526  1.00 17.05 ? 61  PHE A CE2 1 
ATOM   70   C  CZ  . PHE A 1 9   ? -8.520  -7.024  -0.756  1.00 19.23 ? 61  PHE A CZ  1 
ATOM   71   N  N   . PHE A 1 10  ? -8.922  -2.002  -0.710  1.00 12.18 ? 62  PHE A N   1 
ATOM   72   C  CA  . PHE A 1 10  ? -9.748  -1.492  -1.843  1.00 12.97 ? 62  PHE A CA  1 
ATOM   73   C  C   . PHE A 1 10  ? -10.092 -2.520  -2.904  1.00 13.29 ? 62  PHE A C   1 
ATOM   74   O  O   . PHE A 1 10  ? -10.743 -2.190  -3.916  1.00 13.99 ? 62  PHE A O   1 
ATOM   75   C  CB  . PHE A 1 10  ? -9.136  -0.226  -2.474  1.00 12.83 ? 62  PHE A CB  1 
ATOM   76   C  CG  . PHE A 1 10  ? -9.442  1.056   -1.679  1.00 13.96 ? 62  PHE A CG  1 
ATOM   77   C  CD1 . PHE A 1 10  ? -8.801  1.341   -0.442  1.00 15.09 ? 62  PHE A CD1 1 
ATOM   78   C  CD2 . PHE A 1 10  ? -10.326 1.969   -2.188  1.00 14.95 ? 62  PHE A CD2 1 
ATOM   79   C  CE1 . PHE A 1 10  ? -9.100  2.511   0.225   1.00 16.62 ? 62  PHE A CE1 1 
ATOM   80   C  CE2 . PHE A 1 10  ? -10.595 3.181   -1.524  1.00 20.73 ? 62  PHE A CE2 1 
ATOM   81   C  CZ  . PHE A 1 10  ? -9.979  3.420   -0.295  1.00 15.89 ? 62  PHE A CZ  1 
ATOM   82   N  N   . GLY A 1 11  ? -9.680  -3.768  -2.710  1.00 12.46 ? 63  GLY A N   1 
ATOM   83   C  CA  . GLY A 1 11  ? -10.030 -4.797  -3.706  1.00 13.05 ? 63  GLY A CA  1 
ATOM   84   C  C   . GLY A 1 11  ? -9.374  -4.526  -5.048  1.00 14.01 ? 63  GLY A C   1 
ATOM   85   O  O   . GLY A 1 11  ? -8.268  -4.010  -5.106  1.00 12.84 ? 63  GLY A O   1 
ATOM   86   N  N   . LYS A 1 12  ? -10.097 -4.814  -6.124  1.00 15.70 ? 64  LYS A N   1 
ATOM   87   C  CA  . LYS A 1 12  ? -9.553  -4.716  -7.469  1.00 18.52 ? 64  LYS A CA  1 
ATOM   88   C  C   . LYS A 1 12  ? -9.781  -3.305  -8.100  1.00 20.74 ? 64  LYS A C   1 
ATOM   89   O  O   . LYS A 1 12  ? -10.581 -3.140  -9.020  1.00 23.53 ? 64  LYS A O   1 
ATOM   90   C  CB  . LYS A 1 12  ? -10.236 -5.765  -8.346  1.00 16.32 ? 64  LYS A CB  1 
ATOM   91   C  CG  . LYS A 1 12  ? -9.426  -5.993  -9.675  1.00 19.31 ? 64  LYS A CG  1 
ATOM   92   C  CD  . LYS A 1 12  ? -10.244 -6.742  -10.781 1.00 23.69 ? 64  LYS A CD  1 
ATOM   93   C  CE  . LYS A 1 12  ? -9.352  -7.315  -11.867 0.50 22.84 ? 64  LYS A CE  1 
ATOM   94   N  NZ  . LYS A 1 12  ? -10.057 -8.456  -12.550 0.50 26.66 ? 64  LYS A NZ  1 
ATOM   95   N  N   A ILE A 1 13  ? -9.144  -2.281  -7.571  0.50 21.26 ? 65  ILE A N   1 
ATOM   96   N  N   B ILE A 1 13  ? -9.129  -2.282  -7.563  0.50 20.92 ? 65  ILE A N   1 
ATOM   97   C  CA  A ILE A 1 13  ? -9.265  -1.008  -8.265  0.50 21.15 ? 65  ILE A CA  1 
ATOM   98   C  CA  B ILE A 1 13  ? -9.229  -0.917  -8.124  0.50 20.21 ? 65  ILE A CA  1 
ATOM   99   C  C   A ILE A 1 13  ? -8.085  -0.897  -9.182  0.50 21.10 ? 65  ILE A C   1 
ATOM   100  C  C   B ILE A 1 13  ? -8.056  -0.774  -9.092  0.50 20.77 ? 65  ILE A C   1 
ATOM   101  O  O   A ILE A 1 13  ? -7.000  -1.439  -8.860  0.50 23.02 ? 65  ILE A O   1 
ATOM   102  O  O   B ILE A 1 13  ? -6.939  -1.195  -8.710  0.50 22.65 ? 65  ILE A O   1 
ATOM   103  C  CB  A ILE A 1 13  ? -9.351  0.147   -7.311  0.50 20.58 ? 65  ILE A CB  1 
ATOM   104  C  CB  B ILE A 1 13  ? -9.194  0.106   -6.961  0.50 19.98 ? 65  ILE A CB  1 
ATOM   105  C  CG1 A ILE A 1 13  ? -8.108  0.204   -6.413  0.50 21.17 ? 65  ILE A CG1 1 
ATOM   106  C  CG1 B ILE A 1 13  ? -9.207  1.562   -7.433  0.50 18.01 ? 65  ILE A CG1 1 
ATOM   107  C  CG2 A ILE A 1 13  ? -10.637 0.024   -6.493  0.50 22.37 ? 65  ILE A CG2 1 
ATOM   108  C  CG2 B ILE A 1 13  ? -8.032  -0.178  -5.954  0.50 18.72 ? 65  ILE A CG2 1 
ATOM   109  C  CD1 A ILE A 1 13  ? -8.021  1.468   -5.672  0.50 16.47 ? 65  ILE A CD1 1 
ATOM   110  C  CD1 B ILE A 1 13  ? -9.124  2.552   -6.282  0.50 18.92 ? 65  ILE A CD1 1 
ATOM   111  N  N   . PRO A 1 14  ? -8.273  -0.240  -10.338 1.00 19.72 ? 66  PRO A N   1 
ATOM   112  C  CA  . PRO A 1 14  ? -7.119  -0.029  -11.228 1.00 18.44 ? 66  PRO A CA  1 
ATOM   113  C  C   . PRO A 1 14  ? -5.994  0.784   -10.583 1.00 16.67 ? 66  PRO A C   1 
ATOM   114  O  O   . PRO A 1 14  ? -6.256  1.631   -9.699  1.00 16.88 ? 66  PRO A O   1 
ATOM   115  C  CB  . PRO A 1 14  ? -7.710  0.702   -12.436 1.00 18.52 ? 66  PRO A CB  1 
ATOM   116  C  CG  . PRO A 1 14  ? -9.176  0.292   -12.391 1.00 21.13 ? 66  PRO A CG  1 
ATOM   117  C  CD  . PRO A 1 14  ? -9.550  0.156   -10.989 1.00 18.87 ? 66  PRO A CD  1 
ATOM   118  N  N   . ARG A 1 15  ? -4.751  0.477   -10.984 1.00 15.74 ? 67  ARG A N   1 
ATOM   119  C  CA  . ARG A 1 15  ? -3.573  1.218   -10.525 1.00 14.41 ? 67  ARG A CA  1 
ATOM   120  C  C   . ARG A 1 15  ? -3.854  2.731   -10.719 1.00 13.78 ? 67  ARG A C   1 
ATOM   121  O  O   . ARG A 1 15  ? -3.527  3.566   -9.864  1.00 13.99 ? 67  ARG A O   1 
ATOM   122  C  CB  . ARG A 1 15  ? -2.409  0.785   -11.375 1.00 13.89 ? 67  ARG A CB  1 
ATOM   123  C  CG  . ARG A 1 15  ? -1.124  1.550   -11.092 1.00 14.77 ? 67  ARG A CG  1 
ATOM   124  C  CD  . ARG A 1 15  ? -0.060  1.136   -12.140 1.00 15.77 ? 67  ARG A CD  1 
ATOM   125  N  NE  . ARG A 1 15  ? 1.175   1.958   -12.060 1.00 16.60 ? 67  ARG A NE  1 
ATOM   126  C  CZ  . ARG A 1 15  ? 2.330   1.579   -11.497 1.00 17.92 ? 67  ARG A CZ  1 
ATOM   127  N  NH1 . ARG A 1 15  ? 2.470   0.384   -10.916 1.00 14.31 ? 67  ARG A NH1 1 
ATOM   128  N  NH2 . ARG A 1 15  ? 3.387   2.408   -11.546 1.00 15.94 ? 67  ARG A NH2 1 
ATOM   129  N  N   . ALA A 1 16  ? -4.483  3.090   -11.841 1.00 14.87 ? 68  ALA A N   1 
ATOM   130  C  CA  . ALA A 1 16  ? -4.710  4.527   -12.175 1.00 14.17 ? 68  ALA A CA  1 
ATOM   131  C  C   . ALA A 1 16  ? -5.730  5.123   -11.246 1.00 15.00 ? 68  ALA A C   1 
ATOM   132  O  O   . ALA A 1 16  ? -5.630  6.311   -10.847 1.00 15.73 ? 68  ALA A O   1 
ATOM   133  C  CB  . ALA A 1 16  ? -5.136  4.697   -13.622 1.00 15.24 ? 68  ALA A CB  1 
ATOM   134  N  N   A LYS A 1 17  ? -6.722  4.337   -10.853 0.50 14.02 ? 69  LYS A N   1 
ATOM   135  N  N   B LYS A 1 17  ? -6.722  4.326   -10.864 0.50 13.72 ? 69  LYS A N   1 
ATOM   136  C  CA  A LYS A 1 17  ? -7.717  4.880   -9.945  0.50 15.50 ? 69  LYS A CA  1 
ATOM   137  C  CA  B LYS A 1 17  ? -7.733  4.828   -9.948  0.50 14.97 ? 69  LYS A CA  1 
ATOM   138  C  C   A LYS A 1 17  ? -7.192  5.032   -8.509  0.50 14.70 ? 69  LYS A C   1 
ATOM   139  C  C   B LYS A 1 17  ? -7.189  5.027   -8.524  0.50 14.39 ? 69  LYS A C   1 
ATOM   140  O  O   A LYS A 1 17  ? -7.607  5.950   -7.777  0.50 13.91 ? 69  LYS A O   1 
ATOM   141  O  O   B LYS A 1 17  ? -7.599  5.959   -7.809  0.50 13.61 ? 69  LYS A O   1 
ATOM   142  C  CB  A LYS A 1 17  ? -8.952  3.990   -9.961  0.50 16.60 ? 69  LYS A CB  1 
ATOM   143  C  CB  B LYS A 1 17  ? -8.918  3.865   -9.898  0.50 15.83 ? 69  LYS A CB  1 
ATOM   144  C  CG  A LYS A 1 17  ? -9.666  4.030   -11.286 0.50 19.79 ? 69  LYS A CG  1 
ATOM   145  C  CG  B LYS A 1 17  ? -9.975  4.275   -8.901  0.50 17.02 ? 69  LYS A CG  1 
ATOM   146  C  CD  A LYS A 1 17  ? -10.676 5.161   -11.288 0.50 28.81 ? 69  LYS A CD  1 
ATOM   147  C  CD  B LYS A 1 17  ? -10.532 5.659   -9.247  0.50 26.63 ? 69  LYS A CD  1 
ATOM   148  C  CE  A LYS A 1 17  ? -11.327 5.371   -9.907  0.50 31.89 ? 69  LYS A CE  1 
ATOM   149  C  CE  B LYS A 1 17  ? -11.514 5.656   -10.456 0.50 29.43 ? 69  LYS A CE  1 
ATOM   150  N  NZ  A LYS A 1 17  ? -10.471 6.135   -8.906  0.50 35.15 ? 69  LYS A NZ  1 
ATOM   151  N  NZ  B LYS A 1 17  ? -10.920 5.527   -11.852 0.50 33.61 ? 69  LYS A NZ  1 
ATOM   152  N  N   . ALA A 1 18  ? -6.323  4.103   -8.103  1.00 14.23 ? 70  ALA A N   1 
ATOM   153  C  CA  . ALA A 1 18  ? -5.535  4.268   -6.858  1.00 14.70 ? 70  ALA A CA  1 
ATOM   154  C  C   . ALA A 1 18  ? -4.754  5.581   -6.888  1.00 14.48 ? 70  ALA A C   1 
ATOM   155  O  O   . ALA A 1 18  ? -4.778  6.328   -5.910  1.00 14.99 ? 70  ALA A O   1 
ATOM   156  C  CB  . ALA A 1 18  ? -4.624  3.114   -6.653  1.00 15.74 ? 70  ALA A CB  1 
ATOM   157  N  N   . GLU A 1 19  ? -4.086  5.898   -8.021  1.00 13.74 ? 71  GLU A N   1 
ATOM   158  C  CA  . GLU A 1 19  ? -3.384  7.213   -8.144  1.00 14.18 ? 71  GLU A CA  1 
ATOM   159  C  C   . GLU A 1 19  ? -4.336  8.403   -8.066  1.00 15.78 ? 71  GLU A C   1 
ATOM   160  O  O   . GLU A 1 19  ? -4.106  9.369   -7.305  1.00 16.23 ? 71  GLU A O   1 
ATOM   161  C  CB  . GLU A 1 19  ? -2.607  7.287   -9.437  1.00 15.61 ? 71  GLU A CB  1 
ATOM   162  C  CG  . GLU A 1 19  ? -1.493  6.196   -9.481  1.00 17.76 ? 71  GLU A CG  1 
ATOM   163  C  CD  . GLU A 1 19  ? -0.528  6.357   -10.643 1.00 25.68 ? 71  GLU A CD  1 
ATOM   164  O  OE1 . GLU A 1 19  ? -0.780  7.198   -11.520 1.00 31.36 ? 71  GLU A OE1 1 
ATOM   165  O  OE2 . GLU A 1 19  ? 0.506   5.669   -10.689 1.00 23.85 ? 71  GLU A OE2 1 
ATOM   166  N  N   . GLU A 1 20  ? -5.417  8.332   -8.828  1.00 15.07 ? 72  GLU A N   1 
ATOM   167  C  CA  . GLU A 1 20  ? -6.479  9.331   -8.712  1.00 16.84 ? 72  GLU A CA  1 
ATOM   168  C  C   . GLU A 1 20  ? -6.965  9.583   -7.277  1.00 16.55 ? 72  GLU A C   1 
ATOM   169  O  O   . GLU A 1 20  ? -7.020  10.753  -6.848  1.00 18.44 ? 72  GLU A O   1 
ATOM   170  C  CB  . GLU A 1 20  ? -7.685  8.988   -9.589  1.00 15.75 ? 72  GLU A CB  1 
ATOM   171  C  CG  . GLU A 1 20  ? -8.811  10.035  -9.425  1.00 16.39 ? 72  GLU A CG  1 
ATOM   172  C  CD  . GLU A 1 20  ? -10.135 9.613   -10.093 1.00 20.82 ? 72  GLU A CD  1 
ATOM   173  O  OE1 . GLU A 1 20  ? -10.143 8.669   -10.911 1.00 20.10 ? 72  GLU A OE1 1 
ATOM   174  O  OE2 . GLU A 1 20  ? -11.186 10.232  -9.790  1.00 25.41 ? 72  GLU A OE2 1 
ATOM   175  N  N   A MET A 1 21  ? -7.259  8.530   -6.516  0.50 14.98 ? 73  MET A N   1 
ATOM   176  N  N   B MET A 1 21  ? -7.288  8.518   -6.551  0.50 15.94 ? 73  MET A N   1 
ATOM   177  C  CA  A MET A 1 21  ? -7.782  8.729   -5.173  0.50 14.59 ? 73  MET A CA  1 
ATOM   178  C  CA  B MET A 1 21  ? -7.732  8.628   -5.179  0.50 16.53 ? 73  MET A CA  1 
ATOM   179  C  C   A MET A 1 21  ? -6.708  9.210   -4.200  0.50 14.77 ? 73  MET A C   1 
ATOM   180  C  C   B MET A 1 21  ? -6.663  9.282   -4.328  0.50 15.92 ? 73  MET A C   1 
ATOM   181  O  O   A MET A 1 21  ? -6.976  10.094  -3.358  0.50 13.24 ? 73  MET A O   1 
ATOM   182  O  O   B MET A 1 21  ? -6.885  10.319  -3.680  0.50 15.17 ? 73  MET A O   1 
ATOM   183  C  CB  A MET A 1 21  ? -8.440  7.466   -4.660  0.50 14.81 ? 73  MET A CB  1 
ATOM   184  C  CB  B MET A 1 21  ? -7.955  7.237   -4.639  0.50 16.82 ? 73  MET A CB  1 
ATOM   185  C  CG  A MET A 1 21  ? -9.056  7.644   -3.281  0.50 16.55 ? 73  MET A CG  1 
ATOM   186  C  CG  B MET A 1 21  ? -9.349  6.804   -4.668  0.50 24.89 ? 73  MET A CG  1 
ATOM   187  S  SD  A MET A 1 21  ? -7.874  7.276   -1.969  0.50 21.57 ? 73  MET A SD  1 
ATOM   188  S  SD  B MET A 1 21  ? -9.502  6.105   -2.988  0.50 35.48 ? 73  MET A SD  1 
ATOM   189  C  CE  A MET A 1 21  ? -7.728  5.551   -2.275  0.50 25.78 ? 73  MET A CE  1 
ATOM   190  C  CE  B MET A 1 21  ? -9.808  7.581   -1.981  0.50 35.09 ? 73  MET A CE  1 
ATOM   191  N  N   . LEU A 1 22  ? -5.509  8.634   -4.299  1.00 14.29 ? 74  LEU A N   1 
ATOM   192  C  CA  . LEU A 1 22  ? -4.420  9.032   -3.376  1.00 15.94 ? 74  LEU A CA  1 
ATOM   193  C  C   . LEU A 1 22  ? -3.891  10.435  -3.629  1.00 17.10 ? 74  LEU A C   1 
ATOM   194  O  O   . LEU A 1 22  ? -3.435  11.119  -2.705  1.00 16.83 ? 74  LEU A O   1 
ATOM   195  C  CB  . LEU A 1 22  ? -3.333  7.949   -3.338  1.00 16.13 ? 74  LEU A CB  1 
ATOM   196  C  CG  . LEU A 1 22  ? -3.759  6.672   -2.618  1.00 14.22 ? 74  LEU A CG  1 
ATOM   197  C  CD1 . LEU A 1 22  ? -2.671  5.582   -2.863  1.00 17.68 ? 74  LEU A CD1 1 
ATOM   198  C  CD2 . LEU A 1 22  ? -4.122  6.779   -1.076  1.00 15.35 ? 74  LEU A CD2 1 
ATOM   199  N  N   A SER A 1 23  ? -3.971  10.869  -4.879  0.50 16.87 ? 75  SER A N   1 
ATOM   200  N  N   B SER A 1 23  ? -3.977  10.915  -4.873  0.50 17.65 ? 75  SER A N   1 
ATOM   201  C  CA  A SER A 1 23  ? -3.521  12.206  -5.198  0.50 17.68 ? 75  SER A CA  1 
ATOM   202  C  CA  B SER A 1 23  ? -3.539  12.291  -5.202  0.50 18.63 ? 75  SER A CA  1 
ATOM   203  C  C   A SER A 1 23  ? -4.269  13.260  -4.361  0.50 17.61 ? 75  SER A C   1 
ATOM   204  C  C   B SER A 1 23  ? -4.389  13.384  -4.536  0.50 18.13 ? 75  SER A C   1 
ATOM   205  O  O   A SER A 1 23  ? -3.644  14.245  -3.975  0.50 18.37 ? 75  SER A O   1 
ATOM   206  O  O   B SER A 1 23  ? -4.023  14.554  -4.520  0.50 18.53 ? 75  SER A O   1 
ATOM   207  C  CB  A SER A 1 23  ? -3.579  12.502  -6.701  0.50 18.20 ? 75  SER A CB  1 
ATOM   208  C  CB  B SER A 1 23  ? -3.552  12.550  -6.704  0.50 19.21 ? 75  SER A CB  1 
ATOM   209  O  OG  A SER A 1 23  ? -2.627  11.690  -7.401  0.50 16.58 ? 75  SER A OG  1 
ATOM   210  O  OG  B SER A 1 23  ? -4.877  12.544  -7.195  0.50 21.05 ? 75  SER A OG  1 
ATOM   211  N  N   . LYS A 1 24  ? -5.552  13.014  -4.046  1.00 17.23 ? 76  LYS A N   1 
ATOM   212  C  CA  . LYS A 1 24  ? -6.393  13.961  -3.298  1.00 17.65 ? 76  LYS A CA  1 
ATOM   213  C  C   . LYS A 1 24  ? -6.170  13.916  -1.806  1.00 16.83 ? 76  LYS A C   1 
ATOM   214  O  O   . LYS A 1 24  ? -6.709  14.744  -1.087  1.00 18.34 ? 76  LYS A O   1 
ATOM   215  C  CB  . LYS A 1 24  ? -7.859  13.708  -3.561  1.00 15.41 ? 76  LYS A CB  1 
ATOM   216  C  CG  . LYS A 1 24  ? -8.159  13.877  -5.090  1.00 18.29 ? 76  LYS A CG  1 
ATOM   217  C  CD  . LYS A 1 24  ? -9.641  13.788  -5.307  1.00 22.48 ? 76  LYS A CD  1 
ATOM   218  C  CE  . LYS A 1 24  ? -10.058 12.376  -5.105  1.00 28.75 ? 76  LYS A CE  1 
ATOM   219  N  NZ  . LYS A 1 24  ? -11.194 12.076  -6.036  1.00 31.74 ? 76  LYS A NZ  1 
ATOM   220  N  N   . GLN A 1 25  ? -5.380  12.964  -1.345  1.00 15.82 ? 77  GLN A N   1 
ATOM   221  C  CA  . GLN A 1 25  ? -5.043  12.915  0.083   1.00 14.44 ? 77  GLN A CA  1 
ATOM   222  C  C   . GLN A 1 25  ? -4.014  13.991  0.396   1.00 15.96 ? 77  GLN A C   1 
ATOM   223  O  O   . GLN A 1 25  ? -3.149  14.284  -0.394  1.00 16.54 ? 77  GLN A O   1 
ATOM   224  C  CB  . GLN A 1 25  ? -4.527  11.513  0.474   1.00 13.36 ? 77  GLN A CB  1 
ATOM   225  C  CG  . GLN A 1 25  ? -5.560  10.456  0.269   1.00 11.86 ? 77  GLN A CG  1 
ATOM   226  C  CD  . GLN A 1 25  ? -6.583  10.518  1.347   1.00 19.28 ? 77  GLN A CD  1 
ATOM   227  O  OE1 . GLN A 1 25  ? -6.244  10.467  2.523   1.00 20.59 ? 77  GLN A OE1 1 
ATOM   228  N  NE2 . GLN A 1 25  ? -7.835  10.718  0.975   1.00 18.49 ? 77  GLN A NE2 1 
ATOM   229  N  N   . ARG A 1 26  ? -4.127  14.621  1.574   1.00 16.28 ? 78  ARG A N   1 
ATOM   230  C  CA  . ARG A 1 26  ? -3.177  15.659  1.945   1.00 15.40 ? 78  ARG A CA  1 
ATOM   231  C  C   . ARG A 1 26  ? -1.875  15.158  2.517   1.00 16.24 ? 78  ARG A C   1 
ATOM   232  O  O   . ARG A 1 26  ? -0.858  15.890  2.489   1.00 18.09 ? 78  ARG A O   1 
ATOM   233  C  CB  . ARG A 1 26  ? -3.813  16.543  3.002   1.00 15.72 ? 78  ARG A CB  1 
ATOM   234  C  CG  . ARG A 1 26  ? -4.911  17.449  2.393   1.00 15.79 ? 78  ARG A CG  1 
ATOM   235  C  CD  . ARG A 1 26  ? -5.676  18.175  3.556   1.00 16.24 ? 78  ARG A CD  1 
ATOM   236  N  NE  . ARG A 1 26  ? -6.286  19.423  3.059   1.00 16.81 ? 78  ARG A NE  1 
ATOM   237  C  CZ  . ARG A 1 26  ? -6.906  20.321  3.849   1.00 20.94 ? 78  ARG A CZ  1 
ATOM   238  N  NH1 . ARG A 1 26  ? -6.988  20.107  5.166   1.00 17.54 ? 78  ARG A NH1 1 
ATOM   239  N  NH2 . ARG A 1 26  ? -7.412  21.450  3.327   1.00 15.86 ? 78  ARG A NH2 1 
ATOM   240  N  N   . HIS A 1 27  ? -1.891  13.982  3.136   1.00 15.58 ? 79  HIS A N   1 
ATOM   241  C  CA  . HIS A 1 27  ? -0.786  13.597  3.988   1.00 15.86 ? 79  HIS A CA  1 
ATOM   242  C  C   . HIS A 1 27  ? 0.052   12.469  3.408   1.00 15.18 ? 79  HIS A C   1 
ATOM   243  O  O   . HIS A 1 27  ? -0.472  11.416  3.041   1.00 16.87 ? 79  HIS A O   1 
ATOM   244  C  CB  . HIS A 1 27  ? -1.308  13.249  5.358   1.00 15.85 ? 79  HIS A CB  1 
ATOM   245  C  CG  . HIS A 1 27  ? -2.010  14.403  5.996   1.00 17.48 ? 79  HIS A CG  1 
ATOM   246  N  ND1 . HIS A 1 27  ? -1.345  15.552  6.336   1.00 20.27 ? 79  HIS A ND1 1 
ATOM   247  C  CD2 . HIS A 1 27  ? -3.317  14.629  6.245   1.00 21.72 ? 79  HIS A CD2 1 
ATOM   248  C  CE1 . HIS A 1 27  ? -2.205  16.439  6.811   1.00 21.95 ? 79  HIS A CE1 1 
ATOM   249  N  NE2 . HIS A 1 27  ? -3.412  15.901  6.764   1.00 23.46 ? 79  HIS A NE2 1 
ATOM   250  N  N   . ASP A 1 28  ? 1.357   12.688  3.356   1.00 15.13 ? 80  ASP A N   1 
ATOM   251  C  CA  . ASP A 1 28  ? 2.276   11.630  2.857   1.00 14.12 ? 80  ASP A CA  1 
ATOM   252  C  C   . ASP A 1 28  ? 2.155   10.377  3.667   1.00 12.47 ? 80  ASP A C   1 
ATOM   253  O  O   . ASP A 1 28  ? 2.065   10.426  4.935   1.00 13.14 ? 80  ASP A O   1 
ATOM   254  C  CB  . ASP A 1 28  ? 3.733   12.155  2.930   1.00 14.82 ? 80  ASP A CB  1 
ATOM   255  C  CG  . ASP A 1 28  ? 4.000   13.275  1.905   1.00 17.33 ? 80  ASP A CG  1 
ATOM   256  O  OD1 . ASP A 1 28  ? 4.999   13.939  2.080   1.00 19.91 ? 80  ASP A OD1 1 
ATOM   257  O  OD2 . ASP A 1 28  ? 3.227   13.497  0.946   1.00 17.75 ? 80  ASP A OD2 1 
ATOM   258  N  N   . GLY A 1 29  ? 2.248   9.244   2.978   1.00 12.23 ? 81  GLY A N   1 
ATOM   259  C  CA  . GLY A 1 29  ? 2.016   7.953   3.647   1.00 12.96 ? 81  GLY A CA  1 
ATOM   260  C  C   . GLY A 1 29  ? 0.561   7.428   3.581   1.00 13.93 ? 81  GLY A C   1 
ATOM   261  O  O   . GLY A 1 29  ? 0.309   6.251   3.846   1.00 12.60 ? 81  GLY A O   1 
ATOM   262  N  N   . ALA A 1 30  ? -0.399  8.275   3.192   1.00 13.68 ? 82  ALA A N   1 
ATOM   263  C  CA  . ALA A 1 30  ? -1.794  7.811   3.014   1.00 13.12 ? 82  ALA A CA  1 
ATOM   264  C  C   . ALA A 1 30  ? -1.716  6.714   1.971   1.00 12.38 ? 82  ALA A C   1 
ATOM   265  O  O   . ALA A 1 30  ? -1.013  6.866   0.964   1.00 13.82 ? 82  ALA A O   1 
ATOM   266  C  CB  . ALA A 1 30  ? -2.713  8.988   2.523   1.00 13.31 ? 82  ALA A CB  1 
ATOM   267  N  N   . PHE A 1 31  ? -2.414  5.603   2.167   1.00 12.11 ? 83  PHE A N   1 
ATOM   268  C  CA  . PHE A 1 31  ? -2.161  4.398   1.338   1.00 11.55 ? 83  PHE A CA  1 
ATOM   269  C  C   . PHE A 1 31  ? -3.381  3.503   1.216   1.00 12.25 ? 83  PHE A C   1 
ATOM   270  O  O   . PHE A 1 31  ? -4.393  3.623   1.989   1.00 12.16 ? 83  PHE A O   1 
ATOM   271  C  CB  . PHE A 1 31  ? -1.047  3.521   1.994   1.00 10.68 ? 83  PHE A CB  1 
ATOM   272  C  CG  . PHE A 1 31  ? -1.529  2.744   3.199   1.00 13.12 ? 83  PHE A CG  1 
ATOM   273  C  CD1 . PHE A 1 31  ? -1.873  1.387   3.092   1.00 12.62 ? 83  PHE A CD1 1 
ATOM   274  C  CD2 . PHE A 1 31  ? -1.696  3.380   4.445   1.00 12.61 ? 83  PHE A CD2 1 
ATOM   275  C  CE1 . PHE A 1 31  ? -2.338  0.682   4.219   1.00 11.26 ? 83  PHE A CE1 1 
ATOM   276  C  CE2 . PHE A 1 31  ? -2.167  2.699   5.566   1.00 13.30 ? 83  PHE A CE2 1 
ATOM   277  C  CZ  . PHE A 1 31  ? -2.489  1.327   5.472   1.00 13.40 ? 83  PHE A CZ  1 
ATOM   278  N  N   . LEU A 1 32  ? -3.265  2.583   0.248   1.00 11.27 ? 84  LEU A N   1 
ATOM   279  C  CA  . LEU A 1 32  ? -4.212  1.494   0.124   1.00 11.12 ? 84  LEU A CA  1 
ATOM   280  C  C   . LEU A 1 32  ? -3.509  0.201   -0.360  1.00 11.21 ? 84  LEU A C   1 
ATOM   281  O  O   . LEU A 1 32  ? -2.435  0.288   -0.991  1.00 11.25 ? 84  LEU A O   1 
ATOM   282  C  CB  . LEU A 1 32  ? -5.329  1.877   -0.834  1.00 12.04 ? 84  LEU A CB  1 
ATOM   283  C  CG  . LEU A 1 32  ? -4.894  2.278   -2.251  1.00 11.67 ? 84  LEU A CG  1 
ATOM   284  C  CD1 . LEU A 1 32  ? -4.940  1.072   -3.192  1.00 11.69 ? 84  LEU A CD1 1 
ATOM   285  C  CD2 . LEU A 1 32  ? -5.893  3.290   -2.755  1.00 16.11 ? 84  LEU A CD2 1 
ATOM   286  N  N   . ILE A 1 33  ? -4.123  -0.945  -0.072  1.00 11.43 ? 85  ILE A N   1 
ATOM   287  C  CA  . ILE A 1 33  ? -3.760  -2.216  -0.668  1.00 11.00 ? 85  ILE A CA  1 
ATOM   288  C  C   . ILE A 1 33  ? -4.806  -2.480  -1.734  1.00 10.99 ? 85  ILE A C   1 
ATOM   289  O  O   . ILE A 1 33  ? -5.997  -2.330  -1.494  1.00 12.70 ? 85  ILE A O   1 
ATOM   290  C  CB  . ILE A 1 33  ? -3.802  -3.329  0.391   1.00 11.47 ? 85  ILE A CB  1 
ATOM   291  C  CG1 . ILE A 1 33  ? -2.638  -3.151  1.375   1.00 12.80 ? 85  ILE A CG1 1 
ATOM   292  C  CG2 . ILE A 1 33  ? -3.651  -4.741  -0.271  1.00 11.19 ? 85  ILE A CG2 1 
ATOM   293  C  CD1 . ILE A 1 33  ? -1.256  -3.544  0.817   1.00 14.72 ? 85  ILE A CD1 1 
ATOM   294  N  N   . ARG A 1 34  ? -4.369  -2.906  -2.917  1.00 11.61 ? 86  ARG A N   1 
ATOM   295  C  CA  . ARG A 1 34  ? -5.295  -3.290  -3.983  1.00 10.80 ? 86  ARG A CA  1 
ATOM   296  C  C   . ARG A 1 34  ? -4.835  -4.625  -4.529  1.00 12.45 ? 86  ARG A C   1 
ATOM   297  O  O   . ARG A 1 34  ? -3.685  -5.092  -4.252  1.00 11.02 ? 86  ARG A O   1 
ATOM   298  C  CB  . ARG A 1 34  ? -5.318  -2.258  -5.090  1.00 8.78  ? 86  ARG A CB  1 
ATOM   299  C  CG  . ARG A 1 34  ? -3.867  -1.910  -5.694  1.00 8.47  ? 86  ARG A CG  1 
ATOM   300  C  CD  . ARG A 1 34  ? -3.995  -0.721  -6.635  1.00 8.57  ? 86  ARG A CD  1 
ATOM   301  N  NE  . ARG A 1 34  ? -2.632  -0.296  -7.012  1.00 11.16 ? 86  ARG A NE  1 
ATOM   302  C  CZ  . ARG A 1 34  ? -1.860  -0.912  -7.905  1.00 12.73 ? 86  ARG A CZ  1 
ATOM   303  N  NH1 . ARG A 1 34  ? -2.356  -1.917  -8.643  1.00 14.92 ? 86  ARG A NH1 1 
ATOM   304  N  NH2 . ARG A 1 34  ? -0.604  -0.498  -8.130  1.00 10.78 ? 86  ARG A NH2 1 
ATOM   305  N  N   . GLU A 1 35  ? -5.726  -5.243  -5.291  1.00 12.26 ? 87  GLU A N   1 
ATOM   306  C  CA  . GLU A 1 35  ? -5.427  -6.534  -5.957  1.00 13.11 ? 87  GLU A CA  1 
ATOM   307  C  C   . GLU A 1 35  ? -5.021  -6.177  -7.363  1.00 13.30 ? 87  GLU A C   1 
ATOM   308  O  O   . GLU A 1 35  ? -5.810  -5.533  -8.112  1.00 13.32 ? 87  GLU A O   1 
ATOM   309  C  CB  . GLU A 1 35  ? -6.708  -7.389  -5.932  1.00 13.29 ? 87  GLU A CB  1 
ATOM   310  C  CG  . GLU A 1 35  ? -7.177  -7.599  -4.480  1.00 12.25 ? 87  GLU A CG  1 
ATOM   311  C  CD  . GLU A 1 35  ? -8.232  -8.623  -4.385  1.00 15.15 ? 87  GLU A CD  1 
ATOM   312  O  OE1 . GLU A 1 35  ? -7.867  -9.812  -4.502  1.00 13.32 ? 87  GLU A OE1 1 
ATOM   313  O  OE2 . GLU A 1 35  ? -9.424  -8.259  -4.270  1.00 14.00 ? 87  GLU A OE2 1 
ATOM   314  N  N   . SER A 1 36  ? -3.795  -6.544  -7.714  1.00 12.75 ? 88  SER A N   1 
ATOM   315  C  CA  . SER A 1 36  ? -3.183  -6.087  -8.962  1.00 12.60 ? 88  SER A CA  1 
ATOM   316  C  C   . SER A 1 36  ? -3.990  -6.592  -10.176 1.00 13.23 ? 88  SER A C   1 
ATOM   317  O  O   . SER A 1 36  ? -4.559  -7.698  -10.155 1.00 13.08 ? 88  SER A O   1 
ATOM   318  C  CB  . SER A 1 36  ? -1.739  -6.596  -9.090  1.00 13.88 ? 88  SER A CB  1 
ATOM   319  O  OG  . SER A 1 36  ? -1.263  -6.302  -10.399 1.00 14.27 ? 88  SER A OG  1 
ATOM   320  N  N   . GLU A 1 37  ? -4.085  -5.757  -11.192 1.00 13.80 ? 89  GLU A N   1 
ATOM   321  C  CA  . GLU A 1 37  ? -4.774  -6.216  -12.395 1.00 15.57 ? 89  GLU A CA  1 
ATOM   322  C  C   . GLU A 1 37  ? -3.747  -6.787  -13.369 1.00 16.94 ? 89  GLU A C   1 
ATOM   323  O  O   . GLU A 1 37  ? -4.083  -7.685  -14.182 1.00 17.72 ? 89  GLU A O   1 
ATOM   324  C  CB  . GLU A 1 37  ? -5.523  -5.065  -13.035 1.00 16.53 ? 89  GLU A CB  1 
ATOM   325  C  CG  . GLU A 1 37  ? -6.618  -4.510  -12.137 1.00 13.43 ? 89  GLU A CG  1 
ATOM   326  C  CD  . GLU A 1 37  ? -7.489  -3.590  -12.966 1.00 23.00 ? 89  GLU A CD  1 
ATOM   327  O  OE1 . GLU A 1 37  ? -8.676  -3.869  -13.111 1.00 21.44 ? 89  GLU A OE1 1 
ATOM   328  O  OE2 . GLU A 1 37  ? -6.965  -2.601  -13.507 1.00 20.44 ? 89  GLU A OE2 1 
ATOM   329  N  N   . SER A 1 38  ? -2.531  -6.270  -13.326 1.00 17.46 ? 90  SER A N   1 
ATOM   330  C  CA  . SER A 1 38  ? -1.463  -6.763  -14.242 1.00 18.94 ? 90  SER A CA  1 
ATOM   331  C  C   . SER A 1 38  ? -0.866  -8.114  -13.767 1.00 19.58 ? 90  SER A C   1 
ATOM   332  O  O   . SER A 1 38  ? -0.350  -8.912  -14.573 1.00 18.57 ? 90  SER A O   1 
ATOM   333  C  CB  . SER A 1 38  ? -0.375  -5.696  -14.424 1.00 18.97 ? 90  SER A CB  1 
ATOM   334  O  OG  . SER A 1 38  ? 0.332   -5.562  -13.207 1.00 20.27 ? 90  SER A OG  1 
ATOM   335  N  N   . ALA A 1 39  ? -0.967  -8.394  -12.473 1.00 18.77 ? 91  ALA A N   1 
ATOM   336  C  CA  . ALA A 1 39  ? -0.534  -9.686  -11.925 1.00 18.57 ? 91  ALA A CA  1 
ATOM   337  C  C   . ALA A 1 39  ? -1.648  -10.232 -11.064 1.00 17.92 ? 91  ALA A C   1 
ATOM   338  O  O   . ALA A 1 39  ? -1.574  -10.120 -9.815  1.00 16.10 ? 91  ALA A O   1 
ATOM   339  C  CB  . ALA A 1 39  ? 0.700   -9.498  -11.088 1.00 17.89 ? 91  ALA A CB  1 
ATOM   340  N  N   . PRO A 1 40  ? -2.705  -10.847 -11.684 1.00 18.73 ? 92  PRO A N   1 
ATOM   341  C  CA  . PRO A 1 40  ? -3.829  -11.346 -10.851 1.00 19.42 ? 92  PRO A CA  1 
ATOM   342  C  C   . PRO A 1 40  ? -3.419  -12.346 -9.772  1.00 19.45 ? 92  PRO A C   1 
ATOM   343  O  O   . PRO A 1 40  ? -2.605  -13.239 -10.018 1.00 19.75 ? 92  PRO A O   1 
ATOM   344  C  CB  . PRO A 1 40  ? -4.748  -12.060 -11.865 1.00 19.38 ? 92  PRO A CB  1 
ATOM   345  C  CG  . PRO A 1 40  ? -4.425  -11.480 -13.155 1.00 20.48 ? 92  PRO A CG  1 
ATOM   346  C  CD  . PRO A 1 40  ? -2.973  -11.065 -13.139 1.00 19.04 ? 92  PRO A CD  1 
ATOM   347  N  N   . GLY A 1 41  ? -3.932  -12.160 -8.566  1.00 16.84 ? 93  GLY A N   1 
ATOM   348  C  CA  . GLY A 1 41  ? -3.563  -13.019 -7.486  1.00 17.37 ? 93  GLY A CA  1 
ATOM   349  C  C   . GLY A 1 41  ? -2.485  -12.388 -6.645  1.00 16.55 ? 93  GLY A C   1 
ATOM   350  O  O   . GLY A 1 41  ? -2.202  -12.889 -5.565  1.00 17.65 ? 93  GLY A O   1 
ATOM   351  N  N   . ASP A 1 42  ? -1.885  -11.275 -7.109  1.00 14.35 ? 94  ASP A N   1 
ATOM   352  C  CA  . ASP A 1 42  ? -0.909  -10.571 -6.272  1.00 13.51 ? 94  ASP A CA  1 
ATOM   353  C  C   . ASP A 1 42  ? -1.492  -9.222  -5.808  1.00 13.14 ? 94  ASP A C   1 
ATOM   354  O  O   . ASP A 1 42  ? -2.361  -8.620  -6.475  1.00 12.96 ? 94  ASP A O   1 
ATOM   355  C  CB  . ASP A 1 42  ? 0.389   -10.215 -7.064  1.00 14.57 ? 94  ASP A CB  1 
ATOM   356  C  CG  . ASP A 1 42  ? 1.355   -11.411 -7.236  1.00 20.81 ? 94  ASP A CG  1 
ATOM   357  O  OD1 . ASP A 1 42  ? 0.953   -12.577 -7.093  1.00 26.75 ? 94  ASP A OD1 1 
ATOM   358  O  OD2 . ASP A 1 42  ? 2.516   -11.167 -7.471  1.00 23.20 ? 94  ASP A OD2 1 
ATOM   359  N  N   . PHE A 1 43  ? -0.966  -8.749  -4.687  1.00 12.03 ? 95  PHE A N   1 
ATOM   360  C  CA  . PHE A 1 43  ? -1.385  -7.461  -4.157  1.00 11.64 ? 95  PHE A CA  1 
ATOM   361  C  C   . PHE A 1 43  ? -0.348  -6.390  -4.475  1.00 10.76 ? 95  PHE A C   1 
ATOM   362  O  O   . PHE A 1 43  ? 0.860   -6.699  -4.637  1.00 12.03 ? 95  PHE A O   1 
ATOM   363  C  CB  . PHE A 1 43  ? -1.579  -7.565  -2.638  1.00 11.10 ? 95  PHE A CB  1 
ATOM   364  C  CG  . PHE A 1 43  ? -2.625  -8.558  -2.265  1.00 11.63 ? 95  PHE A CG  1 
ATOM   365  C  CD1 . PHE A 1 43  ? -2.258  -9.896  -1.943  1.00 14.25 ? 95  PHE A CD1 1 
ATOM   366  C  CD2 . PHE A 1 43  ? -3.981  -8.208  -2.286  1.00 12.96 ? 95  PHE A CD2 1 
ATOM   367  C  CE1 . PHE A 1 43  ? -3.255  -10.839 -1.686  1.00 13.28 ? 95  PHE A CE1 1 
ATOM   368  C  CE2 . PHE A 1 43  ? -4.997  -9.181  -2.000  1.00 15.13 ? 95  PHE A CE2 1 
ATOM   369  C  CZ  . PHE A 1 43  ? -4.617  -10.468 -1.699  1.00 9.67  ? 95  PHE A CZ  1 
ATOM   370  N  N   . SER A 1 44  ? -0.801  -5.140  -4.491  1.00 11.40 ? 96  SER A N   1 
ATOM   371  C  CA  . SER A 1 44  ? 0.083   -3.996  -4.600  1.00 11.02 ? 96  SER A CA  1 
ATOM   372  C  C   . SER A 1 44  ? -0.294  -2.978  -3.529  1.00 11.61 ? 96  SER A C   1 
ATOM   373  O  O   . SER A 1 44  ? -1.466  -2.857  -3.147  1.00 12.65 ? 96  SER A O   1 
ATOM   374  C  CB  . SER A 1 44  ? -0.068  -3.375  -5.996  1.00 9.29  ? 96  SER A CB  1 
ATOM   375  O  OG  . SER A 1 44  ? 0.280   -4.310  -7.026  1.00 13.26 ? 96  SER A OG  1 
ATOM   376  N  N   . LEU A 1 45  ? 0.712   -2.247  -3.093  1.00 10.51 ? 97  LEU A N   1 
ATOM   377  C  CA  . LEU A 1 45  ? 0.583   -1.241  -2.055  1.00 10.09 ? 97  LEU A CA  1 
ATOM   378  C  C   . LEU A 1 45  ? 0.807   0.126   -2.724  1.00 11.37 ? 97  LEU A C   1 
ATOM   379  O  O   . LEU A 1 45  ? 1.822   0.351   -3.411  1.00 12.98 ? 97  LEU A O   1 
ATOM   380  C  CB  . LEU A 1 45  ? 1.620   -1.506  -0.952  1.00 9.80  ? 97  LEU A CB  1 
ATOM   381  C  CG  . LEU A 1 45  ? 1.809   -0.347  0.021   1.00 11.18 ? 97  LEU A CG  1 
ATOM   382  C  CD1 . LEU A 1 45  ? 0.587   -0.080  0.854   1.00 13.50 ? 97  LEU A CD1 1 
ATOM   383  C  CD2 . LEU A 1 45  ? 3.006   -0.732  0.962   1.00 12.74 ? 97  LEU A CD2 1 
ATOM   384  N  N   . SER A 1 46  ? -0.155  1.026   -2.632  1.00 11.40 ? 98  SER A N   1 
ATOM   385  C  CA  . SER A 1 46  ? 0.002   2.309   -3.337  1.00 11.09 ? 98  SER A CA  1 
ATOM   386  C  C   . SER A 1 46  ? -0.017  3.406   -2.238  1.00 12.76 ? 98  SER A C   1 
ATOM   387  O  O   . SER A 1 46  ? -0.854  3.356   -1.332  1.00 12.22 ? 98  SER A O   1 
ATOM   388  C  CB  . SER A 1 46  ? -1.209  2.523   -4.312  1.00 12.12 ? 98  SER A CB  1 
ATOM   389  O  OG  . SER A 1 46  ? -1.192  1.601   -5.363  1.00 12.74 ? 98  SER A OG  1 
ATOM   390  N  N   . VAL A 1 47  ? 0.897   4.382   -2.338  1.00 12.82 ? 99  VAL A N   1 
ATOM   391  C  CA  . VAL A 1 47  ? 1.177   5.303   -1.224  1.00 13.21 ? 99  VAL A CA  1 
ATOM   392  C  C   . VAL A 1 47  ? 1.406   6.729   -1.742  1.00 12.98 ? 99  VAL A C   1 
ATOM   393  O  O   . VAL A 1 47  ? 2.187   6.936   -2.658  1.00 13.82 ? 99  VAL A O   1 
ATOM   394  C  CB  . VAL A 1 47  ? 2.441   4.880   -0.472  1.00 13.17 ? 99  VAL A CB  1 
ATOM   395  C  CG1 . VAL A 1 47  ? 2.587   5.776   0.857   1.00 12.48 ? 99  VAL A CG1 1 
ATOM   396  C  CG2 . VAL A 1 47  ? 2.414   3.377   -0.086  1.00 14.52 ? 99  VAL A CG2 1 
ATOM   397  N  N   A LYS A 1 48  ? 0.683   7.717   -1.207  0.50 14.51 ? 100 LYS A N   1 
ATOM   398  N  N   B LYS A 1 48  ? 0.703   7.699   -1.152  0.50 14.11 ? 100 LYS A N   1 
ATOM   399  C  CA  A LYS A 1 48  ? 0.908   9.112   -1.614  0.50 14.35 ? 100 LYS A CA  1 
ATOM   400  C  CA  B LYS A 1 48  ? 0.930   9.117   -1.439  0.50 13.72 ? 100 LYS A CA  1 
ATOM   401  C  C   A LYS A 1 48  ? 2.220   9.630   -1.025  0.50 15.50 ? 100 LYS A C   1 
ATOM   402  C  C   B LYS A 1 48  ? 2.318   9.556   -0.998  0.50 14.93 ? 100 LYS A C   1 
ATOM   403  O  O   A LYS A 1 48  ? 2.472   9.499   0.191   0.50 15.56 ? 100 LYS A O   1 
ATOM   404  O  O   B LYS A 1 48  ? 2.709   9.340   0.156   0.50 15.10 ? 100 LYS A O   1 
ATOM   405  C  CB  A LYS A 1 48  ? -0.260  10.053  -1.202  0.50 15.02 ? 100 LYS A CB  1 
ATOM   406  C  CB  B LYS A 1 48  ? -0.083  10.023  -0.696  0.50 13.20 ? 100 LYS A CB  1 
ATOM   407  C  CG  A LYS A 1 48  ? -0.205  11.479  -1.941  0.50 15.14 ? 100 LYS A CG  1 
ATOM   408  C  CG  B LYS A 1 48  ? 0.141   11.541  -1.094  0.50 13.40 ? 100 LYS A CG  1 
ATOM   409  C  CD  A LYS A 1 48  ? -0.358  12.656  -0.991  0.50 18.71 ? 100 LYS A CD  1 
ATOM   410  C  CD  B LYS A 1 48  ? -0.312  12.595  -0.091  0.50 17.96 ? 100 LYS A CD  1 
ATOM   411  C  CE  A LYS A 1 48  ? -0.336  14.061  -1.708  0.50 13.36 ? 100 LYS A CE  1 
ATOM   412  C  CE  B LYS A 1 48  ? 0.219   14.025  -0.542  0.50 16.99 ? 100 LYS A CE  1 
ATOM   413  N  NZ  A LYS A 1 48  ? -1.212  13.905  -2.910  0.50 18.88 ? 100 LYS A NZ  1 
ATOM   414  N  NZ  B LYS A 1 48  ? 0.849   14.959  0.510   0.50 16.81 ? 100 LYS A NZ  1 
ATOM   415  N  N   . PHE A 1 49  ? 3.043   10.230  -1.886  1.00 15.73 ? 101 PHE A N   1 
ATOM   416  C  CA  . PHE A 1 49  ? 4.200   10.947  -1.440  1.00 17.03 ? 101 PHE A CA  1 
ATOM   417  C  C   . PHE A 1 49  ? 4.367   12.247  -2.255  1.00 19.55 ? 101 PHE A C   1 
ATOM   418  O  O   . PHE A 1 49  ? 4.626   12.199  -3.464  1.00 18.53 ? 101 PHE A O   1 
ATOM   419  C  CB  . PHE A 1 49  ? 5.467   10.093  -1.540  1.00 17.31 ? 101 PHE A CB  1 
ATOM   420  C  CG  . PHE A 1 49  ? 6.646   10.835  -1.036  1.00 19.42 ? 101 PHE A CG  1 
ATOM   421  C  CD1 . PHE A 1 49  ? 7.560   11.376  -1.928  1.00 21.95 ? 101 PHE A CD1 1 
ATOM   422  C  CD2 . PHE A 1 49  ? 6.753   11.125  0.330   1.00 19.85 ? 101 PHE A CD2 1 
ATOM   423  C  CE1 . PHE A 1 49  ? 8.671   12.159  -1.467  1.00 28.01 ? 101 PHE A CE1 1 
ATOM   424  C  CE2 . PHE A 1 49  ? 7.843   11.879  0.822   1.00 24.21 ? 101 PHE A CE2 1 
ATOM   425  C  CZ  . PHE A 1 49  ? 8.803   12.408  -0.090  1.00 25.81 ? 101 PHE A CZ  1 
ATOM   426  N  N   . GLY A 1 50  ? 4.227   13.410  -1.612  1.00 21.56 ? 102 GLY A N   1 
ATOM   427  C  CA  . GLY A 1 50  ? 4.293   14.689  -2.352  1.00 22.48 ? 102 GLY A CA  1 
ATOM   428  C  C   . GLY A 1 50  ? 3.248   14.736  -3.456  1.00 22.82 ? 102 GLY A C   1 
ATOM   429  O  O   . GLY A 1 50  ? 2.043   14.392  -3.260  1.00 25.19 ? 102 GLY A O   1 
ATOM   430  N  N   . ASN A 1 51  ? 3.716   15.061  -4.656  1.00 22.93 ? 103 ASN A N   1 
ATOM   431  C  CA  . ASN A 1 51  ? 2.837   15.075  -5.846  1.00 24.17 ? 103 ASN A CA  1 
ATOM   432  C  C   . ASN A 1 51  ? 2.763   13.751  -6.596  1.00 22.95 ? 103 ASN A C   1 
ATOM   433  O  O   . ASN A 1 51  ? 2.185   13.658  -7.682  1.00 22.78 ? 103 ASN A O   1 
ATOM   434  C  CB  . ASN A 1 51  ? 3.223   16.242  -6.776  1.00 25.64 ? 103 ASN A CB  1 
ATOM   435  C  CG  . ASN A 1 51  ? 3.250   17.568  -5.995  1.00 33.19 ? 103 ASN A CG  1 
ATOM   436  O  OD1 . ASN A 1 51  ? 2.221   17.981  -5.428  1.00 37.03 ? 103 ASN A OD1 1 
ATOM   437  N  ND2 . ASN A 1 51  ? 4.463   18.112  -5.780  1.00 39.40 ? 103 ASN A ND2 1 
ATOM   438  N  N   A ASP A 1 52  ? 3.316   12.710  -5.976  0.50 21.03 ? 104 ASP A N   1 
ATOM   439  N  N   B ASP A 1 52  ? 3.295   12.698  -5.993  0.50 20.66 ? 104 ASP A N   1 
ATOM   440  C  CA  A ASP A 1 52  ? 3.502   11.421  -6.632  0.50 20.40 ? 104 ASP A CA  1 
ATOM   441  C  CA  B ASP A 1 52  ? 3.389   11.441  -6.710  0.50 19.62 ? 104 ASP A CA  1 
ATOM   442  C  C   A ASP A 1 52  ? 2.642   10.364  -5.912  0.50 18.86 ? 104 ASP A C   1 
ATOM   443  C  C   B ASP A 1 52  ? 2.630   10.366  -5.925  0.50 18.47 ? 104 ASP A C   1 
ATOM   444  O  O   A ASP A 1 52  ? 2.156   10.599  -4.790  0.50 17.31 ? 104 ASP A O   1 
ATOM   445  O  O   B ASP A 1 52  ? 2.188   10.591  -4.785  0.50 16.96 ? 104 ASP A O   1 
ATOM   446  C  CB  A ASP A 1 52  ? 4.985   11.024  -6.552  0.50 21.44 ? 104 ASP A CB  1 
ATOM   447  C  CB  B ASP A 1 52  ? 4.862   11.079  -6.907  0.50 20.55 ? 104 ASP A CB  1 
ATOM   448  C  CG  A ASP A 1 52  ? 5.896   11.926  -7.376  0.50 24.64 ? 104 ASP A CG  1 
ATOM   449  C  CG  B ASP A 1 52  ? 5.057   9.865   -7.788  0.50 21.82 ? 104 ASP A CG  1 
ATOM   450  O  OD1 A ASP A 1 52  ? 5.486   12.436  -8.451  0.50 25.36 ? 104 ASP A OD1 1 
ATOM   451  O  OD1 B ASP A 1 52  ? 4.144   9.539   -8.596  0.50 22.36 ? 104 ASP A OD1 1 
ATOM   452  O  OD2 A ASP A 1 52  ? 7.061   12.075  -6.957  0.50 28.58 ? 104 ASP A OD2 1 
ATOM   453  O  OD2 B ASP A 1 52  ? 6.122   9.218   -7.643  0.50 27.84 ? 104 ASP A OD2 1 
ATOM   454  N  N   . VAL A 1 53  ? 2.408   9.227   -6.568  1.00 17.33 ? 105 VAL A N   1 
ATOM   455  C  CA  . VAL A 1 53  ? 1.878   8.057   -5.849  1.00 16.19 ? 105 VAL A CA  1 
ATOM   456  C  C   . VAL A 1 53  ? 2.856   6.970   -6.139  1.00 16.21 ? 105 VAL A C   1 
ATOM   457  O  O   . VAL A 1 53  ? 3.135   6.710   -7.346  1.00 17.94 ? 105 VAL A O   1 
ATOM   458  C  CB  . VAL A 1 53  ? 0.449   7.699   -6.271  1.00 15.64 ? 105 VAL A CB  1 
ATOM   459  C  CG1 . VAL A 1 53  ? 0.022   6.335   -5.642  1.00 14.96 ? 105 VAL A CG1 1 
ATOM   460  C  CG2 . VAL A 1 53  ? -0.456  8.835   -5.822  1.00 14.67 ? 105 VAL A CG2 1 
ATOM   461  N  N   . GLN A 1 54  ? 3.403   6.356   -5.084  1.00 14.20 ? 106 GLN A N   1 
ATOM   462  C  CA  . GLN A 1 54  ? 4.373   5.314   -5.274  1.00 14.42 ? 106 GLN A CA  1 
ATOM   463  C  C   . GLN A 1 54  ? 3.635   3.970   -5.148  1.00 14.81 ? 106 GLN A C   1 
ATOM   464  O  O   . GLN A 1 54  ? 2.743   3.825   -4.264  1.00 14.79 ? 106 GLN A O   1 
ATOM   465  C  CB  . GLN A 1 54  ? 5.449   5.379   -4.173  1.00 14.38 ? 106 GLN A CB  1 
ATOM   466  C  CG  . GLN A 1 54  ? 6.272   6.674   -4.287  1.00 14.64 ? 106 GLN A CG  1 
ATOM   467  C  CD  . GLN A 1 54  ? 7.448   6.763   -3.361  1.00 21.47 ? 106 GLN A CD  1 
ATOM   468  O  OE1 . GLN A 1 54  ? 8.164   7.816   -3.334  1.00 24.91 ? 106 GLN A OE1 1 
ATOM   469  N  NE2 . GLN A 1 54  ? 7.721   5.722   -2.667  1.00 13.31 ? 106 GLN A NE2 1 
ATOM   470  N  N   . HIS A 1 55  ? 4.116   2.978   -5.917  1.00 14.52 ? 107 HIS A N   1 
ATOM   471  C  CA  . HIS A 1 55  ? 3.525   1.613   -5.909  1.00 12.83 ? 107 HIS A CA  1 
ATOM   472  C  C   . HIS A 1 55  ? 4.542   0.571   -5.555  1.00 12.94 ? 107 HIS A C   1 
ATOM   473  O  O   . HIS A 1 55  ? 5.696   0.598   -6.053  1.00 13.28 ? 107 HIS A O   1 
ATOM   474  C  CB  . HIS A 1 55  ? 2.909   1.275   -7.270  1.00 14.21 ? 107 HIS A CB  1 
ATOM   475  C  CG  . HIS A 1 55  ? 1.885   2.269   -7.736  1.00 14.37 ? 107 HIS A CG  1 
ATOM   476  N  ND1 . HIS A 1 55  ? 0.562   2.201   -7.362  1.00 12.55 ? 107 HIS A ND1 1 
ATOM   477  C  CD2 . HIS A 1 55  ? 1.980   3.334   -8.569  1.00 12.27 ? 107 HIS A CD2 1 
ATOM   478  C  CE1 . HIS A 1 55  ? -0.122  3.165   -7.957  1.00 13.87 ? 107 HIS A CE1 1 
ATOM   479  N  NE2 . HIS A 1 55  ? 0.729   3.879   -8.674  1.00 15.44 ? 107 HIS A NE2 1 
ATOM   480  N  N   . PHE A 1 56  ? 4.161   -0.336  -4.653  1.00 12.30 ? 108 PHE A N   1 
ATOM   481  C  CA  . PHE A 1 56  ? 5.051   -1.444  -4.228  1.00 12.74 ? 108 PHE A CA  1 
ATOM   482  C  C   . PHE A 1 56  ? 4.369   -2.780  -4.502  1.00 13.57 ? 108 PHE A C   1 
ATOM   483  O  O   . PHE A 1 56  ? 3.190   -2.976  -4.208  1.00 13.32 ? 108 PHE A O   1 
ATOM   484  C  CB  . PHE A 1 56  ? 5.395   -1.376  -2.717  1.00 12.46 ? 108 PHE A CB  1 
ATOM   485  C  CG  . PHE A 1 56  ? 6.033   -0.040  -2.308  1.00 13.25 ? 108 PHE A CG  1 
ATOM   486  C  CD1 . PHE A 1 56  ? 5.235   1.100   -2.127  1.00 15.47 ? 108 PHE A CD1 1 
ATOM   487  C  CD2 . PHE A 1 56  ? 7.377   0.079   -2.112  1.00 16.86 ? 108 PHE A CD2 1 
ATOM   488  C  CE1 . PHE A 1 56  ? 5.778   2.347   -1.789  1.00 16.21 ? 108 PHE A CE1 1 
ATOM   489  C  CE2 . PHE A 1 56  ? 7.919   1.323   -1.760  1.00 16.09 ? 108 PHE A CE2 1 
ATOM   490  C  CZ  . PHE A 1 56  ? 7.146   2.452   -1.602  1.00 15.52 ? 108 PHE A CZ  1 
ATOM   491  N  N   . LYS A 1 57  ? 5.128   -3.723  -5.073  1.00 12.97 ? 109 LYS A N   1 
ATOM   492  C  CA  . LYS A 1 57  ? 4.619   -5.120  -5.163  1.00 13.67 ? 109 LYS A CA  1 
ATOM   493  C  C   . LYS A 1 57  ? 4.635   -5.709  -3.752  1.00 13.92 ? 109 LYS A C   1 
ATOM   494  O  O   . LYS A 1 57  ? 5.621   -5.548  -2.980  1.00 14.34 ? 109 LYS A O   1 
ATOM   495  C  CB  . LYS A 1 57  ? 5.568   -6.027  -5.994  1.00 14.60 ? 109 LYS A CB  1 
ATOM   496  C  CG  . LYS A 1 57  ? 5.882   -5.490  -7.319  1.00 17.20 ? 109 LYS A CG  1 
ATOM   497  C  CD  . LYS A 1 57  ? 6.783   -6.519  -8.062  1.00 14.56 ? 109 LYS A CD  1 
ATOM   498  C  CE  . LYS A 1 57  ? 8.276   -6.316  -7.728  1.00 19.38 ? 109 LYS A CE  1 
ATOM   499  N  NZ  . LYS A 1 57  ? 9.149   -7.211  -8.715  1.00 19.19 ? 109 LYS A NZ  1 
ATOM   500  N  N   . VAL A 1 58  ? 3.555   -6.397  -3.404  1.00 12.05 ? 110 VAL A N   1 
ATOM   501  C  CA  . VAL A 1 58  ? 3.590   -7.238  -2.205  1.00 13.19 ? 110 VAL A CA  1 
ATOM   502  C  C   . VAL A 1 58  ? 4.097   -8.596  -2.674  1.00 13.55 ? 110 VAL A C   1 
ATOM   503  O  O   . VAL A 1 58  ? 3.388   -9.333  -3.373  1.00 15.45 ? 110 VAL A O   1 
ATOM   504  C  CB  . VAL A 1 58  ? 2.196   -7.350  -1.589  1.00 13.49 ? 110 VAL A CB  1 
ATOM   505  C  CG1 . VAL A 1 58  ? 2.207   -8.253  -0.350  1.00 12.55 ? 110 VAL A CG1 1 
ATOM   506  C  CG2 . VAL A 1 58  ? 1.738   -5.926  -1.188  1.00 11.93 ? 110 VAL A CG2 1 
ATOM   507  N  N   . LEU A 1 59  ? 5.320   -8.907  -2.275  1.00 14.30 ? 111 LEU A N   1 
ATOM   508  C  CA  . LEU A 1 59  ? 5.999   -10.149 -2.680  1.00 14.81 ? 111 LEU A CA  1 
ATOM   509  C  C   . LEU A 1 59  ? 5.662   -11.278 -1.712  1.00 14.33 ? 111 LEU A C   1 
ATOM   510  O  O   . LEU A 1 59  ? 5.305   -11.022 -0.558  1.00 13.30 ? 111 LEU A O   1 
ATOM   511  C  CB  . LEU A 1 59  ? 7.518   -9.885  -2.716  1.00 13.04 ? 111 LEU A CB  1 
ATOM   512  C  CG  . LEU A 1 59  ? 7.935   -8.760  -3.665  1.00 16.71 ? 111 LEU A CG  1 
ATOM   513  C  CD1 . LEU A 1 59  ? 9.387   -8.476  -3.472  1.00 16.47 ? 111 LEU A CD1 1 
ATOM   514  C  CD2 . LEU A 1 59  ? 7.623   -9.122  -5.149  1.00 14.88 ? 111 LEU A CD2 1 
ATOM   515  N  N   . ARG A 1 60  ? 5.752   -12.524 -2.190  1.00 15.92 ? 112 ARG A N   1 
ATOM   516  C  CA  . ARG A 1 60  ? 5.504   -13.706 -1.389  1.00 16.52 ? 112 ARG A CA  1 
ATOM   517  C  C   . ARG A 1 60  ? 6.749   -14.603 -1.347  1.00 17.25 ? 112 ARG A C   1 
ATOM   518  O  O   . ARG A 1 60  ? 7.474   -14.717 -2.364  1.00 19.79 ? 112 ARG A O   1 
ATOM   519  C  CB  . ARG A 1 60  ? 4.380   -14.539 -2.009  1.00 17.77 ? 112 ARG A CB  1 
ATOM   520  C  CG  . ARG A 1 60  ? 3.073   -13.825 -2.258  1.00 22.59 ? 112 ARG A CG  1 
ATOM   521  C  CD  . ARG A 1 60  ? 2.552   -13.237 -0.964  1.00 23.50 ? 112 ARG A CD  1 
ATOM   522  N  NE  . ARG A 1 60  ? 1.862   -14.218 -0.096  1.00 26.41 ? 112 ARG A NE  1 
ATOM   523  C  CZ  . ARG A 1 60  ? 0.685   -14.818 -0.373  1.00 28.98 ? 112 ARG A CZ  1 
ATOM   524  N  NH1 . ARG A 1 60  ? 0.078   -14.576 -1.547  1.00 27.41 ? 112 ARG A NH1 1 
ATOM   525  N  NH2 . ARG A 1 60  ? 0.139   -15.663 0.528   1.00 20.87 ? 112 ARG A NH2 1 
ATOM   526  N  N   . ASP A 1 61  ? 7.004   -15.243 -0.207  1.00 17.32 ? 113 ASP A N   1 
ATOM   527  C  CA  . ASP A 1 61  ? 8.102   -16.251 -0.131  1.00 18.13 ? 113 ASP A CA  1 
ATOM   528  C  C   . ASP A 1 61  ? 7.516   -17.602 -0.523  1.00 20.76 ? 113 ASP A C   1 
ATOM   529  O  O   . ASP A 1 61  ? 6.331   -17.681 -0.960  1.00 20.49 ? 113 ASP A O   1 
ATOM   530  C  CB  . ASP A 1 61  ? 8.767   -16.231 1.270   1.00 17.30 ? 113 ASP A CB  1 
ATOM   531  C  CG  . ASP A 1 61  ? 7.916   -16.874 2.368   1.00 18.65 ? 113 ASP A CG  1 
ATOM   532  O  OD1 . ASP A 1 61  ? 6.735   -17.276 2.156   1.00 16.67 ? 113 ASP A OD1 1 
ATOM   533  O  OD2 . ASP A 1 61  ? 8.461   -17.015 3.502   1.00 19.49 ? 113 ASP A OD2 1 
ATOM   534  N  N   . GLY A 1 62  ? 8.295   -18.691 -0.386  1.00 22.25 ? 114 GLY A N   1 
ATOM   535  C  CA  . GLY A 1 62  ? 7.763   -20.030 -0.765  1.00 24.73 ? 114 GLY A CA  1 
ATOM   536  C  C   . GLY A 1 62  ? 6.626   -20.500 0.129   1.00 25.49 ? 114 GLY A C   1 
ATOM   537  O  O   . GLY A 1 62  ? 5.850   -21.370 -0.266  1.00 26.87 ? 114 GLY A O   1 
ATOM   538  N  N   . ALA A 1 63  ? 6.510   -19.953 1.342   1.00 25.05 ? 115 ALA A N   1 
ATOM   539  C  CA  . ALA A 1 63  ? 5.516   -20.416 2.297   1.00 24.52 ? 115 ALA A CA  1 
ATOM   540  C  C   . ALA A 1 63  ? 4.249   -19.558 2.265   1.00 25.05 ? 115 ALA A C   1 
ATOM   541  O  O   . ALA A 1 63  ? 3.322   -19.850 2.993   1.00 27.57 ? 115 ALA A O   1 
ATOM   542  C  CB  . ALA A 1 63  ? 6.066   -20.478 3.699   1.00 24.72 ? 115 ALA A CB  1 
ATOM   543  N  N   . GLY A 1 64  ? 4.191   -18.546 1.402   1.00 22.59 ? 116 GLY A N   1 
ATOM   544  C  CA  . GLY A 1 64  ? 3.064   -17.632 1.360   1.00 21.50 ? 116 GLY A CA  1 
ATOM   545  C  C   . GLY A 1 64  ? 3.117   -16.457 2.334   1.00 21.00 ? 116 GLY A C   1 
ATOM   546  O  O   . GLY A 1 64  ? 2.112   -15.777 2.486   1.00 22.15 ? 116 GLY A O   1 
ATOM   547  N  N   . LYS A 1 65  ? 4.240   -16.194 3.015   1.00 18.62 ? 117 LYS A N   1 
ATOM   548  C  CA  . LYS A 1 65  ? 4.415   -14.924 3.718   1.00 16.69 ? 117 LYS A CA  1 
ATOM   549  C  C   . LYS A 1 65  ? 4.545   -13.770 2.776   1.00 15.14 ? 117 LYS A C   1 
ATOM   550  O  O   . LYS A 1 65  ? 4.892   -13.935 1.613   1.00 17.70 ? 117 LYS A O   1 
ATOM   551  C  CB  . LYS A 1 65  ? 5.640   -14.974 4.608   1.00 17.73 ? 117 LYS A CB  1 
ATOM   552  C  CG  . LYS A 1 65  ? 5.397   -16.119 5.650   1.00 21.62 ? 117 LYS A CG  1 
ATOM   553  C  CD  . LYS A 1 65  ? 6.272   -15.949 6.811   1.00 24.32 ? 117 LYS A CD  1 
ATOM   554  C  CE  . LYS A 1 65  ? 6.029   -17.037 7.813   1.00 31.64 ? 117 LYS A CE  1 
ATOM   555  N  NZ  . LYS A 1 65  ? 6.306   -16.390 9.159   1.00 36.91 ? 117 LYS A NZ  1 
ATOM   556  N  N   . TYR A 1 66  ? 4.236   -12.566 3.276   1.00 14.48 ? 118 TYR A N   1 
ATOM   557  C  CA  . TYR A 1 66  ? 4.214   -11.354 2.454   1.00 15.12 ? 118 TYR A CA  1 
ATOM   558  C  C   . TYR A 1 66  ? 5.343   -10.419 2.824   1.00 14.08 ? 118 TYR A C   1 
ATOM   559  O  O   . TYR A 1 66  ? 5.621   -10.240 4.024   1.00 14.32 ? 118 TYR A O   1 
ATOM   560  C  CB  . TYR A 1 66  ? 2.967   -10.540 2.806   1.00 15.08 ? 118 TYR A CB  1 
ATOM   561  C  CG  . TYR A 1 66  ? 1.684   -11.272 2.510   1.00 14.25 ? 118 TYR A CG  1 
ATOM   562  C  CD1 . TYR A 1 66  ? 1.045   -12.002 3.491   1.00 14.58 ? 118 TYR A CD1 1 
ATOM   563  C  CD2 . TYR A 1 66  ? 1.103   -11.219 1.214   1.00 16.88 ? 118 TYR A CD2 1 
ATOM   564  C  CE1 . TYR A 1 66  ? -0.194  -12.662 3.221   1.00 15.51 ? 118 TYR A CE1 1 
ATOM   565  C  CE2 . TYR A 1 66  ? -0.154  -11.919 0.929   1.00 15.62 ? 118 TYR A CE2 1 
ATOM   566  C  CZ  . TYR A 1 66  ? -0.769  -12.589 1.950   1.00 16.17 ? 118 TYR A CZ  1 
ATOM   567  O  OH  . TYR A 1 66  ? -1.983  -13.279 1.741   1.00 16.38 ? 118 TYR A OH  1 
ATOM   568  N  N   . PHE A 1 67  ? 5.920   -9.735  1.844   1.00 13.69 ? 119 PHE A N   1 
ATOM   569  C  CA  . PHE A 1 67  ? 6.945   -8.762  2.198   1.00 13.70 ? 119 PHE A CA  1 
ATOM   570  C  C   . PHE A 1 67  ? 7.069   -7.683  1.118   1.00 13.36 ? 119 PHE A C   1 
ATOM   571  O  O   . PHE A 1 67  ? 6.642   -7.906  -0.021  1.00 13.65 ? 119 PHE A O   1 
ATOM   572  C  CB  . PHE A 1 67  ? 8.323   -9.465  2.465   1.00 13.20 ? 119 PHE A CB  1 
ATOM   573  C  CG  . PHE A 1 67  ? 8.923   -10.156 1.254   1.00 14.74 ? 119 PHE A CG  1 
ATOM   574  C  CD1 . PHE A 1 67  ? 9.939   -9.515  0.493   1.00 15.11 ? 119 PHE A CD1 1 
ATOM   575  C  CD2 . PHE A 1 67  ? 8.594   -11.470 0.925   1.00 16.36 ? 119 PHE A CD2 1 
ATOM   576  C  CE1 . PHE A 1 67  ? 10.541  -10.141 -0.597  1.00 13.21 ? 119 PHE A CE1 1 
ATOM   577  C  CE2 . PHE A 1 67  ? 9.212   -12.100 -0.192  1.00 16.17 ? 119 PHE A CE2 1 
ATOM   578  C  CZ  . PHE A 1 67  ? 10.199  -11.437 -0.912  1.00 14.56 ? 119 PHE A CZ  1 
ATOM   579  N  N   . LEU A 1 68  ? 7.686   -6.547  1.497   1.00 13.91 ? 120 LEU A N   1 
ATOM   580  C  CA  . LEU A 1 68  ? 8.091   -5.527  0.490   1.00 13.96 ? 120 LEU A CA  1 
ATOM   581  C  C   . LEU A 1 68  ? 9.574   -5.614  0.106   1.00 13.86 ? 120 LEU A C   1 
ATOM   582  O  O   . LEU A 1 68  ? 9.940   -5.572  -1.090  1.00 13.84 ? 120 LEU A O   1 
ATOM   583  C  CB  . LEU A 1 68  ? 7.793   -4.122  1.012   1.00 14.90 ? 120 LEU A CB  1 
ATOM   584  C  CG  . LEU A 1 68  ? 6.309   -3.829  1.373   1.00 13.14 ? 120 LEU A CG  1 
ATOM   585  C  CD1 . LEU A 1 68  ? 6.215   -2.323  1.776   1.00 11.18 ? 120 LEU A CD1 1 
ATOM   586  C  CD2 . LEU A 1 68  ? 5.355   -4.181  0.190   1.00 13.58 ? 120 LEU A CD2 1 
ATOM   587  N  N   . TRP A 1 69  ? 10.426  -5.741  1.125   1.00 14.08 ? 121 TRP A N   1 
ATOM   588  C  CA  . TRP A 1 69  ? 11.849  -5.701  0.900   1.00 15.08 ? 121 TRP A CA  1 
ATOM   589  C  C   . TRP A 1 69  ? 12.505  -6.945  1.537   1.00 16.48 ? 121 TRP A C   1 
ATOM   590  O  O   . TRP A 1 69  ? 12.950  -7.808  0.809   1.00 16.57 ? 121 TRP A O   1 
ATOM   591  C  CB  . TRP A 1 69  ? 12.449  -4.450  1.530   1.00 14.92 ? 121 TRP A CB  1 
ATOM   592  C  CG  . TRP A 1 69  ? 11.954  -3.168  0.905   1.00 16.08 ? 121 TRP A CG  1 
ATOM   593  C  CD1 . TRP A 1 69  ? 11.025  -2.318  1.450   1.00 18.59 ? 121 TRP A CD1 1 
ATOM   594  C  CD2 . TRP A 1 69  ? 12.322  -2.605  -0.373  1.00 13.89 ? 121 TRP A CD2 1 
ATOM   595  N  NE1 . TRP A 1 69  ? 10.792  -1.238  0.583   1.00 14.64 ? 121 TRP A NE1 1 
ATOM   596  C  CE2 . TRP A 1 69  ? 11.590  -1.382  -0.520  1.00 15.57 ? 121 TRP A CE2 1 
ATOM   597  C  CE3 . TRP A 1 69  ? 13.222  -2.970  -1.382  1.00 17.53 ? 121 TRP A CE3 1 
ATOM   598  C  CZ2 . TRP A 1 69  ? 11.739  -0.553  -1.629  1.00 17.81 ? 121 TRP A CZ2 1 
ATOM   599  C  CZ3 . TRP A 1 69  ? 13.345  -2.116  -2.538  1.00 18.70 ? 121 TRP A CZ3 1 
ATOM   600  C  CH2 . TRP A 1 69  ? 12.614  -0.934  -2.618  1.00 18.55 ? 121 TRP A CH2 1 
ATOM   601  N  N   . VAL A 1 70  ? 12.553  -7.017  2.879   1.00 16.25 ? 122 VAL A N   1 
ATOM   602  C  CA  . VAL A 1 70  ? 13.317  -8.103  3.562   1.00 17.20 ? 122 VAL A CA  1 
ATOM   603  C  C   . VAL A 1 70  ? 12.507  -8.740  4.684   1.00 16.10 ? 122 VAL A C   1 
ATOM   604  O  O   . VAL A 1 70  ? 12.456  -9.945  4.760   1.00 16.03 ? 122 VAL A O   1 
ATOM   605  C  CB  . VAL A 1 70  ? 14.698  -7.577  4.172   1.00 18.19 ? 122 VAL A CB  1 
ATOM   606  C  CG1 . VAL A 1 70  ? 15.397  -8.669  5.026   1.00 19.42 ? 122 VAL A CG1 1 
ATOM   607  C  CG2 . VAL A 1 70  ? 15.630  -7.090  3.090   1.00 20.84 ? 122 VAL A CG2 1 
ATOM   608  N  N   . VAL A 1 71  ? 11.859  -7.929  5.533   1.00 15.90 ? 123 VAL A N   1 
ATOM   609  C  CA  . VAL A 1 71  ? 11.138  -8.434  6.706   1.00 15.20 ? 123 VAL A CA  1 
ATOM   610  C  C   . VAL A 1 71  ? 9.789   -9.009  6.212   1.00 16.28 ? 123 VAL A C   1 
ATOM   611  O  O   . VAL A 1 71  ? 9.083   -8.337  5.433   1.00 17.92 ? 123 VAL A O   1 
ATOM   612  C  CB  . VAL A 1 71  ? 10.947  -7.294  7.762   1.00 16.46 ? 123 VAL A CB  1 
ATOM   613  C  CG1 . VAL A 1 71  ? 10.134  -7.821  8.969   1.00 16.18 ? 123 VAL A CG1 1 
ATOM   614  C  CG2 . VAL A 1 71  ? 12.312  -6.852  8.268   1.00 15.25 ? 123 VAL A CG2 1 
ATOM   615  N  N   . LYS A 1 72  ? 9.419   -10.219 6.624   1.00 14.46 ? 124 LYS A N   1 
ATOM   616  C  CA  . LYS A 1 72  ? 8.162   -10.802 6.053   1.00 15.09 ? 124 LYS A CA  1 
ATOM   617  C  C   . LYS A 1 72  ? 7.127   -11.131 7.094   1.00 15.56 ? 124 LYS A C   1 
ATOM   618  O  O   . LYS A 1 72  ? 7.455   -11.241 8.290   1.00 15.39 ? 124 LYS A O   1 
ATOM   619  C  CB  . LYS A 1 72  ? 8.487   -11.985 5.124   1.00 14.61 ? 124 LYS A CB  1 
ATOM   620  C  CG  . LYS A 1 72  ? 9.142   -13.136 5.801   1.00 14.60 ? 124 LYS A CG  1 
ATOM   621  C  CD  . LYS A 1 72  ? 9.626   -14.120 4.762   1.00 14.73 ? 124 LYS A CD  1 
ATOM   622  C  CE  . LYS A 1 72  ? 10.326  -15.270 5.525   1.00 14.89 ? 124 LYS A CE  1 
ATOM   623  N  NZ  . LYS A 1 72  ? 10.801  -16.333 4.531   1.00 12.85 ? 124 LYS A NZ  1 
ATOM   624  N  N   A PHE A 1 73  ? 5.866   -11.273 6.689   0.50 15.31 ? 125 PHE A N   1 
ATOM   625  N  N   B PHE A 1 73  ? 5.885   -11.344 6.652   0.50 14.25 ? 125 PHE A N   1 
ATOM   626  C  CA  A PHE A 1 73  ? 4.780   -11.368 7.672   0.50 15.45 ? 125 PHE A CA  1 
ATOM   627  C  CA  B PHE A 1 73  ? 4.717   -11.226 7.528   0.50 13.86 ? 125 PHE A CA  1 
ATOM   628  C  C   A PHE A 1 73  ? 3.755   -12.408 7.276   0.50 15.30 ? 125 PHE A C   1 
ATOM   629  C  C   B PHE A 1 73  ? 3.703   -12.357 7.242   0.50 14.26 ? 125 PHE A C   1 
ATOM   630  O  O   A PHE A 1 73  ? 3.606   -12.724 6.099   0.50 14.59 ? 125 PHE A O   1 
ATOM   631  O  O   B PHE A 1 73  ? 3.542   -12.723 6.080   0.50 13.77 ? 125 PHE A O   1 
ATOM   632  C  CB  A PHE A 1 73  ? 4.080   -9.991  7.882   0.50 16.06 ? 125 PHE A CB  1 
ATOM   633  C  CB  B PHE A 1 73  ? 4.067   -9.810  7.302   0.50 12.91 ? 125 PHE A CB  1 
ATOM   634  C  CG  A PHE A 1 73  ? 4.978   -8.986  8.527   0.50 17.14 ? 125 PHE A CG  1 
ATOM   635  C  CG  B PHE A 1 73  ? 5.054   -8.655  7.509   0.50 10.12 ? 125 PHE A CG  1 
ATOM   636  C  CD1 A PHE A 1 73  ? 5.124   -8.968  9.914   0.50 17.49 ? 125 PHE A CD1 1 
ATOM   637  C  CD1 B PHE A 1 73  ? 5.348   -8.195  8.798   0.50 7.04  ? 125 PHE A CD1 1 
ATOM   638  C  CD2 A PHE A 1 73  ? 5.737   -8.121  7.744   0.50 17.35 ? 125 PHE A CD2 1 
ATOM   639  C  CD2 B PHE A 1 73  ? 5.707   -8.075  6.440   0.50 9.98  ? 125 PHE A CD2 1 
ATOM   640  C  CE1 A PHE A 1 73  ? 5.985   -8.116  10.510  0.50 18.32 ? 125 PHE A CE1 1 
ATOM   641  C  CE1 B PHE A 1 73  ? 6.247   -7.169  8.995   0.50 9.67  ? 125 PHE A CE1 1 
ATOM   642  C  CE2 A PHE A 1 73  ? 6.606   -7.248  8.332   0.50 20.21 ? 125 PHE A CE2 1 
ATOM   643  C  CE2 B PHE A 1 73  ? 6.630   -7.045  6.636   0.50 10.29 ? 125 PHE A CE2 1 
ATOM   644  C  CZ  A PHE A 1 73  ? 6.726   -7.245  9.714   0.50 20.07 ? 125 PHE A CZ  1 
ATOM   645  C  CZ  B PHE A 1 73  ? 6.908   -6.601  7.898   0.50 9.57  ? 125 PHE A CZ  1 
ATOM   646  N  N   . ASN A 1 74  ? 3.025   -12.878 8.281   1.00 15.02 ? 126 ASN A N   1 
ATOM   647  C  CA  . ASN A 1 74  ? 1.966   -13.888 8.073   1.00 16.22 ? 126 ASN A CA  1 
ATOM   648  C  C   . ASN A 1 74  ? 0.687   -13.348 7.471   1.00 16.27 ? 126 ASN A C   1 
ATOM   649  O  O   . ASN A 1 74  ? -0.202  -14.118 7.081   1.00 17.34 ? 126 ASN A O   1 
ATOM   650  C  CB  . ASN A 1 74  ? 1.597   -14.608 9.382   1.00 17.29 ? 126 ASN A CB  1 
ATOM   651  C  CG  . ASN A 1 74  ? 2.714   -15.488 9.847   1.00 23.81 ? 126 ASN A CG  1 
ATOM   652  O  OD1 . ASN A 1 74  ? 3.503   -15.950 9.041   1.00 28.95 ? 126 ASN A OD1 1 
ATOM   653  N  ND2 . ASN A 1 74  ? 2.874   -15.610 11.137  1.00 30.02 ? 126 ASN A ND2 1 
ATOM   654  N  N   . SER A 1 75  ? 0.592   -12.031 7.346   1.00 15.19 ? 127 SER A N   1 
ATOM   655  C  CA  . SER A 1 75  ? -0.635  -11.448 6.807   1.00 13.53 ? 127 SER A CA  1 
ATOM   656  C  C   . SER A 1 75  ? -0.300  -10.088 6.178   1.00 13.70 ? 127 SER A C   1 
ATOM   657  O  O   . SER A 1 75  ? 0.705   -9.438  6.543   1.00 12.86 ? 127 SER A O   1 
ATOM   658  C  CB  . SER A 1 75  ? -1.649  -11.268 7.976   1.00 12.64 ? 127 SER A CB  1 
ATOM   659  O  OG  . SER A 1 75  ? -1.099  -10.362 8.976   1.00 14.89 ? 127 SER A OG  1 
ATOM   660  N  N   . LEU A 1 76  ? -1.099  -9.668  5.211   1.00 12.58 ? 128 LEU A N   1 
ATOM   661  C  CA  . LEU A 1 76  ? -1.062  -8.294  4.712   1.00 11.68 ? 128 LEU A CA  1 
ATOM   662  C  C   . LEU A 1 76  ? -1.267  -7.348  5.896   1.00 12.81 ? 128 LEU A C   1 
ATOM   663  O  O   . LEU A 1 76  ? -0.665  -6.300  5.963   1.00 12.36 ? 128 LEU A O   1 
ATOM   664  C  CB  . LEU A 1 76  ? -2.234  -8.090  3.763   1.00 11.95 ? 128 LEU A CB  1 
ATOM   665  C  CG  . LEU A 1 76  ? -2.129  -8.753  2.385   1.00 13.67 ? 128 LEU A CG  1 
ATOM   666  C  CD1 . LEU A 1 76  ? -3.581  -8.687  1.700   1.00 11.39 ? 128 LEU A CD1 1 
ATOM   667  C  CD2 . LEU A 1 76  ? -1.014  -8.086  1.565   1.00 11.40 ? 128 LEU A CD2 1 
ATOM   668  N  N   . ASN A 1 77  ? -2.164  -7.707  6.819   1.00 13.02 ? 129 ASN A N   1 
ATOM   669  C  CA  . ASN A 1 77  ? -2.473  -6.855  7.995   1.00 13.01 ? 129 ASN A CA  1 
ATOM   670  C  C   . ASN A 1 77  ? -1.175  -6.520  8.784   1.00 12.46 ? 129 ASN A C   1 
ATOM   671  O  O   . ASN A 1 77  ? -0.940  -5.395  9.142   1.00 12.69 ? 129 ASN A O   1 
ATOM   672  C  CB  . ASN A 1 77  ? -3.430  -7.622  8.931   1.00 13.30 ? 129 ASN A CB  1 
ATOM   673  C  CG  . ASN A 1 77  ? -4.170  -6.699  9.927   1.00 14.58 ? 129 ASN A CG  1 
ATOM   674  O  OD1 . ASN A 1 77  ? -3.741  -5.549  10.197  1.00 16.95 ? 129 ASN A OD1 1 
ATOM   675  N  ND2 . ASN A 1 77  ? -5.276  -7.166  10.430  1.00 12.63 ? 129 ASN A ND2 1 
ATOM   676  N  N   . GLU A 1 78  ? -0.374  -7.532  9.077   1.00 11.73 ? 130 GLU A N   1 
ATOM   677  C  CA  . GLU A 1 78  ? 0.876   -7.326  9.774   1.00 12.85 ? 130 GLU A CA  1 
ATOM   678  C  C   . GLU A 1 78  ? 1.889   -6.563  8.939   1.00 12.58 ? 130 GLU A C   1 
ATOM   679  O  O   . GLU A 1 78  ? 2.638   -5.762  9.506   1.00 12.44 ? 130 GLU A O   1 
ATOM   680  C  CB  . GLU A 1 78  ? 1.454   -8.663  10.262  1.00 12.60 ? 130 GLU A CB  1 
ATOM   681  C  CG  . GLU A 1 78  ? 0.628   -9.299  11.423  1.00 15.65 ? 130 GLU A CG  1 
ATOM   682  C  CD  . GLU A 1 78  ? 0.873   -10.797 11.516  1.00 21.47 ? 130 GLU A CD  1 
ATOM   683  O  OE1 . GLU A 1 78  ? 1.602   -11.225 12.429  1.00 20.87 ? 130 GLU A OE1 1 
ATOM   684  O  OE2 . GLU A 1 78  ? 0.427   -11.544 10.603  1.00 16.43 ? 130 GLU A OE2 1 
ATOM   685  N  N   . LEU A 1 79  ? 1.981   -6.834  7.611   1.00 13.01 ? 131 LEU A N   1 
ATOM   686  C  CA  . LEU A 1 79  ? 2.888   -6.067  6.736   1.00 12.98 ? 131 LEU A CA  1 
ATOM   687  C  C   . LEU A 1 79  ? 2.554   -4.538  6.791   1.00 14.01 ? 131 LEU A C   1 
ATOM   688  O  O   . LEU A 1 79  ? 3.436   -3.655  6.924   1.00 13.22 ? 131 LEU A O   1 
ATOM   689  C  CB  . LEU A 1 79  ? 2.785   -6.598  5.283   1.00 13.34 ? 131 LEU A CB  1 
ATOM   690  C  CG  . LEU A 1 79  ? 3.670   -5.934  4.189   1.00 13.53 ? 131 LEU A CG  1 
ATOM   691  C  CD1 . LEU A 1 79  ? 3.717   -6.861  3.016   1.00 13.28 ? 131 LEU A CD1 1 
ATOM   692  C  CD2 . LEU A 1 79  ? 3.169   -4.524  3.637   1.00 20.51 ? 131 LEU A CD2 1 
ATOM   693  N  N   . VAL A 1 80  ? 1.250   -4.247  6.656   1.00 13.18 ? 132 VAL A N   1 
ATOM   694  C  CA  . VAL A 1 80  ? 0.755   -2.866  6.694   1.00 12.81 ? 132 VAL A CA  1 
ATOM   695  C  C   . VAL A 1 80  ? 1.143   -2.294  8.033   1.00 12.10 ? 132 VAL A C   1 
ATOM   696  O  O   . VAL A 1 80  ? 1.664   -1.211  8.107   1.00 13.06 ? 132 VAL A O   1 
ATOM   697  C  CB  . VAL A 1 80  ? -0.785  -2.838  6.521   1.00 12.38 ? 132 VAL A CB  1 
ATOM   698  C  CG1 . VAL A 1 80  ? -1.367  -1.515  7.007   1.00 15.55 ? 132 VAL A CG1 1 
ATOM   699  C  CG2 . VAL A 1 80  ? -1.163  -2.989  5.052   1.00 13.43 ? 132 VAL A CG2 1 
ATOM   700  N  N   . ASP A 1 81  ? 0.842   -2.976  9.118   1.00 12.03 ? 133 ASP A N   1 
ATOM   701  C  CA  . ASP A 1 81  ? 1.072   -2.330  10.419  1.00 13.37 ? 133 ASP A CA  1 
ATOM   702  C  C   . ASP A 1 81  ? 2.534   -2.115  10.732  1.00 14.00 ? 133 ASP A C   1 
ATOM   703  O  O   . ASP A 1 81  ? 2.924   -1.122  11.358  1.00 13.85 ? 133 ASP A O   1 
ATOM   704  C  CB  . ASP A 1 81  ? 0.403   -3.116  11.553  1.00 12.82 ? 133 ASP A CB  1 
ATOM   705  C  CG  . ASP A 1 81  ? -1.123  -2.936  11.580  1.00 16.08 ? 133 ASP A CG  1 
ATOM   706  O  OD1 . ASP A 1 81  ? -1.694  -2.046  10.890  1.00 19.02 ? 133 ASP A OD1 1 
ATOM   707  O  OD2 . ASP A 1 81  ? -1.783  -3.749  12.248  1.00 16.81 ? 133 ASP A OD2 1 
ATOM   708  N  N   . TYR A 1 82  ? 3.363   -3.062  10.322  1.00 13.31 ? 134 TYR A N   1 
ATOM   709  C  CA  . TYR A 1 82  ? 4.790   -2.906  10.478  1.00 12.86 ? 134 TYR A CA  1 
ATOM   710  C  C   . TYR A 1 82  ? 5.245   -1.621  9.801   1.00 13.12 ? 134 TYR A C   1 
ATOM   711  O  O   . TYR A 1 82  ? 6.089   -0.871  10.375  1.00 13.46 ? 134 TYR A O   1 
ATOM   712  C  CB  . TYR A 1 82  ? 5.511   -4.073  9.803   1.00 14.54 ? 134 TYR A CB  1 
ATOM   713  C  CG  . TYR A 1 82  ? 7.041   -3.952  9.832   1.00 13.57 ? 134 TYR A CG  1 
ATOM   714  C  CD1 . TYR A 1 82  ? 7.727   -4.315  10.953  1.00 16.46 ? 134 TYR A CD1 1 
ATOM   715  C  CD2 . TYR A 1 82  ? 7.748   -3.478  8.706   1.00 16.20 ? 134 TYR A CD2 1 
ATOM   716  C  CE1 . TYR A 1 82  ? 9.136   -4.271  11.000  1.00 21.61 ? 134 TYR A CE1 1 
ATOM   717  C  CE2 . TYR A 1 82  ? 9.149   -3.420  8.715   1.00 15.39 ? 134 TYR A CE2 1 
ATOM   718  C  CZ  . TYR A 1 82  ? 9.828   -3.840  9.870   1.00 18.29 ? 134 TYR A CZ  1 
ATOM   719  O  OH  . TYR A 1 82  ? 11.211  -3.784  9.912   1.00 20.27 ? 134 TYR A OH  1 
ATOM   720  N  N   . HIS A 1 83  ? 4.716   -1.348  8.605   1.00 12.79 ? 135 HIS A N   1 
ATOM   721  C  CA  . HIS A 1 83  ? 5.166   -0.203  7.879   1.00 12.44 ? 135 HIS A CA  1 
ATOM   722  C  C   . HIS A 1 83  ? 4.504   1.143   8.254   1.00 11.47 ? 135 HIS A C   1 
ATOM   723  O  O   . HIS A 1 83  ? 4.766   2.190   7.593   1.00 13.01 ? 135 HIS A O   1 
ATOM   724  C  CB  . HIS A 1 83  ? 5.082   -0.469  6.364   1.00 12.20 ? 135 HIS A CB  1 
ATOM   725  C  CG  . HIS A 1 83  ? 6.168   -1.379  5.889   1.00 12.21 ? 135 HIS A CG  1 
ATOM   726  N  ND1 . HIS A 1 83  ? 5.950   -2.703  5.627   1.00 16.97 ? 135 HIS A ND1 1 
ATOM   727  C  CD2 . HIS A 1 83  ? 7.490   -1.168  5.688   1.00 12.61 ? 135 HIS A CD2 1 
ATOM   728  C  CE1 . HIS A 1 83  ? 7.097   -3.284  5.289   1.00 12.63 ? 135 HIS A CE1 1 
ATOM   729  N  NE2 . HIS A 1 83  ? 8.037   -2.379  5.316   1.00 14.34 ? 135 HIS A NE2 1 
ATOM   730  N  N   . ARG A 1 84  ? 3.720   1.177   9.315   1.00 12.12 ? 136 ARG A N   1 
ATOM   731  C  CA  . ARG A 1 84  ? 3.311   2.471   9.926   1.00 12.98 ? 136 ARG A CA  1 
ATOM   732  C  C   . ARG A 1 84  ? 4.481   3.071   10.725  1.00 14.26 ? 136 ARG A C   1 
ATOM   733  O  O   . ARG A 1 84  ? 4.488   4.241   11.003  1.00 13.64 ? 136 ARG A O   1 
ATOM   734  C  CB  . ARG A 1 84  ? 2.127   2.228   10.879  1.00 12.63 ? 136 ARG A CB  1 
ATOM   735  C  CG  . ARG A 1 84  ? 0.921   1.640   10.102  1.00 10.76 ? 136 ARG A CG  1 
ATOM   736  C  CD  . ARG A 1 84  ? -0.173  1.320   11.116  1.00 15.16 ? 136 ARG A CD  1 
ATOM   737  N  NE  . ARG A 1 84  ? -1.424  0.771   10.488  1.00 15.39 ? 136 ARG A NE  1 
ATOM   738  C  CZ  . ARG A 1 84  ? -2.329  1.542   9.889   1.00 15.24 ? 136 ARG A CZ  1 
ATOM   739  N  NH1 . ARG A 1 84  ? -2.094  2.846   9.786   1.00 15.32 ? 136 ARG A NH1 1 
ATOM   740  N  NH2 . ARG A 1 84  ? -3.449  1.010   9.350   1.00 14.74 ? 136 ARG A NH2 1 
ATOM   741  N  N   . SER A 1 85  ? 5.449   2.258   11.138  1.00 15.75 ? 137 SER A N   1 
ATOM   742  C  CA  . SER A 1 85  ? 6.576   2.826   11.949  1.00 16.88 ? 137 SER A CA  1 
ATOM   743  C  C   . SER A 1 85  ? 7.986   2.487   11.372  1.00 16.46 ? 137 SER A C   1 
ATOM   744  O  O   . SER A 1 85  ? 9.037   2.893   11.944  1.00 17.30 ? 137 SER A O   1 
ATOM   745  C  CB  . SER A 1 85  ? 6.451   2.430   13.423  1.00 15.79 ? 137 SER A CB  1 
ATOM   746  O  OG  . SER A 1 85  ? 6.578   1.030   13.534  1.00 17.02 ? 137 SER A OG  1 
ATOM   747  N  N   . THR A 1 86  ? 8.021   1.742   10.251  1.00 16.39 ? 138 THR A N   1 
ATOM   748  C  CA  . THR A 1 86  ? 9.238   1.525   9.487   1.00 15.53 ? 138 THR A CA  1 
ATOM   749  C  C   . THR A 1 86  ? 8.943   1.962   8.042   1.00 16.54 ? 138 THR A C   1 
ATOM   750  O  O   . THR A 1 86  ? 7.947   1.523   7.461   1.00 14.36 ? 138 THR A O   1 
ATOM   751  C  CB  . THR A 1 86  ? 9.744   0.057   9.522   1.00 16.95 ? 138 THR A CB  1 
ATOM   752  O  OG1 . THR A 1 86  ? 10.109  -0.282  10.857  1.00 16.76 ? 138 THR A OG1 1 
ATOM   753  C  CG2 . THR A 1 86  ? 10.940  -0.224  8.590   1.00 13.73 ? 138 THR A CG2 1 
ATOM   754  N  N   . SER A 1 87  ? 9.835   2.778   7.458   1.00 14.16 ? 139 SER A N   1 
ATOM   755  C  CA  . SER A 1 87  ? 9.580   3.280   6.079   1.00 15.41 ? 139 SER A CA  1 
ATOM   756  C  C   . SER A 1 87  ? 9.318   2.193   5.041   1.00 15.93 ? 139 SER A C   1 
ATOM   757  O  O   . SER A 1 87  ? 9.996   1.145   5.011   1.00 15.90 ? 139 SER A O   1 
ATOM   758  C  CB  . SER A 1 87  ? 10.729  4.200   5.568   1.00 14.44 ? 139 SER A CB  1 
ATOM   759  O  OG  . SER A 1 87  ? 10.326  4.867   4.378   1.00 12.93 ? 139 SER A OG  1 
ATOM   760  N  N   . VAL A 1 88  ? 8.308   2.423   4.205   1.00 15.23 ? 140 VAL A N   1 
ATOM   761  C  CA  . VAL A 1 88  ? 8.127   1.601   3.012   1.00 15.94 ? 140 VAL A CA  1 
ATOM   762  C  C   . VAL A 1 88  ? 9.200   1.851   1.969   1.00 15.73 ? 140 VAL A C   1 
ATOM   763  O  O   . VAL A 1 88  ? 9.384   1.007   1.107   1.00 15.88 ? 140 VAL A O   1 
ATOM   764  C  CB  . VAL A 1 88  ? 6.706   1.797   2.343   1.00 15.01 ? 140 VAL A CB  1 
ATOM   765  C  CG1 . VAL A 1 88  ? 5.669   1.213   3.263   1.00 16.21 ? 140 VAL A CG1 1 
ATOM   766  C  CG2 . VAL A 1 88  ? 6.390   3.308   1.918   1.00 14.28 ? 140 VAL A CG2 1 
ATOM   767  N  N   . SER A 1 89  ? 9.874   3.022   2.011   1.00 15.35 ? 141 SER A N   1 
ATOM   768  C  CA  . SER A 1 89  ? 10.736  3.447   0.926   1.00 14.17 ? 141 SER A CA  1 
ATOM   769  C  C   . SER A 1 89  ? 12.214  3.388   1.348   1.00 16.05 ? 141 SER A C   1 
ATOM   770  O  O   . SER A 1 89  ? 12.544  3.602   2.542   1.00 14.82 ? 141 SER A O   1 
ATOM   771  C  CB  . SER A 1 89  ? 10.365  4.856   0.496   1.00 15.44 ? 141 SER A CB  1 
ATOM   772  O  OG  . SER A 1 89  ? 11.342  5.389   -0.392  1.00 15.71 ? 141 SER A OG  1 
ATOM   773  N  N   . ARG A 1 90  ? 13.077  3.064   0.370   1.00 15.39 ? 142 ARG A N   1 
ATOM   774  C  CA  . ARG A 1 90  ? 14.518  3.128   0.557   1.00 16.44 ? 142 ARG A CA  1 
ATOM   775  C  C   . ARG A 1 90  ? 15.076  4.489   0.119   1.00 16.83 ? 142 ARG A C   1 
ATOM   776  O  O   . ARG A 1 90  ? 16.273  4.713   0.226   1.00 17.03 ? 142 ARG A O   1 
ATOM   777  C  CB  . ARG A 1 90  ? 15.152  2.031   -0.266  1.00 15.76 ? 142 ARG A CB  1 
ATOM   778  C  CG  . ARG A 1 90  ? 14.911  0.662   0.337   1.00 17.89 ? 142 ARG A CG  1 
ATOM   779  C  CD  . ARG A 1 90  ? 15.902  -0.355  -0.300  1.00 24.46 ? 142 ARG A CD  1 
ATOM   780  N  NE  . ARG A 1 90  ? 15.889  -1.607  0.491   1.00 33.08 ? 142 ARG A NE  1 
ATOM   781  C  CZ  . ARG A 1 90  ? 16.314  -2.794  0.049   1.00 31.10 ? 142 ARG A CZ  1 
ATOM   782  N  NH1 . ARG A 1 90  ? 16.786  -2.881  -1.202  1.00 31.88 ? 142 ARG A NH1 1 
ATOM   783  N  NH2 . ARG A 1 90  ? 16.225  -3.892  0.833   1.00 28.10 ? 142 ARG A NH2 1 
ATOM   784  N  N   . ASN A 1 91  ? 14.225  5.402   -0.362  1.00 16.19 ? 143 ASN A N   1 
ATOM   785  C  CA  . ASN A 1 91  ? 14.704  6.716   -0.827  1.00 16.51 ? 143 ASN A CA  1 
ATOM   786  C  C   . ASN A 1 91  ? 14.152  7.852   0.022   1.00 17.28 ? 143 ASN A C   1 
ATOM   787  O  O   . ASN A 1 91  ? 14.690  8.970   -0.013  1.00 17.08 ? 143 ASN A O   1 
ATOM   788  C  CB  . ASN A 1 91  ? 14.187  7.005   -2.226  1.00 18.68 ? 143 ASN A CB  1 
ATOM   789  C  CG  . ASN A 1 91  ? 14.734  6.075   -3.244  1.00 25.19 ? 143 ASN A CG  1 
ATOM   790  O  OD1 . ASN A 1 91  ? 15.837  5.596   -3.110  1.00 29.71 ? 143 ASN A OD1 1 
ATOM   791  N  ND2 . ASN A 1 91  ? 13.941  5.814   -4.294  1.00 32.55 ? 143 ASN A ND2 1 
ATOM   792  N  N   . GLN A 1 92  ? 13.047  7.603   0.732   1.00 15.68 ? 144 GLN A N   1 
ATOM   793  C  CA  . GLN A 1 92  ? 12.475  8.636   1.628   1.00 16.31 ? 144 GLN A CA  1 
ATOM   794  C  C   . GLN A 1 92  ? 11.921  7.953   2.858   1.00 15.54 ? 144 GLN A C   1 
ATOM   795  O  O   . GLN A 1 92  ? 11.637  6.735   2.850   1.00 15.05 ? 144 GLN A O   1 
ATOM   796  C  CB  . GLN A 1 92  ? 11.267  9.358   0.987   1.00 17.24 ? 144 GLN A CB  1 
ATOM   797  C  CG  . GLN A 1 92  ? 11.585  10.138  -0.346  1.00 18.98 ? 144 GLN A CG  1 
ATOM   798  C  CD  . GLN A 1 92  ? 11.369  9.268   -1.569  1.00 23.62 ? 144 GLN A CD  1 
ATOM   799  O  OE1 . GLN A 1 92  ? 10.695  8.243   -1.495  1.00 26.53 ? 144 GLN A OE1 1 
ATOM   800  N  NE2 . GLN A 1 92  ? 11.916  9.685   -2.711  1.00 26.97 ? 144 GLN A NE2 1 
ATOM   801  N  N   . GLN A 1 93  ? 11.673  8.759   3.893   1.00 13.29 ? 145 GLN A N   1 
ATOM   802  C  CA  . GLN A 1 93  ? 11.055  8.251   5.091   1.00 14.03 ? 145 GLN A CA  1 
ATOM   803  C  C   . GLN A 1 93  ? 9.557   8.401   4.859   1.00 15.47 ? 145 GLN A C   1 
ATOM   804  O  O   . GLN A 1 93  ? 9.041   9.509   4.930   1.00 15.09 ? 145 GLN A O   1 
ATOM   805  C  CB  . GLN A 1 93  ? 11.530  9.008   6.348   1.00 13.40 ? 145 GLN A CB  1 
ATOM   806  C  CG  . GLN A 1 93  ? 12.990  8.662   6.744   1.00 15.08 ? 145 GLN A CG  1 
ATOM   807  C  CD  . GLN A 1 93  ? 13.114  7.200   7.117   1.00 15.80 ? 145 GLN A CD  1 
ATOM   808  O  OE1 . GLN A 1 93  ? 13.201  6.352   6.232   1.00 15.08 ? 145 GLN A OE1 1 
ATOM   809  N  NE2 . GLN A 1 93  ? 13.098  6.887   8.420   1.00 15.86 ? 145 GLN A NE2 1 
ATOM   810  N  N   . ILE A 1 94  ? 8.881   7.296   4.545   1.00 13.21 ? 146 ILE A N   1 
ATOM   811  C  CA  . ILE A 1 94  ? 7.442   7.355   4.304   1.00 15.06 ? 146 ILE A CA  1 
ATOM   812  C  C   . ILE A 1 94  ? 6.798   6.302   5.161   1.00 14.92 ? 146 ILE A C   1 
ATOM   813  O  O   . ILE A 1 94  ? 7.075   5.107   4.983   1.00 14.28 ? 146 ILE A O   1 
ATOM   814  C  CB  . ILE A 1 94  ? 7.112   7.054   2.818   1.00 16.26 ? 146 ILE A CB  1 
ATOM   815  C  CG1 . ILE A 1 94  ? 7.824   8.046   1.890   1.00 17.12 ? 146 ILE A CG1 1 
ATOM   816  C  CG2 . ILE A 1 94  ? 5.539   7.045   2.607   1.00 14.14 ? 146 ILE A CG2 1 
ATOM   817  C  CD1 . ILE A 1 94  ? 7.623   7.751   0.392   1.00 15.42 ? 146 ILE A CD1 1 
ATOM   818  N  N   . PHE A 1 95  ? 5.901   6.724   6.048   1.00 14.99 ? 147 PHE A N   1 
ATOM   819  C  CA  . PHE A 1 95  ? 5.269   5.797   6.982   1.00 15.27 ? 147 PHE A CA  1 
ATOM   820  C  C   . PHE A 1 95  ? 3.793   5.748   6.650   1.00 14.59 ? 147 PHE A C   1 
ATOM   821  O  O   . PHE A 1 95  ? 3.153   6.799   6.466   1.00 14.42 ? 147 PHE A O   1 
ATOM   822  C  CB  . PHE A 1 95  ? 5.466   6.267   8.414   1.00 15.47 ? 147 PHE A CB  1 
ATOM   823  C  CG  . PHE A 1 95  ? 6.911   6.383   8.806   1.00 16.71 ? 147 PHE A CG  1 
ATOM   824  C  CD1 . PHE A 1 95  ? 7.625   7.601   8.641   1.00 17.33 ? 147 PHE A CD1 1 
ATOM   825  C  CD2 . PHE A 1 95  ? 7.585   5.273   9.235   1.00 15.74 ? 147 PHE A CD2 1 
ATOM   826  C  CE1 . PHE A 1 95  ? 8.987   7.685   8.973   1.00 16.27 ? 147 PHE A CE1 1 
ATOM   827  C  CE2 . PHE A 1 95  ? 9.016   5.348   9.557   1.00 16.33 ? 147 PHE A CE2 1 
ATOM   828  C  CZ  . PHE A 1 95  ? 9.685   6.556   9.434   1.00 16.63 ? 147 PHE A CZ  1 
ATOM   829  N  N   . LEU A 1 96  ? 3.263   4.529   6.594   1.00 14.28 ? 148 LEU A N   1 
ATOM   830  C  CA  . LEU A 1 96  ? 1.881   4.306   6.214   1.00 12.53 ? 148 LEU A CA  1 
ATOM   831  C  C   . LEU A 1 96  ? 0.956   4.964   7.232   1.00 14.70 ? 148 LEU A C   1 
ATOM   832  O  O   . LEU A 1 96  ? 1.171   4.833   8.442   1.00 12.89 ? 148 LEU A O   1 
ATOM   833  C  CB  . LEU A 1 96  ? 1.582   2.768   6.140   1.00 11.00 ? 148 LEU A CB  1 
ATOM   834  C  CG  . LEU A 1 96  ? 2.379   1.999   5.067   1.00 12.02 ? 148 LEU A CG  1 
ATOM   835  C  CD1 . LEU A 1 96  ? 1.842   0.623   4.933   1.00 9.88  ? 148 LEU A CD1 1 
ATOM   836  C  CD2 . LEU A 1 96  ? 2.265   2.734   3.690   1.00 13.29 ? 148 LEU A CD2 1 
ATOM   837  N  N   . ARG A 1 97  ? -0.051  5.676   6.737   1.00 12.98 ? 149 ARG A N   1 
ATOM   838  C  CA  . ARG A 1 97  ? -1.100  6.192   7.631   1.00 15.06 ? 149 ARG A CA  1 
ATOM   839  C  C   . ARG A 1 97  ? -2.419  6.054   6.920   1.00 16.14 ? 149 ARG A C   1 
ATOM   840  O  O   . ARG A 1 97  ? -2.493  6.087   5.724   1.00 15.81 ? 149 ARG A O   1 
ATOM   841  C  CB  . ARG A 1 97  ? -0.881  7.658   7.989   1.00 16.39 ? 149 ARG A CB  1 
ATOM   842  C  CG  . ARG A 1 97  ? -0.542  8.460   6.769   1.00 16.07 ? 149 ARG A CG  1 
ATOM   843  C  CD  . ARG A 1 97  ? -0.351  9.993   7.172   1.00 19.50 ? 149 ARG A CD  1 
ATOM   844  N  NE  . ARG A 1 97  ? -1.602  10.530  7.745   1.00 25.31 ? 149 ARG A NE  1 
ATOM   845  C  CZ  . ARG A 1 97  ? -1.652  11.519  8.645   1.00 32.65 ? 149 ARG A CZ  1 
ATOM   846  N  NH1 . ARG A 1 97  ? -0.527  12.072  9.098   1.00 35.71 ? 149 ARG A NH1 1 
ATOM   847  N  NH2 . ARG A 1 97  ? -2.809  11.973  9.100   1.00 34.68 ? 149 ARG A NH2 1 
ATOM   848  N  N   . ASP A 1 98  ? -3.488  5.890   7.661   1.00 17.35 ? 150 ASP A N   1 
ATOM   849  C  CA  . ASP A 1 98  ? -4.742  5.598   7.008   1.00 17.82 ? 150 ASP A CA  1 
ATOM   850  C  C   . ASP A 1 98  ? -5.215  6.781   6.200   1.00 17.40 ? 150 ASP A C   1 
ATOM   851  O  O   . ASP A 1 98  ? -4.986  7.926   6.605   1.00 17.06 ? 150 ASP A O   1 
ATOM   852  C  CB  . ASP A 1 98  ? -5.801  5.356   8.089   1.00 19.63 ? 150 ASP A CB  1 
ATOM   853  C  CG  . ASP A 1 98  ? -5.615  4.001   8.814   1.00 25.11 ? 150 ASP A CG  1 
ATOM   854  O  OD1 . ASP A 1 98  ? -4.842  3.151   8.315   1.00 24.57 ? 150 ASP A OD1 1 
ATOM   855  O  OD2 . ASP A 1 98  ? -6.236  3.863   9.881   1.00 28.44 ? 150 ASP A OD2 1 
ATOM   856  N  N   . ILE A 1 99  ? -5.988  6.510   5.156   1.00 16.25 ? 151 ILE A N   1 
ATOM   857  C  CA  . ILE A 1 99  ? -6.583  7.597   4.346   1.00 16.88 ? 151 ILE A CA  1 
ATOM   858  C  C   . ILE A 1 99  ? -7.522  8.438   5.267   1.00 19.20 ? 151 ILE A C   1 
ATOM   859  O  O   . ILE A 1 99  ? -8.018  7.909   6.288   1.00 18.56 ? 151 ILE A O   1 
ATOM   860  C  CB  . ILE A 1 99  ? -7.384  7.036   3.199   1.00 16.45 ? 151 ILE A CB  1 
ATOM   861  C  CG1 . ILE A 1 99  ? -8.226  5.846   3.685   1.00 20.64 ? 151 ILE A CG1 1 
ATOM   862  C  CG2 . ILE A 1 99  ? -6.425  6.548   2.089   1.00 13.54 ? 151 ILE A CG2 1 
ATOM   863  C  CD1 . ILE A 1 99  ? -9.306  5.429   2.753   1.00 27.62 ? 151 ILE A CD1 1 
ATOM   864  N  N   . GLU A 1 100 ? -7.666  9.726   4.981   0.75 20.86 ? 152 GLU A N   1 
ATOM   865  C  CA  . GLU A 1 100 ? -8.575  10.580  5.744   0.75 26.81 ? 152 GLU A CA  1 
ATOM   866  C  C   . GLU A 1 100 ? -9.990  9.992   5.856   0.75 31.91 ? 152 GLU A C   1 
ATOM   867  O  O   . GLU A 1 100 ? -10.519 9.788   6.984   0.75 32.94 ? 152 GLU A O   1 
ATOM   868  C  CB  . GLU A 1 100 ? -8.672  11.946  5.076   0.75 26.37 ? 152 GLU A CB  1 
ATOM   869  C  CG  . GLU A 1 100 ? -7.374  12.707  4.950   0.75 24.11 ? 152 GLU A CG  1 
ATOM   870  C  CD  . GLU A 1 100 ? -7.368  13.746  3.774   0.75 20.31 ? 152 GLU A CD  1 
ATOM   871  O  OE1 . GLU A 1 100 ? -8.380  14.008  3.119   0.75 28.51 ? 152 GLU A OE1 1 
ATOM   872  O  OE2 . GLU A 1 100 ? -6.368  14.284  3.473   0.75 8.22  ? 152 GLU A OE2 1 
ATOM   873  N  N   . GLN A 1 101 ? -10.597 9.765   4.689   1.00 38.40 ? 153 GLN A N   1 
ATOM   874  C  CA  . GLN A 1 101 ? -11.993 9.213   4.496   1.00 45.11 ? 153 GLN A CA  1 
ATOM   875  C  C   . GLN A 1 101 ? -13.203 10.191  4.180   1.00 48.07 ? 153 GLN A C   1 
ATOM   876  O  O   . GLN A 1 101 ? -13.616 11.032  5.044   1.00 49.32 ? 153 GLN A O   1 
ATOM   877  C  CB  . GLN A 1 101 ? -12.398 8.204   5.594   1.00 46.10 ? 153 GLN A CB  1 
ATOM   878  C  CG  . GLN A 1 101 ? -13.430 7.189   5.099   1.00 50.44 ? 153 GLN A CG  1 
ATOM   879  C  CD  . GLN A 1 101 ? -13.144 5.780   5.646   1.00 57.06 ? 153 GLN A CD  1 
ATOM   880  O  OE1 . GLN A 1 101 ? -13.857 4.801   5.312   1.00 58.85 ? 153 GLN A OE1 1 
ATOM   881  N  NE2 . GLN A 1 101 ? -12.100 5.674   6.505   1.00 54.89 ? 153 GLN A NE2 1 
ATOM   882  N  N   . VAL A 1 102 ? -13.786 10.000  2.976   1.00 50.40 ? 154 VAL A N   1 
ATOM   883  C  CA  . VAL A 1 102 ? -14.994 10.727  2.456   1.00 52.09 ? 154 VAL A CA  1 
ATOM   884  C  C   . VAL A 1 102 ? -16.210 10.674  3.403   1.00 52.00 ? 154 VAL A C   1 
ATOM   885  O  O   . VAL A 1 102 ? -16.505 11.646  4.092   1.00 52.15 ? 154 VAL A O   1 
ATOM   886  C  CB  . VAL A 1 102 ? -15.381 10.289  0.927   1.00 53.04 ? 154 VAL A CB  1 
ATOM   887  C  CG1 . VAL A 1 102 ? -16.151 8.894   0.845   1.00 53.47 ? 154 VAL A CG1 1 
ATOM   888  C  CG2 . VAL A 1 102 ? -16.126 11.435  0.145   1.00 52.19 ? 154 VAL A CG2 1 
HETATM 889  C  C   . ACE B 2 1   ? 6.361   0.416   -10.779 1.00 19.49 ? 1   ACE B C   1 
HETATM 890  O  O   . ACE B 2 1   ? 5.405   0.967   -10.222 1.00 18.40 ? 1   ACE B O   1 
HETATM 891  C  CH3 . ACE B 2 1   ? 6.541   0.551   -12.313 1.00 24.09 ? 1   ACE B CH3 1 
HETATM 892  N  N   . PTR B 2 2   ? 7.297   -0.301  -10.132 1.00 16.63 ? 2   PTR B N   1 
HETATM 893  C  CA  . PTR B 2 2   ? 7.202   -0.522  -8.664  1.00 13.81 ? 2   PTR B CA  1 
HETATM 894  C  C   . PTR B 2 2   ? 8.540   -0.149  -8.040  1.00 15.36 ? 2   PTR B C   1 
HETATM 895  O  O   . PTR B 2 2   ? 9.587   -0.478  -8.577  1.00 16.98 ? 2   PTR B O   1 
HETATM 896  C  CB  . PTR B 2 2   ? 6.890   -2.039  -8.406  1.00 11.85 ? 2   PTR B CB  1 
HETATM 897  C  CG  . PTR B 2 2   ? 5.576   -2.431  -9.074  1.00 14.50 ? 2   PTR B CG  1 
HETATM 898  C  CD1 . PTR B 2 2   ? 5.629   -2.950  -10.354 1.00 16.53 ? 2   PTR B CD1 1 
HETATM 899  C  CD2 . PTR B 2 2   ? 4.342   -2.219  -8.396  1.00 13.45 ? 2   PTR B CD2 1 
HETATM 900  C  CE1 . PTR B 2 2   ? 4.427   -3.224  -11.008 1.00 16.81 ? 2   PTR B CE1 1 
HETATM 901  C  CE2 . PTR B 2 2   ? 3.129   -2.482  -9.076  1.00 12.52 ? 2   PTR B CE2 1 
HETATM 902  C  CZ  . PTR B 2 2   ? 3.193   -3.010  -10.358 1.00 12.34 ? 2   PTR B CZ  1 
HETATM 903  O  OH  . PTR B 2 2   ? 2.115   -3.334  -11.152 1.00 13.74 ? 2   PTR B OH  1 
HETATM 904  P  P   . PTR B 2 2   ? 0.546   -3.017  -10.741 1.00 15.57 ? 2   PTR B P   1 
HETATM 905  O  O1P . PTR B 2 2   ? -0.202  -3.186  -12.120 1.00 15.52 ? 2   PTR B O1P 1 
HETATM 906  O  O2P . PTR B 2 2   ? 0.022   -3.979  -9.763  1.00 15.99 ? 2   PTR B O2P 1 
HETATM 907  O  O3P . PTR B 2 2   ? 0.484   -1.593  -10.344 1.00 15.02 ? 2   PTR B O3P 1 
HETATM 908  O  O   . 02K B 2 3   ? 11.846  -0.103  -5.861  1.00 14.74 ? 3   02K B O   1 
HETATM 909  C  CD  . 02K B 2 3   ? 9.127   4.002   -5.840  1.00 15.76 ? 3   02K B CD  1 
HETATM 910  C  CG  . 02K B 2 3   ? 8.391   2.920   -5.006  1.00 14.13 ? 3   02K B CG  1 
HETATM 911  C  CE  . 02K B 2 3   ? 9.492   3.420   -7.218  1.00 14.18 ? 3   02K B CE  1 
HETATM 912  C  CB  . 02K B 2 3   ? 9.242   1.621   -4.818  1.00 13.02 ? 3   02K B CB  1 
HETATM 913  C  CH  . 02K B 2 3   ? 10.281  2.105   -7.070  1.00 13.77 ? 3   02K B CH  1 
HETATM 914  N  N   . 02K B 2 3   ? 8.467   0.536   -6.907  1.00 13.93 ? 3   02K B N   1 
HETATM 915  C  C   . 02K B 2 3   ? 10.580  -0.188  -5.880  1.00 15.90 ? 3   02K B C   1 
HETATM 916  C  CA  . 02K B 2 3   ? 9.645   1.021   -6.178  1.00 14.56 ? 3   02K B CA  1 
ATOM   917  N  N   . ASN B 2 4   ? 9.924   -1.311  -5.510  1.00 13.64 ? 4   ASN B N   1 
ATOM   918  C  CA  . ASN B 2 4   ? 10.656  -2.529  -5.129  1.00 14.71 ? 4   ASN B CA  1 
ATOM   919  C  C   . ASN B 2 4   ? 10.686  -3.572  -6.242  1.00 16.59 ? 4   ASN B C   1 
ATOM   920  O  O   . ASN B 2 4   ? 10.957  -4.730  -5.977  1.00 17.89 ? 4   ASN B O   1 
ATOM   921  C  CB  . ASN B 2 4   ? 10.073  -3.080  -3.797  1.00 13.68 ? 4   ASN B CB  1 
ATOM   922  C  CG  . ASN B 2 4   ? 8.615   -3.590  -3.978  1.00 14.53 ? 4   ASN B CG  1 
ATOM   923  O  OD1 . ASN B 2 4   ? 7.913   -3.150  -4.919  1.00 13.41 ? 4   ASN B OD1 1 
ATOM   924  N  ND2 . ASN B 2 4   ? 8.217   -4.488  -3.089  1.00 14.77 ? 4   ASN B ND2 1 
HETATM 925  N  N   . NH2 B 2 5   ? 10.544  -3.160  -7.485  1.00 16.60 ? 5   NH2 B N   1 
HETATM 926  NA NA  . NA  C 3 .   ? 11.711  -2.840  5.618   1.00 56.94 ? 1   NA  A NA  1 
HETATM 927  CL CL  . CL  D 4 .   ? 12.533  3.546   9.112   1.00 26.37 ? 170 CL  A CL  1 
HETATM 928  O  O   . HOH E 5 .   ? 11.935  2.875   -2.365  1.00 17.07 ? 2   HOH A O   1 
HETATM 929  O  O   . HOH E 5 .   ? 10.468  5.111   -2.763  1.00 21.21 ? 3   HOH A O   1 
HETATM 930  O  O   . HOH E 5 .   ? 11.655  6.807   -4.875  1.00 21.24 ? 4   HOH A O   1 
HETATM 931  O  O   . HOH E 5 .   ? -2.876  -3.333  -11.557 1.00 16.20 ? 7   HOH A O   1 
HETATM 932  O  O   . HOH E 5 .   ? -5.051  -2.975  -8.955  1.00 14.06 ? 8   HOH A O   1 
HETATM 933  O  O   . HOH E 5 .   ? -4.426  -1.628  -12.899 1.00 16.05 ? 9   HOH A O   1 
HETATM 934  O  O   . HOH E 5 .   ? -4.731  1.367   -14.326 1.00 18.84 ? 10  HOH A O   1 
HETATM 935  O  O   . HOH E 5 .   ? 2.940   -6.425  -12.532 1.00 15.58 ? 11  HOH A O   1 
HETATM 936  O  O   . HOH E 5 .   ? 3.595   -9.039  -6.196  1.00 17.00 ? 12  HOH A O   1 
HETATM 937  O  O   . HOH E 5 .   ? 0.916   -10.429 -3.355  1.00 12.68 ? 13  HOH A O   1 
HETATM 938  O  O   . HOH E 5 .   ? 0.221   -13.238 -3.842  1.00 25.05 ? 14  HOH A O   1 
HETATM 939  O  O   . HOH E 5 .   ? 2.881   6.795   -10.135 1.00 35.20 ? 15  HOH A O   1 
HETATM 940  O  O   . HOH E 5 .   ? -5.441  -10.626 -5.211  1.00 16.68 ? 16  HOH A O   1 
HETATM 941  O  O   . HOH E 5 .   ? 4.780   -12.860 -7.905  1.00 29.24 ? 17  HOH A O   1 
HETATM 942  O  O   . HOH E 5 .   ? -0.511  -14.563 -8.346  1.00 26.03 ? 18  HOH A O   1 
HETATM 943  O  O   . HOH E 5 .   ? -6.867  -9.035  -10.435 1.00 27.90 ? 19  HOH A O   1 
HETATM 944  O  O   . HOH E 5 .   ? -5.919  3.803   4.204   1.00 21.47 ? 20  HOH A O   1 
HETATM 945  O  O   . HOH E 5 .   ? 7.963   9.666   -5.383  1.00 26.41 ? 21  HOH A O   1 
HETATM 946  O  O   . HOH E 5 .   ? 2.603   15.313  4.245   1.00 20.88 ? 22  HOH A O   1 
HETATM 947  O  O   . HOH E 5 .   ? 6.594   13.769  4.120   1.00 22.45 ? 23  HOH A O   1 
HETATM 948  O  O   . HOH E 5 .   ? 6.642   10.883  4.292   1.00 22.30 ? 24  HOH A O   1 
HETATM 949  O  O   . HOH E 5 .   ? 5.379   9.622   6.191   1.00 23.15 ? 25  HOH A O   1 
HETATM 950  O  O   . HOH E 5 .   ? 5.717   -12.854 -5.406  1.00 29.32 ? 26  HOH A O   1 
HETATM 951  O  O   . HOH E 5 .   ? 9.148   -13.580 -4.096  1.00 30.39 ? 27  HOH A O   1 
HETATM 952  O  O   . HOH E 5 .   ? 8.411   -18.642 5.642   1.00 19.72 ? 28  HOH A O   1 
HETATM 953  O  O   . HOH E 5 .   ? 9.097   -6.042  3.906   1.00 20.98 ? 29  HOH A O   1 
HETATM 954  O  O   . HOH E 5 .   ? 8.817   -10.690 10.773  1.00 26.02 ? 30  HOH A O   1 
HETATM 955  O  O   . HOH E 5 .   ? 4.018   -11.837 10.891  1.00 24.96 ? 31  HOH A O   1 
HETATM 956  O  O   . HOH E 5 .   ? -4.477  -3.744  12.522  1.00 22.86 ? 32  HOH A O   1 
HETATM 957  O  O   . HOH E 5 .   ? -4.193  -1.812  10.009  1.00 17.60 ? 33  HOH A O   1 
HETATM 958  O  O   . HOH E 5 .   ? 3.264   -6.068  12.265  1.00 25.49 ? 34  HOH A O   1 
HETATM 959  O  O   . HOH E 5 .   ? 7.887   -1.152  12.268  1.00 19.29 ? 35  HOH A O   1 
HETATM 960  O  O   . HOH E 5 .   ? 4.118   6.766   11.878  1.00 23.51 ? 36  HOH A O   1 
HETATM 961  O  O   . HOH E 5 .   ? -3.128  6.182   10.688  1.00 19.78 ? 37  HOH A O   1 
HETATM 962  O  O   . HOH E 5 .   ? 12.061  9.185   10.263  1.00 25.91 ? 38  HOH A O   1 
HETATM 963  O  O   . HOH E 5 .   ? -13.165 10.592  -11.397 1.00 26.32 ? 39  HOH A O   1 
HETATM 964  O  O   . HOH E 5 .   ? -8.867  10.760  -1.567  1.00 22.67 ? 40  HOH A O   1 
HETATM 965  O  O   . HOH E 5 .   ? -4.290  12.181  3.892   1.00 17.94 ? 41  HOH A O   1 
HETATM 966  O  O   . HOH E 5 .   ? -3.998  10.521  6.248   1.00 24.18 ? 42  HOH A O   1 
HETATM 967  O  O   . HOH E 5 .   ? -5.742  11.945  8.346   1.00 39.02 ? 43  HOH A O   1 
HETATM 968  O  O   . HOH E 5 .   ? 2.110   12.455  6.821   1.00 25.42 ? 44  HOH A O   1 
HETATM 969  O  O   . HOH E 5 .   ? 11.727  -6.972  -7.679  1.00 28.85 ? 45  HOH A O   1 
HETATM 970  O  O   . HOH E 5 .   ? 13.901  -7.115  -2.018  1.00 34.70 ? 46  HOH A O   1 
HETATM 971  O  O   . HOH E 5 .   ? -4.839  -9.596  -7.858  1.00 23.93 ? 47  HOH A O   1 
HETATM 972  O  O   . HOH E 5 .   ? 6.627   15.601  0.451   0.50 22.11 ? 48  HOH A O   1 
HETATM 973  O  O   . HOH E 5 .   ? 10.795  -19.447 1.176   1.00 35.74 ? 49  HOH A O   1 
HETATM 974  O  O   . HOH E 5 .   ? 14.605  -9.867  -0.132  1.00 31.57 ? 50  HOH A O   1 
HETATM 975  O  O   . HOH E 5 .   ? -1.285  -6.416  12.804  1.00 27.13 ? 51  HOH A O   1 
HETATM 976  O  O   . HOH E 5 .   ? 15.499  -3.187  3.766   1.00 34.62 ? 52  HOH A O   1 
HETATM 977  O  O   . HOH E 5 .   ? 8.896   11.105  7.325   0.50 17.25 ? 171 HOH A O   1 
HETATM 978  O  O   . HOH E 5 .   ? -4.741  8.993   9.203   1.00 33.15 ? 172 HOH A O   1 
HETATM 979  O  O   . HOH E 5 .   ? 7.007   6.795   -8.326  1.00 45.76 ? 173 HOH A O   1 
HETATM 980  O  O   . HOH E 5 .   ? 11.947  -6.340  -3.113  0.50 22.91 ? 174 HOH A O   1 
HETATM 981  O  O   . HOH E 5 .   ? -10.034 -5.919  12.183  1.00 43.55 ? 175 HOH A O   1 
HETATM 982  O  O   . HOH E 5 .   ? -10.105 -0.376  11.605  0.50 24.57 ? 176 HOH A O   1 
HETATM 983  O  O   . HOH E 5 .   ? -7.517  -8.757  -13.414 0.50 22.24 ? 177 HOH A O   1 
HETATM 984  O  O   . HOH E 5 .   ? 1.272   4.667   -12.976 0.50 16.41 ? 178 HOH A O   1 
HETATM 985  O  O   . HOH E 5 .   ? -6.590  13.020  -8.311  0.50 12.10 ? 179 HOH A O   1 
HETATM 986  O  O   . HOH E 5 .   ? -5.904  15.336  -7.884  0.50 18.61 ? 180 HOH A O   1 
HETATM 987  O  O   . HOH E 5 .   ? -10.869 12.470  -8.298  0.50 20.39 ? 181 HOH A O   1 
HETATM 988  O  O   . HOH E 5 .   ? 0.099   12.735  -5.040  0.50 20.37 ? 182 HOH A O   1 
HETATM 989  O  O   . HOH E 5 .   ? -1.153  15.282  -6.302  0.50 24.24 ? 183 HOH A O   1 
HETATM 990  O  O   . HOH E 5 .   ? 6.694   -13.490 10.142  1.00 34.71 ? 184 HOH A O   1 
HETATM 991  O  O   . HOH E 5 .   ? -9.594  6.093   7.361   0.50 25.06 ? 185 HOH A O   1 
HETATM 992  O  O   . HOH E 5 .   ? 13.893  3.918   -6.869  0.50 20.45 ? 186 HOH A O   1 
HETATM 993  O  O   . HOH E 5 .   ? 17.044  -1.506  -3.297  1.00 35.72 ? 187 HOH A O   1 
HETATM 994  O  O   . HOH E 5 .   ? 11.154  4.516   12.449  0.50 18.80 ? 188 HOH A O   1 
HETATM 995  O  O   . HOH E 5 .   ? 4.150   -0.393  13.692  1.00 27.05 ? 189 HOH A O   1 
HETATM 996  O  O   . HOH E 5 .   ? 10.337  1.363   14.503  1.00 41.46 ? 190 HOH A O   1 
HETATM 997  O  O   . HOH E 5 .   ? 10.048  -3.742  4.396   0.50 22.30 ? 191 HOH A O   1 
HETATM 998  O  O   . HOH E 5 .   ? 12.423  -0.280  4.797   1.00 48.23 ? 192 HOH A O   1 
HETATM 999  O  O   . HOH E 5 .   ? 14.303  -1.018  3.334   1.00 41.89 ? 193 HOH A O   1 
HETATM 1000 O  O   . HOH E 5 .   ? 11.258  -19.285 3.803   1.00 38.93 ? 194 HOH A O   1 
HETATM 1001 O  O   . HOH E 5 .   ? -9.459  13.936  7.653   1.00 31.42 ? 195 HOH A O   1 
HETATM 1002 O  O   . HOH E 5 .   ? -6.749  1.663   11.101  0.50 16.95 ? 196 HOH A O   1 
HETATM 1003 O  O   . HOH E 5 .   ? -6.790  15.201  7.819   1.00 28.81 ? 197 HOH A O   1 
HETATM 1004 O  O   . HOH E 5 .   ? -11.676 9.002   -5.460  1.00 30.48 ? 198 HOH A O   1 
HETATM 1005 O  O   . HOH E 5 .   ? -11.325 9.446   -2.719  0.50 27.22 ? 199 HOH A O   1 
HETATM 1006 O  O   . HOH E 5 .   ? -7.942  -0.610  10.764  1.00 37.80 ? 200 HOH A O   1 
HETATM 1007 O  O   . HOH E 5 .   ? -2.965  -8.283  13.105  1.00 30.00 ? 201 HOH A O   1 
HETATM 1008 O  O   . HOH E 5 .   ? 12.780  -3.005  7.794   0.50 15.96 ? 202 HOH A O   1 
HETATM 1009 O  O   . HOH E 5 .   ? -10.895 13.419  3.497   0.50 20.30 ? 203 HOH A O   1 
HETATM 1010 O  O   . HOH E 5 .   ? 1.829   6.840   10.593  1.00 36.10 ? 204 HOH A O   1 
HETATM 1011 O  O   . HOH E 5 .   ? 2.869   9.066   7.446   1.00 22.63 ? 205 HOH A O   1 
HETATM 1012 O  O   . HOH E 5 .   ? -12.705 7.215   -12.953 1.00 45.48 ? 206 HOH A O   1 
HETATM 1013 O  O   . HOH E 5 .   ? 12.511  -4.845  5.185   1.00 22.13 ? 207 HOH A O   1 
HETATM 1014 O  O   . HOH E 5 .   ? -0.460  4.884   11.551  1.00 23.28 ? 208 HOH A O   1 
HETATM 1015 O  O   . HOH F 5 .   ? 0.135   -1.775  -14.254 1.00 27.29 ? 6   HOH B O   1 
HETATM 1016 O  O   . HOH F 5 .   ? 5.789   3.242   -8.435  1.00 18.70 ? 7   HOH B O   1 
HETATM 1017 O  O   . HOH F 5 .   ? 13.430  1.938   -4.710  1.00 20.74 ? 8   HOH B O   1 
HETATM 1018 O  O   . HOH F 5 .   ? 8.856   -1.991  -11.936 1.00 25.40 ? 80  HOH B O   1 
HETATM 1019 O  O   . HOH F 5 .   ? 2.597   -1.225  -14.545 1.00 47.67 ? 83  HOH B O   1 
# 
